data_5VCH
#
_entry.id   5VCH
#
_cell.length_a   79.050
_cell.length_b   88.120
_cell.length_c   102.010
_cell.angle_alpha   79.19
_cell.angle_beta   80.03
_cell.angle_gamma   70.98
#
_symmetry.space_group_name_H-M   'P 1'
#
loop_
_entity.id
_entity.type
_entity.pdbx_description
1 polymer Kap123
2 water water
#
_entity_poly.entity_id   1
_entity_poly.type   'polypeptide(L)'
_entity_poly.pdbx_seq_one_letter_code
;SNA(MSE)DQQFVAQLEQALGAIVQPTGSLKDATKTLQSQFYTQSAALPALIHILQNSSNDGIKQLAGVEARKQVSKHWG
SLDAATQTSVKQSLLNSAFNEGKDAVRHANARVIASIGSEELDEKKWPELIPNLLQAACDSNPKIRETAIFIILSLLESF
NANLALHIDDFLNLFAQTINDSASLETRSLSAQALSYVSSLIEEEGEINPQYAAKFASLIPSVVQVLDATIREGDTTNTK
LIFNCLNDFLLLDSQLTGNTIADLVKLALQIAVNSDVDEDIRVFAVQFVTSALVYRKSKINQAKLGPEITLAALKVASEE
IDVEDELTNEDEAGENEENTPALTALRLISNASGELSPSQVGVPIIEHLPT(MSE)LSSSNPFERRSILLAISVLVTGSP
DYTLSQFDKIIPATVTGLKDSEAVVQLAALKCIVQLSTNLQDEVARYHEQYLPLVIDIIDSAKHVVIYKYATLALDGLLE
FIAHNDIIKYLDPL(MSE)NKLFQ(MSE)LETQQSPKLRAAIVSAIGSCAFAAGSGFVPYFKTSVQYLQQFIQNVSQIEG
LSEDDIELKALTFENIST(MSE)GRAVKSAAFAEYAEPLVNAAYEAIKTDSARLRESGYAFIAN(MSE)AKVYGKDFAPF
LQTIIPEIFKTLEQEEYQFNFDGDEDFLEGIEDLDEEELQSKFTVNTGIAYEKEVAAAALSELAIASKEHFLEYVEPSLK
VLAEQVNESYGLKETALHS(MSE)WAIVKAVLLTANLKEGEYPKGVPSGSYVDASALAVIQTVREVSLNNVIEEVETS
(MSE)VISVFQDLSE(MSE)LRLFGPIII(MSE)DNGDSTHLDQLCREALSVLKGEHACQTIHFEEDVPEDEDLDASETE
ATLLDVALDIYVALSTNLVGGFAQVFTTAKPVILQLCQSKSKNKRSFAVGALSEIALG(MSE)RDENPFIQELLEALIIS
LTNDKSLEVRCNASYGVGLLIEYSSFDVSAIYSPVLKSLYEILSVADEKNLATEDDEATKEIVDRTFSNVCGCVAR
(MSE)ILKHQNLVPLEHTIPALLSHLPFNTAFEEYDPIFKLFLKLFQEQNSTIINEAPKVIAIFATVFEKESERIELETN
STLGREENLEKRKQFQSEEIKQQVIELLKHLNQQFNGAVAQNPVLAQVIA
;
_entity_poly.pdbx_strand_id   A,B
#
# COMPACT_ATOMS: atom_id res chain seq x y z
N ALA A 43 20.45 -53.02 -35.61
CA ALA A 43 20.39 -52.32 -34.33
C ALA A 43 19.06 -51.59 -34.15
N LEU A 44 19.16 -50.29 -33.86
CA LEU A 44 17.99 -49.45 -33.55
C LEU A 44 16.90 -49.48 -34.60
N PRO A 45 17.18 -49.34 -35.92
CA PRO A 45 16.11 -49.03 -36.87
C PRO A 45 15.04 -50.10 -36.95
N ALA A 46 15.24 -51.18 -36.20
CA ALA A 46 14.24 -52.22 -36.02
C ALA A 46 13.17 -51.82 -35.01
N LEU A 47 13.56 -51.08 -33.96
CA LEU A 47 12.60 -50.55 -33.00
C LEU A 47 11.63 -49.56 -33.66
N ILE A 48 12.07 -48.88 -34.73
CA ILE A 48 11.14 -48.09 -35.53
C ILE A 48 10.17 -48.98 -36.28
N HIS A 49 10.67 -50.10 -36.84
CA HIS A 49 9.78 -51.02 -37.55
C HIS A 49 8.71 -51.57 -36.62
N ILE A 50 9.10 -51.98 -35.41
CA ILE A 50 8.12 -52.42 -34.42
C ILE A 50 7.10 -51.33 -34.16
N LEU A 51 7.54 -50.07 -34.14
CA LEU A 51 6.64 -48.96 -33.81
C LEU A 51 5.51 -48.86 -34.82
N GLN A 52 5.84 -48.92 -36.10
CA GLN A 52 4.83 -48.78 -37.15
C GLN A 52 3.83 -49.93 -37.20
N ASN A 53 4.19 -51.13 -36.71
CA ASN A 53 3.60 -52.35 -37.27
C ASN A 53 2.94 -53.34 -36.30
N SER A 54 3.29 -53.38 -35.02
CA SER A 54 2.69 -54.38 -34.13
C SER A 54 1.18 -54.29 -34.13
N SER A 55 0.51 -55.45 -34.04
CA SER A 55 -0.92 -55.47 -33.75
C SER A 55 -1.18 -54.92 -32.35
N ASN A 56 -0.33 -55.29 -31.39
CA ASN A 56 -0.36 -54.70 -30.06
C ASN A 56 0.04 -53.24 -30.14
N ASP A 57 -0.88 -52.32 -29.81
CA ASP A 57 -0.53 -50.91 -29.76
C ASP A 57 0.42 -50.61 -28.62
N GLY A 58 0.24 -51.27 -27.46
CA GLY A 58 1.16 -51.09 -26.35
C GLY A 58 2.58 -51.53 -26.67
N ILE A 59 2.75 -52.37 -27.70
CA ILE A 59 4.08 -52.73 -28.18
C ILE A 59 4.67 -51.64 -29.07
N LYS A 60 3.86 -51.09 -29.99
CA LYS A 60 4.33 -49.92 -30.75
C LYS A 60 4.69 -48.77 -29.81
N GLN A 61 3.92 -48.58 -28.75
CA GLN A 61 4.15 -47.49 -27.81
C GLN A 61 5.46 -47.66 -27.08
N LEU A 62 5.65 -48.82 -26.42
CA LEU A 62 6.86 -49.05 -25.66
C LEU A 62 8.06 -49.26 -26.56
N ALA A 63 7.85 -49.74 -27.79
CA ALA A 63 8.93 -49.70 -28.77
C ALA A 63 9.41 -48.26 -28.94
N GLY A 64 8.47 -47.32 -29.12
CA GLY A 64 8.85 -45.93 -29.28
C GLY A 64 9.45 -45.32 -28.04
N VAL A 65 8.94 -45.71 -26.86
CA VAL A 65 9.47 -45.20 -25.60
C VAL A 65 10.92 -45.64 -25.42
N GLU A 66 11.23 -46.87 -25.83
CA GLU A 66 12.61 -47.31 -25.84
C GLU A 66 13.34 -46.76 -27.06
N ALA A 67 12.65 -46.65 -28.18
CA ALA A 67 13.32 -46.23 -29.42
C ALA A 67 13.89 -44.82 -29.29
N ARG A 68 13.20 -43.92 -28.61
CA ARG A 68 13.79 -42.60 -28.37
C ARG A 68 15.12 -42.75 -27.66
N LYS A 69 15.14 -43.47 -26.53
CA LYS A 69 16.35 -43.73 -25.76
C LYS A 69 17.54 -44.09 -26.63
N GLN A 70 17.28 -44.75 -27.76
CA GLN A 70 18.34 -45.33 -28.57
C GLN A 70 18.96 -44.33 -29.53
N VAL A 71 18.31 -43.19 -29.78
CA VAL A 71 18.60 -42.40 -30.98
C VAL A 71 20.05 -41.93 -31.00
N SER A 72 20.55 -41.44 -29.87
CA SER A 72 21.90 -40.88 -29.82
C SER A 72 22.94 -41.94 -30.19
N LYS A 73 23.10 -42.93 -29.32
CA LYS A 73 23.99 -44.03 -29.62
C LYS A 73 23.53 -44.77 -30.86
N ASP A 79 25.04 -44.23 -37.90
CA ASP A 79 24.48 -43.63 -39.12
C ASP A 79 23.84 -44.68 -40.03
N ALA A 80 23.26 -44.23 -41.14
CA ALA A 80 22.73 -45.10 -42.18
C ALA A 80 22.46 -44.26 -43.42
N ALA A 81 22.91 -44.73 -44.59
CA ALA A 81 22.71 -43.98 -45.83
C ALA A 81 21.27 -43.48 -45.91
N THR A 82 20.35 -44.38 -46.18
CA THR A 82 18.93 -44.07 -46.11
C THR A 82 18.49 -43.90 -44.66
N GLN A 83 18.67 -42.70 -44.11
CA GLN A 83 17.91 -42.27 -42.94
C GLN A 83 16.63 -41.54 -43.34
N THR A 84 16.43 -41.33 -44.63
CA THR A 84 15.20 -40.72 -45.12
C THR A 84 14.01 -41.66 -44.94
N SER A 85 14.25 -42.98 -44.98
CA SER A 85 13.18 -43.94 -44.77
C SER A 85 12.58 -43.83 -43.38
N VAL A 86 13.41 -43.64 -42.36
CA VAL A 86 12.92 -43.64 -40.98
C VAL A 86 12.24 -42.33 -40.60
N LYS A 87 12.71 -41.19 -41.11
CA LYS A 87 11.98 -39.95 -40.93
C LYS A 87 10.58 -40.03 -41.52
N GLN A 88 10.49 -40.24 -42.83
CA GLN A 88 9.20 -40.18 -43.51
C GLN A 88 8.24 -41.25 -43.00
N SER A 89 8.74 -42.41 -42.60
CA SER A 89 7.90 -43.40 -41.92
C SER A 89 7.31 -42.82 -40.64
N LEU A 90 8.14 -42.16 -39.83
CA LEU A 90 7.70 -41.62 -38.55
C LEU A 90 6.71 -40.47 -38.75
N LEU A 91 7.04 -39.51 -39.64
CA LEU A 91 6.12 -38.41 -39.91
C LEU A 91 4.78 -38.93 -40.34
N ASN A 92 4.77 -39.95 -41.20
CA ASN A 92 3.52 -40.55 -41.64
C ASN A 92 2.76 -41.17 -40.46
N SER A 93 3.46 -41.93 -39.62
CA SER A 93 2.80 -42.54 -38.47
C SER A 93 2.34 -41.51 -37.43
N ALA A 94 3.10 -40.42 -37.27
CA ALA A 94 2.74 -39.43 -36.26
C ALA A 94 1.38 -38.80 -36.52
N PHE A 95 1.01 -38.63 -37.79
CA PHE A 95 -0.22 -37.95 -38.17
C PHE A 95 -1.37 -38.89 -38.52
N ASN A 96 -1.15 -40.20 -38.57
CA ASN A 96 -2.19 -41.15 -38.98
C ASN A 96 -2.61 -42.16 -37.94
N GLU A 97 -1.77 -42.49 -36.98
CA GLU A 97 -2.12 -43.52 -36.02
C GLU A 97 -3.42 -43.15 -35.32
N GLY A 98 -4.20 -44.17 -34.96
CA GLY A 98 -5.52 -43.93 -34.37
C GLY A 98 -5.47 -43.37 -32.95
N LYS A 99 -4.58 -43.90 -32.11
CA LYS A 99 -4.51 -43.47 -30.72
C LYS A 99 -3.46 -42.38 -30.55
N ASP A 100 -3.68 -41.51 -29.56
CA ASP A 100 -2.80 -40.38 -29.36
C ASP A 100 -1.45 -40.81 -28.79
N ALA A 101 -1.46 -41.75 -27.84
CA ALA A 101 -0.21 -42.19 -27.24
C ALA A 101 0.76 -42.71 -28.30
N VAL A 102 0.24 -43.37 -29.34
CA VAL A 102 1.11 -43.86 -30.41
C VAL A 102 1.55 -42.73 -31.33
N ARG A 103 0.69 -41.73 -31.55
CA ARG A 103 1.13 -40.52 -32.24
C ARG A 103 2.30 -39.88 -31.51
N HIS A 104 2.13 -39.60 -30.23
CA HIS A 104 3.17 -38.92 -29.48
C HIS A 104 4.48 -39.72 -29.52
N ALA A 105 4.38 -41.05 -29.43
CA ALA A 105 5.58 -41.88 -29.43
C ALA A 105 6.41 -41.63 -30.68
N ASN A 106 5.75 -41.63 -31.84
CA ASN A 106 6.45 -41.29 -33.07
C ASN A 106 6.99 -39.87 -33.03
N ALA A 107 6.20 -38.93 -32.49
CA ALA A 107 6.63 -37.55 -32.43
C ALA A 107 7.93 -37.41 -31.64
N ARG A 108 7.99 -38.03 -30.47
CA ARG A 108 9.19 -37.91 -29.66
C ARG A 108 10.41 -38.46 -30.36
N VAL A 109 10.25 -39.53 -31.14
CA VAL A 109 11.40 -40.06 -31.88
C VAL A 109 11.81 -39.10 -32.99
N ILE A 110 10.85 -38.43 -33.61
CA ILE A 110 11.21 -37.46 -34.64
C ILE A 110 12.13 -36.39 -34.05
N ALA A 111 11.77 -35.89 -32.87
CA ALA A 111 12.52 -34.81 -32.25
C ALA A 111 13.94 -35.24 -31.92
N SER A 112 14.08 -36.36 -31.19
CA SER A 112 15.43 -36.82 -30.86
C SER A 112 16.24 -36.95 -32.13
N ILE A 113 15.60 -37.40 -33.21
CA ILE A 113 16.22 -37.34 -34.54
C ILE A 113 16.48 -35.89 -34.93
N GLY A 114 15.55 -34.99 -34.58
CA GLY A 114 15.64 -33.61 -35.01
C GLY A 114 16.93 -32.91 -34.62
N SER A 115 17.50 -33.26 -33.47
CA SER A 115 18.75 -32.59 -33.06
C SER A 115 19.83 -32.76 -34.12
N GLU A 116 19.92 -33.94 -34.72
CA GLU A 116 20.94 -34.19 -35.72
C GLU A 116 20.32 -34.61 -37.03
N TRP A 123 18.66 -31.43 -42.26
CA TRP A 123 17.22 -31.60 -42.30
C TRP A 123 16.54 -30.24 -42.29
N PRO A 124 16.93 -29.36 -43.22
CA PRO A 124 16.47 -27.97 -43.16
C PRO A 124 14.96 -27.81 -43.29
N GLU A 125 14.25 -28.82 -43.81
CA GLU A 125 12.81 -28.76 -44.06
C GLU A 125 11.97 -29.03 -42.82
N LEU A 126 12.53 -29.60 -41.75
CA LEU A 126 11.70 -30.08 -40.65
C LEU A 126 10.93 -28.94 -39.97
N ILE A 127 11.65 -27.93 -39.50
CA ILE A 127 11.02 -26.84 -38.75
C ILE A 127 10.09 -26.05 -39.67
N PRO A 128 10.47 -25.77 -40.93
CA PRO A 128 9.54 -25.07 -41.81
C PRO A 128 8.27 -25.84 -42.07
N ASN A 129 8.38 -27.17 -42.19
CA ASN A 129 7.21 -28.00 -42.42
C ASN A 129 6.32 -28.09 -41.20
N LEU A 130 6.90 -28.08 -40.01
CA LEU A 130 6.08 -28.08 -38.80
C LEU A 130 5.36 -26.76 -38.62
N LEU A 131 6.04 -25.63 -38.88
CA LEU A 131 5.38 -24.34 -38.77
C LEU A 131 4.21 -24.26 -39.73
N GLN A 132 4.37 -24.86 -40.92
CA GLN A 132 3.28 -24.96 -41.87
C GLN A 132 2.16 -25.86 -41.34
N ALA A 133 2.52 -27.04 -40.83
CA ALA A 133 1.49 -27.95 -40.32
C ALA A 133 0.74 -27.35 -39.14
N ALA A 134 1.42 -26.56 -38.30
CA ALA A 134 0.71 -25.99 -37.16
C ALA A 134 -0.37 -25.00 -37.59
N CYS A 135 -0.39 -24.58 -38.86
CA CYS A 135 -1.40 -23.66 -39.36
C CYS A 135 -2.34 -24.34 -40.33
N ASP A 136 -2.39 -25.66 -40.30
CA ASP A 136 -3.27 -26.37 -41.22
C ASP A 136 -4.73 -26.16 -40.85
N SER A 137 -5.59 -26.24 -41.86
CA SER A 137 -7.02 -26.17 -41.63
C SER A 137 -7.49 -27.30 -40.73
N ASN A 138 -6.79 -28.42 -40.75
CA ASN A 138 -7.21 -29.61 -40.04
C ASN A 138 -6.75 -29.54 -38.58
N PRO A 139 -7.67 -29.47 -37.61
CA PRO A 139 -7.23 -29.27 -36.21
C PRO A 139 -6.32 -30.37 -35.66
N LYS A 140 -6.52 -31.64 -36.05
CA LYS A 140 -5.63 -32.68 -35.52
C LYS A 140 -4.23 -32.55 -36.10
N ILE A 141 -4.10 -32.08 -37.33
CA ILE A 141 -2.77 -31.90 -37.89
C ILE A 141 -2.06 -30.79 -37.14
N ARG A 142 -2.78 -29.72 -36.81
CA ARG A 142 -2.19 -28.65 -36.00
C ARG A 142 -1.69 -29.19 -34.67
N GLU A 143 -2.53 -29.97 -34.02
CA GLU A 143 -2.20 -30.42 -32.67
C GLU A 143 -0.92 -31.26 -32.67
N THR A 144 -0.83 -32.21 -33.59
CA THR A 144 0.34 -33.10 -33.62
C THR A 144 1.61 -32.36 -34.02
N ALA A 145 1.50 -31.34 -34.88
CA ALA A 145 2.66 -30.54 -35.21
C ALA A 145 3.16 -29.77 -33.98
N ILE A 146 2.24 -29.12 -33.27
CA ILE A 146 2.62 -28.39 -32.06
C ILE A 146 3.28 -29.34 -31.06
N PHE A 147 2.72 -30.53 -30.90
CA PHE A 147 3.35 -31.49 -30.00
C PHE A 147 4.78 -31.78 -30.43
N ILE A 148 5.02 -31.96 -31.74
CA ILE A 148 6.38 -32.23 -32.20
C ILE A 148 7.26 -31.01 -31.99
N ILE A 149 6.74 -29.82 -32.27
CA ILE A 149 7.52 -28.61 -31.98
C ILE A 149 7.87 -28.57 -30.51
N LEU A 150 6.90 -28.93 -29.66
CA LEU A 150 7.14 -28.91 -28.23
C LEU A 150 8.26 -29.88 -27.86
N SER A 151 8.24 -31.08 -28.43
CA SER A 151 9.29 -32.06 -28.17
C SER A 151 10.65 -31.57 -28.66
N LEU A 152 10.69 -30.82 -29.75
CA LEU A 152 11.95 -30.24 -30.18
C LEU A 152 12.45 -29.23 -29.16
N LEU A 153 11.57 -28.33 -28.70
CA LEU A 153 12.01 -27.39 -27.69
C LEU A 153 12.52 -28.12 -26.45
N GLU A 154 11.93 -29.28 -26.14
CA GLU A 154 12.34 -30.09 -25.00
C GLU A 154 13.76 -30.65 -25.12
N SER A 155 14.34 -30.73 -26.32
CA SER A 155 15.71 -31.20 -26.50
C SER A 155 16.77 -30.12 -26.28
N PHE A 156 16.36 -28.85 -26.15
CA PHE A 156 17.27 -27.72 -25.95
C PHE A 156 18.32 -27.64 -27.06
N ASN A 157 17.98 -28.06 -28.28
CA ASN A 157 18.90 -27.88 -29.38
C ASN A 157 19.25 -26.39 -29.52
N ALA A 158 20.53 -26.11 -29.74
CA ALA A 158 20.99 -24.72 -29.74
C ALA A 158 20.42 -23.94 -30.92
N ASN A 159 20.25 -24.58 -32.07
CA ASN A 159 19.79 -23.87 -33.26
C ASN A 159 18.31 -23.53 -33.19
N LEU A 160 17.59 -24.02 -32.18
CA LEU A 160 16.22 -23.54 -32.01
C LEU A 160 16.20 -22.06 -31.70
N ALA A 161 17.27 -21.55 -31.10
CA ALA A 161 17.35 -20.13 -30.79
C ALA A 161 17.20 -19.26 -32.03
N LEU A 162 17.50 -19.80 -33.21
CA LEU A 162 17.35 -19.05 -34.45
C LEU A 162 15.89 -18.84 -34.86
N HIS A 163 14.92 -19.36 -34.10
CA HIS A 163 13.52 -19.25 -34.49
C HIS A 163 12.64 -18.51 -33.47
N ILE A 164 13.24 -17.75 -32.54
CA ILE A 164 12.48 -17.07 -31.48
C ILE A 164 11.29 -16.33 -32.04
N ASP A 165 11.51 -15.56 -33.11
CA ASP A 165 10.44 -14.75 -33.68
C ASP A 165 9.36 -15.62 -34.30
N ASP A 166 9.76 -16.65 -35.05
CA ASP A 166 8.74 -17.51 -35.65
C ASP A 166 7.92 -18.23 -34.58
N PHE A 167 8.57 -18.65 -33.49
CA PHE A 167 7.84 -19.31 -32.40
C PHE A 167 6.90 -18.34 -31.69
N LEU A 168 7.36 -17.13 -31.41
CA LEU A 168 6.48 -16.12 -30.80
C LEU A 168 5.26 -15.85 -31.68
N ASN A 169 5.46 -15.72 -32.99
CA ASN A 169 4.33 -15.43 -33.87
C ASN A 169 3.44 -16.63 -34.03
N LEU A 170 4.02 -17.83 -34.03
CA LEU A 170 3.19 -19.03 -34.13
C LEU A 170 2.32 -19.18 -32.90
N PHE A 171 2.94 -19.12 -31.72
CA PHE A 171 2.22 -19.37 -30.48
C PHE A 171 1.23 -18.26 -30.15
N ALA A 172 1.46 -17.02 -30.59
CA ALA A 172 0.43 -16.00 -30.37
C ALA A 172 -0.86 -16.40 -31.03
N GLN A 173 -0.75 -17.19 -32.08
CA GLN A 173 -1.92 -17.70 -32.79
C GLN A 173 -2.44 -18.98 -32.13
N THR A 174 -1.60 -20.00 -32.03
CA THR A 174 -2.13 -21.30 -31.63
C THR A 174 -2.57 -21.32 -30.18
N ILE A 175 -2.06 -20.40 -29.35
CA ILE A 175 -2.49 -20.33 -27.95
C ILE A 175 -4.01 -20.18 -27.85
N ASN A 176 -4.64 -19.55 -28.84
CA ASN A 176 -6.09 -19.41 -28.86
C ASN A 176 -6.78 -20.29 -29.90
N ASP A 177 -6.21 -21.45 -30.21
CA ASP A 177 -6.85 -22.39 -31.13
C ASP A 177 -8.27 -22.71 -30.67
N SER A 178 -9.26 -22.31 -31.48
CA SER A 178 -10.66 -22.47 -31.09
C SER A 178 -11.15 -23.90 -31.16
N ALA A 179 -10.39 -24.82 -31.75
CA ALA A 179 -10.89 -26.18 -31.98
C ALA A 179 -10.26 -27.22 -31.07
N SER A 180 -9.11 -26.94 -30.49
CA SER A 180 -8.45 -27.92 -29.62
C SER A 180 -7.91 -27.19 -28.40
N LEU A 181 -8.56 -27.42 -27.26
CA LEU A 181 -7.99 -26.99 -25.99
C LEU A 181 -6.59 -27.56 -25.82
N GLU A 182 -6.39 -28.83 -26.25
CA GLU A 182 -5.07 -29.44 -26.14
C GLU A 182 -4.01 -28.62 -26.90
N THR A 183 -4.36 -28.09 -28.06
CA THR A 183 -3.44 -27.26 -28.82
C THR A 183 -3.10 -25.96 -28.07
N ARG A 184 -4.08 -25.39 -27.37
CA ARG A 184 -3.80 -24.19 -26.59
C ARG A 184 -2.87 -24.50 -25.41
N SER A 185 -3.10 -25.64 -24.74
CA SER A 185 -2.25 -26.04 -23.62
C SER A 185 -0.84 -26.36 -24.08
N LEU A 186 -0.69 -27.05 -25.22
CA LEU A 186 0.65 -27.30 -25.75
C LEU A 186 1.33 -26.00 -26.14
N SER A 187 0.57 -25.03 -26.65
CA SER A 187 1.17 -23.74 -26.97
C SER A 187 1.65 -23.03 -25.71
N ALA A 188 0.87 -23.11 -24.63
CA ALA A 188 1.34 -22.53 -23.39
C ALA A 188 2.63 -23.21 -22.97
N GLN A 189 2.63 -24.54 -22.93
CA GLN A 189 3.82 -25.26 -22.49
C GLN A 189 5.03 -24.88 -23.32
N ALA A 190 4.86 -24.73 -24.64
CA ALA A 190 6.01 -24.36 -25.48
C ALA A 190 6.57 -23.01 -25.09
N LEU A 191 5.71 -22.08 -24.66
CA LEU A 191 6.17 -20.72 -24.38
C LEU A 191 7.23 -20.68 -23.29
N SER A 192 7.20 -21.62 -22.36
CA SER A 192 8.25 -21.66 -21.35
C SER A 192 9.62 -21.75 -22.00
N TYR A 193 9.76 -22.65 -22.98
CA TYR A 193 11.04 -22.78 -23.66
C TYR A 193 11.38 -21.54 -24.47
N VAL A 194 10.37 -20.85 -25.00
CA VAL A 194 10.66 -19.69 -25.82
C VAL A 194 11.20 -18.55 -24.97
N SER A 195 10.62 -18.34 -23.77
CA SER A 195 11.09 -17.26 -22.90
C SER A 195 12.53 -17.50 -22.44
N SER A 196 12.84 -18.74 -22.07
CA SER A 196 14.20 -19.10 -21.73
C SER A 196 15.13 -18.83 -22.92
N LEU A 197 14.71 -19.21 -24.13
CA LEU A 197 15.52 -18.92 -25.31
C LEU A 197 15.77 -17.42 -25.46
N ILE A 198 14.77 -16.59 -25.16
CA ILE A 198 14.90 -15.15 -25.35
C ILE A 198 15.84 -14.54 -24.32
N GLU A 199 15.99 -15.17 -23.16
CA GLU A 199 16.87 -14.67 -22.12
C GLU A 199 18.29 -15.18 -22.26
N GLU A 200 18.59 -15.97 -23.29
CA GLU A 200 19.98 -16.29 -23.60
C GLU A 200 20.63 -15.24 -24.47
N GLU A 201 19.87 -14.27 -25.00
CA GLU A 201 20.52 -13.20 -25.74
C GLU A 201 21.31 -12.32 -24.78
N GLY A 202 22.43 -11.79 -25.27
CA GLY A 202 23.24 -10.94 -24.42
C GLY A 202 22.44 -9.80 -23.83
N GLU A 203 21.66 -9.13 -24.68
CA GLU A 203 20.69 -8.12 -24.30
C GLU A 203 19.34 -8.60 -24.77
N ILE A 204 18.38 -8.75 -23.85
CA ILE A 204 17.11 -9.32 -24.25
C ILE A 204 16.48 -8.43 -25.31
N ASN A 205 15.97 -9.05 -26.35
CA ASN A 205 15.41 -8.27 -27.43
C ASN A 205 14.16 -7.58 -26.88
N PRO A 206 14.06 -6.25 -27.02
CA PRO A 206 12.88 -5.55 -26.48
C PRO A 206 11.59 -5.95 -27.18
N GLN A 207 11.69 -6.27 -28.46
CA GLN A 207 10.52 -6.72 -29.19
C GLN A 207 10.07 -8.12 -28.79
N TYR A 208 11.00 -9.00 -28.45
CA TYR A 208 10.59 -10.32 -28.03
C TYR A 208 9.86 -10.24 -26.70
N ALA A 209 10.43 -9.46 -25.77
CA ALA A 209 9.81 -9.32 -24.46
C ALA A 209 8.38 -8.80 -24.58
N ALA A 210 8.18 -7.77 -25.42
CA ALA A 210 6.85 -7.20 -25.53
C ALA A 210 5.87 -8.21 -26.09
N LYS A 211 6.24 -8.93 -27.17
CA LYS A 211 5.36 -9.95 -27.72
C LYS A 211 5.06 -11.00 -26.68
N PHE A 212 6.09 -11.49 -25.99
CA PHE A 212 5.88 -12.55 -25.01
C PHE A 212 4.94 -12.07 -23.91
N ALA A 213 5.15 -10.85 -23.42
CA ALA A 213 4.24 -10.31 -22.41
C ALA A 213 2.80 -10.27 -22.92
N SER A 214 2.61 -9.93 -24.20
CA SER A 214 1.27 -9.89 -24.77
C SER A 214 0.58 -11.25 -24.68
N LEU A 215 1.35 -12.34 -24.75
CA LEU A 215 0.75 -13.67 -24.66
C LEU A 215 0.27 -14.02 -23.25
N ILE A 216 0.70 -13.30 -22.21
CA ILE A 216 0.41 -13.75 -20.85
C ILE A 216 -1.09 -13.75 -20.58
N PRO A 217 -1.83 -12.69 -20.89
CA PRO A 217 -3.29 -12.78 -20.77
C PRO A 217 -3.91 -13.95 -21.53
N SER A 218 -3.34 -14.38 -22.66
CA SER A 218 -3.92 -15.54 -23.36
C SER A 218 -3.73 -16.80 -22.55
N VAL A 219 -2.56 -16.95 -21.92
CA VAL A 219 -2.35 -18.13 -21.10
C VAL A 219 -3.38 -18.16 -19.98
N VAL A 220 -3.70 -17.00 -19.42
CA VAL A 220 -4.71 -16.97 -18.36
C VAL A 220 -6.04 -17.47 -18.89
N GLN A 221 -6.37 -17.11 -20.13
CA GLN A 221 -7.60 -17.60 -20.73
C GLN A 221 -7.57 -19.12 -20.89
N VAL A 222 -6.42 -19.66 -21.31
CA VAL A 222 -6.33 -21.11 -21.42
C VAL A 222 -6.59 -21.75 -20.07
N LEU A 223 -6.05 -21.16 -19.02
CA LEU A 223 -6.24 -21.70 -17.68
C LEU A 223 -7.73 -21.72 -17.34
N ASP A 224 -8.42 -20.60 -17.56
CA ASP A 224 -9.86 -20.60 -17.31
C ASP A 224 -10.55 -21.61 -18.20
N ALA A 225 -10.08 -21.76 -19.44
CA ALA A 225 -10.67 -22.77 -20.30
C ALA A 225 -10.50 -24.15 -19.71
N THR A 226 -9.29 -24.48 -19.22
CA THR A 226 -9.10 -25.84 -18.71
C THR A 226 -9.92 -26.09 -17.46
N ILE A 227 -10.12 -25.06 -16.64
CA ILE A 227 -10.90 -25.27 -15.43
C ILE A 227 -12.36 -25.41 -15.78
N ARG A 228 -12.85 -24.57 -16.68
CA ARG A 228 -14.23 -24.70 -17.14
C ARG A 228 -14.48 -26.08 -17.71
N GLU A 229 -13.56 -26.60 -18.52
CA GLU A 229 -13.76 -27.87 -19.19
C GLU A 229 -13.47 -29.07 -18.30
N GLY A 230 -13.03 -28.87 -17.07
CA GLY A 230 -12.68 -29.99 -16.22
C GLY A 230 -11.46 -30.77 -16.65
N ASP A 231 -10.51 -30.12 -17.34
CA ASP A 231 -9.34 -30.81 -17.89
C ASP A 231 -8.15 -30.57 -16.97
N THR A 232 -8.18 -31.29 -15.83
CA THR A 232 -7.25 -31.05 -14.74
C THR A 232 -5.81 -31.39 -15.11
N THR A 233 -5.60 -32.33 -16.02
CA THR A 233 -4.25 -32.59 -16.53
C THR A 233 -3.64 -31.33 -17.14
N ASN A 234 -4.41 -30.61 -17.96
CA ASN A 234 -3.87 -29.41 -18.59
C ASN A 234 -3.94 -28.21 -17.67
N THR A 235 -4.86 -28.20 -16.70
CA THR A 235 -4.82 -27.16 -15.68
C THR A 235 -3.48 -27.17 -14.96
N LYS A 236 -3.01 -28.36 -14.59
CA LYS A 236 -1.71 -28.49 -13.95
C LYS A 236 -0.61 -27.93 -14.83
N LEU A 237 -0.61 -28.29 -16.12
CA LEU A 237 0.46 -27.83 -16.99
C LEU A 237 0.46 -26.32 -17.14
N ILE A 238 -0.73 -25.70 -17.14
CA ILE A 238 -0.81 -24.24 -17.24
C ILE A 238 -0.32 -23.58 -15.96
N PHE A 239 -0.56 -24.21 -14.81
CA PHE A 239 0.00 -23.63 -13.59
C PHE A 239 1.52 -23.74 -13.59
N ASN A 240 2.08 -24.83 -14.12
CA ASN A 240 3.54 -24.85 -14.31
C ASN A 240 4.00 -23.69 -15.19
N CYS A 241 3.21 -23.33 -16.22
CA CYS A 241 3.61 -22.22 -17.08
C CYS A 241 3.63 -20.90 -16.31
N LEU A 242 2.58 -20.66 -15.51
CA LEU A 242 2.54 -19.44 -14.70
C LEU A 242 3.67 -19.43 -13.67
N ASN A 243 3.98 -20.60 -13.09
CA ASN A 243 5.11 -20.66 -12.17
C ASN A 243 6.39 -20.21 -12.87
N ASP A 244 6.61 -20.67 -14.11
CA ASP A 244 7.80 -20.26 -14.86
C ASP A 244 7.82 -18.77 -15.16
N PHE A 245 6.66 -18.14 -15.26
CA PHE A 245 6.63 -16.70 -15.45
C PHE A 245 7.25 -15.95 -14.27
N LEU A 246 7.21 -16.55 -13.07
CA LEU A 246 7.71 -15.84 -11.90
C LEU A 246 9.21 -15.63 -12.01
N LEU A 247 9.91 -16.64 -12.53
CA LEU A 247 11.35 -16.60 -12.69
C LEU A 247 11.79 -15.61 -13.76
N LEU A 248 10.89 -15.20 -14.64
CA LEU A 248 11.31 -14.40 -15.78
C LEU A 248 11.69 -12.99 -15.38
N ASP A 249 12.65 -12.44 -16.12
CA ASP A 249 12.92 -11.01 -16.11
C ASP A 249 11.61 -10.26 -16.34
N SER A 250 11.48 -9.10 -15.68
CA SER A 250 10.23 -8.36 -15.70
C SER A 250 9.84 -7.90 -17.11
N GLN A 251 10.82 -7.70 -17.99
CA GLN A 251 10.48 -7.21 -19.32
C GLN A 251 9.82 -8.27 -20.17
N LEU A 252 9.89 -9.54 -19.76
CA LEU A 252 9.16 -10.64 -20.39
C LEU A 252 7.75 -10.78 -19.84
N THR A 253 7.56 -10.54 -18.54
CA THR A 253 6.28 -10.74 -17.86
C THR A 253 5.45 -9.47 -17.79
N GLY A 254 6.01 -8.32 -18.12
CA GLY A 254 5.28 -7.06 -18.04
C GLY A 254 4.85 -6.77 -16.61
N ASN A 255 3.66 -6.19 -16.47
CA ASN A 255 3.15 -5.73 -15.19
C ASN A 255 2.31 -6.79 -14.48
N THR A 256 2.31 -8.02 -15.00
CA THR A 256 1.23 -8.97 -14.76
C THR A 256 1.25 -9.60 -13.38
N ILE A 257 2.43 -9.75 -12.75
CA ILE A 257 2.59 -10.80 -11.74
C ILE A 257 1.61 -10.61 -10.58
N ALA A 258 1.42 -9.38 -10.11
CA ALA A 258 0.43 -9.19 -9.05
C ALA A 258 -0.94 -9.69 -9.50
N ASP A 259 -1.33 -9.43 -10.76
CA ASP A 259 -2.64 -9.86 -11.24
C ASP A 259 -2.75 -11.38 -11.34
N LEU A 260 -1.66 -12.05 -11.71
CA LEU A 260 -1.64 -13.50 -11.60
C LEU A 260 -1.86 -13.94 -10.15
N VAL A 261 -1.24 -13.25 -9.18
CA VAL A 261 -1.45 -13.61 -7.77
C VAL A 261 -2.92 -13.46 -7.42
N LYS A 262 -3.51 -12.31 -7.72
CA LYS A 262 -4.92 -12.08 -7.40
C LYS A 262 -5.82 -13.12 -8.06
N LEU A 263 -5.55 -13.45 -9.32
CA LEU A 263 -6.35 -14.46 -10.00
C LEU A 263 -6.18 -15.82 -9.34
N ALA A 264 -4.96 -16.13 -8.89
CA ALA A 264 -4.78 -17.39 -8.18
C ALA A 264 -5.55 -17.40 -6.88
N LEU A 265 -5.65 -16.26 -6.21
CA LEU A 265 -6.38 -16.26 -4.95
C LEU A 265 -7.87 -16.53 -5.17
N GLN A 266 -8.43 -15.94 -6.22
CA GLN A 266 -9.84 -16.19 -6.51
C GLN A 266 -10.10 -17.66 -6.75
N ILE A 267 -9.22 -18.34 -7.49
CA ILE A 267 -9.41 -19.77 -7.65
C ILE A 267 -9.31 -20.49 -6.31
N ALA A 268 -8.35 -20.10 -5.47
CA ALA A 268 -8.07 -20.86 -4.25
C ALA A 268 -9.24 -20.79 -3.27
N VAL A 269 -9.87 -19.63 -3.14
CA VAL A 269 -10.98 -19.50 -2.19
C VAL A 269 -12.29 -20.04 -2.72
N ASN A 270 -12.39 -20.34 -4.03
CA ASN A 270 -13.61 -20.82 -4.65
C ASN A 270 -13.80 -22.30 -4.33
N SER A 271 -14.68 -22.61 -3.38
CA SER A 271 -14.88 -24.01 -3.01
C SER A 271 -15.57 -24.83 -4.09
N ASP A 272 -16.21 -24.18 -5.07
CA ASP A 272 -16.77 -24.90 -6.22
C ASP A 272 -15.68 -25.55 -7.06
N VAL A 273 -14.52 -24.90 -7.19
CA VAL A 273 -13.40 -25.51 -7.90
C VAL A 273 -12.94 -26.78 -7.19
N ASP A 274 -12.50 -27.75 -7.98
CA ASP A 274 -11.92 -28.98 -7.44
C ASP A 274 -10.73 -28.69 -6.54
N GLU A 275 -10.58 -29.52 -5.50
CA GLU A 275 -9.56 -29.28 -4.48
C GLU A 275 -8.15 -29.31 -5.06
N ASP A 276 -7.87 -30.27 -5.94
CA ASP A 276 -6.52 -30.37 -6.47
C ASP A 276 -6.13 -29.13 -7.28
N ILE A 277 -7.08 -28.52 -7.99
CA ILE A 277 -6.83 -27.26 -8.69
C ILE A 277 -6.57 -26.15 -7.69
N ARG A 278 -7.31 -26.15 -6.59
CA ARG A 278 -7.12 -25.18 -5.53
C ARG A 278 -5.72 -25.28 -4.91
N VAL A 279 -5.23 -26.50 -4.68
CA VAL A 279 -3.87 -26.64 -4.17
C VAL A 279 -2.88 -26.02 -5.14
N PHE A 280 -3.04 -26.26 -6.45
CA PHE A 280 -2.14 -25.65 -7.45
C PHE A 280 -2.08 -24.15 -7.24
N ALA A 281 -3.25 -23.55 -7.03
CA ALA A 281 -3.38 -22.11 -6.91
C ALA A 281 -2.72 -21.61 -5.63
N VAL A 282 -3.02 -22.26 -4.52
CA VAL A 282 -2.35 -21.90 -3.27
C VAL A 282 -0.86 -22.01 -3.45
N GLN A 283 -0.41 -23.09 -4.09
CA GLN A 283 1.02 -23.32 -4.26
C GLN A 283 1.65 -22.27 -5.14
N PHE A 284 0.92 -21.77 -6.14
CA PHE A 284 1.48 -20.73 -6.99
C PHE A 284 1.75 -19.47 -6.19
N VAL A 285 0.80 -19.07 -5.34
CA VAL A 285 1.01 -17.86 -4.56
C VAL A 285 2.19 -18.03 -3.63
N THR A 286 2.30 -19.19 -2.99
CA THR A 286 3.46 -19.46 -2.14
C THR A 286 4.73 -19.27 -2.94
N SER A 287 4.76 -19.83 -4.14
CA SER A 287 5.94 -19.69 -4.97
C SER A 287 6.21 -18.23 -5.33
N ALA A 288 5.15 -17.40 -5.46
CA ALA A 288 5.35 -15.98 -5.74
C ALA A 288 5.95 -15.24 -4.54
N LEU A 289 5.70 -15.73 -3.33
CA LEU A 289 6.35 -15.15 -2.15
C LEU A 289 7.84 -15.39 -2.17
N VAL A 290 8.25 -16.57 -2.60
CA VAL A 290 9.67 -16.89 -2.63
C VAL A 290 10.38 -16.15 -3.74
N TYR A 291 9.73 -15.95 -4.88
CA TYR A 291 10.44 -15.39 -6.03
C TYR A 291 10.05 -13.97 -6.40
N ARG A 292 8.86 -13.48 -6.01
CA ARG A 292 8.47 -12.14 -6.47
C ARG A 292 7.87 -11.31 -5.34
N LYS A 293 8.45 -11.36 -4.14
CA LYS A 293 7.82 -10.68 -3.02
C LYS A 293 7.81 -9.17 -3.23
N SER A 294 8.74 -8.62 -3.98
CA SER A 294 8.71 -7.17 -4.22
C SER A 294 7.41 -6.75 -4.92
N LYS A 295 6.91 -7.57 -5.87
CA LYS A 295 5.63 -7.28 -6.49
C LYS A 295 4.47 -7.45 -5.52
N ILE A 296 4.51 -8.49 -4.69
CA ILE A 296 3.47 -8.62 -3.67
C ILE A 296 3.42 -7.37 -2.80
N ASN A 297 4.58 -6.86 -2.43
CA ASN A 297 4.63 -5.66 -1.59
C ASN A 297 4.14 -4.45 -2.36
N GLN A 298 4.54 -4.32 -3.63
CA GLN A 298 4.12 -3.15 -4.41
C GLN A 298 2.62 -3.08 -4.55
N ALA A 299 1.96 -4.23 -4.72
CA ALA A 299 0.50 -4.25 -4.73
C ALA A 299 -0.09 -4.32 -3.32
N LYS A 300 0.74 -4.49 -2.30
CA LYS A 300 0.28 -4.65 -0.93
C LYS A 300 -0.78 -5.76 -0.83
N LEU A 301 -0.47 -6.89 -1.48
CA LEU A 301 -1.36 -8.04 -1.44
C LEU A 301 -1.20 -8.88 -0.17
N GLY A 302 -0.23 -8.58 0.68
CA GLY A 302 0.02 -9.40 1.84
C GLY A 302 -1.25 -9.70 2.62
N PRO A 303 -2.01 -8.66 2.98
CA PRO A 303 -3.25 -8.91 3.74
C PRO A 303 -4.28 -9.74 2.99
N GLU A 304 -4.41 -9.55 1.67
CA GLU A 304 -5.37 -10.37 0.93
C GLU A 304 -4.92 -11.82 0.87
N ILE A 305 -3.62 -12.05 0.64
CA ILE A 305 -3.07 -13.41 0.70
C ILE A 305 -3.38 -14.03 2.05
N THR A 306 -3.14 -13.29 3.13
CA THR A 306 -3.33 -13.85 4.47
C THR A 306 -4.79 -14.20 4.71
N LEU A 307 -5.70 -13.31 4.29
CA LEU A 307 -7.09 -13.55 4.61
C LEU A 307 -7.67 -14.67 3.77
N ALA A 308 -7.28 -14.74 2.49
CA ALA A 308 -7.68 -15.85 1.63
C ALA A 308 -7.23 -17.18 2.22
N ALA A 309 -5.95 -17.26 2.60
CA ALA A 309 -5.43 -18.49 3.20
C ALA A 309 -6.19 -18.83 4.47
N LEU A 310 -6.52 -17.84 5.28
CA LEU A 310 -7.27 -18.10 6.51
C LEU A 310 -8.64 -18.69 6.18
N LYS A 311 -9.27 -18.22 5.11
CA LYS A 311 -10.57 -18.76 4.75
C LYS A 311 -10.46 -20.22 4.30
N VAL A 312 -9.49 -20.53 3.44
CA VAL A 312 -9.30 -21.92 3.02
C VAL A 312 -9.04 -22.82 4.23
N ALA A 313 -8.22 -22.36 5.18
CA ALA A 313 -7.94 -23.21 6.34
C ALA A 313 -9.16 -23.39 7.23
N SER A 314 -10.16 -22.53 7.09
CA SER A 314 -11.38 -22.62 7.86
C SER A 314 -12.35 -23.66 7.31
N GLU A 315 -12.11 -24.16 6.10
CA GLU A 315 -13.01 -25.17 5.56
C GLU A 315 -12.92 -26.43 6.42
N GLU A 316 -14.02 -27.19 6.45
CA GLU A 316 -13.98 -28.34 7.33
C GLU A 316 -13.01 -29.38 6.81
N ILE A 317 -12.54 -30.22 7.72
CA ILE A 317 -11.55 -31.24 7.42
C ILE A 317 -12.08 -32.53 8.06
N ASP A 318 -11.41 -33.63 7.77
CA ASP A 318 -11.85 -34.90 8.33
C ASP A 318 -11.44 -34.93 9.80
N VAL A 319 -12.43 -34.84 10.70
CA VAL A 319 -12.11 -34.66 12.12
C VAL A 319 -11.48 -35.91 12.70
N GLU A 320 -12.03 -37.09 12.39
CA GLU A 320 -11.48 -38.31 12.96
C GLU A 320 -10.09 -38.63 12.42
N ASP A 321 -9.82 -38.30 11.16
CA ASP A 321 -8.43 -38.44 10.70
C ASP A 321 -7.50 -37.53 11.48
N GLU A 322 -7.91 -36.28 11.71
CA GLU A 322 -7.05 -35.33 12.39
C GLU A 322 -6.70 -35.79 13.80
N LEU A 323 -7.63 -36.43 14.48
CA LEU A 323 -7.42 -36.80 15.87
C LEU A 323 -6.70 -38.13 16.05
N THR A 324 -6.55 -38.96 15.00
CA THR A 324 -5.89 -40.24 15.15
C THR A 324 -4.66 -40.45 14.26
N ASN A 325 -4.56 -39.76 13.13
CA ASN A 325 -3.47 -40.01 12.18
C ASN A 325 -2.13 -39.49 12.70
N GLU A 326 -1.15 -40.38 12.80
CA GLU A 326 0.19 -40.04 13.31
C GLU A 326 1.21 -39.90 12.16
N ASP A 327 0.93 -38.96 11.25
CA ASP A 327 1.83 -38.68 10.11
C ASP A 327 2.05 -37.19 9.93
N GLU A 334 1.73 -33.34 1.95
CA GLU A 334 1.14 -32.01 2.07
C GLU A 334 0.43 -31.67 0.76
N ASN A 335 -0.87 -31.92 0.73
CA ASN A 335 -1.60 -31.68 -0.51
C ASN A 335 -3.09 -31.46 -0.30
N THR A 336 -3.52 -31.04 0.88
CA THR A 336 -4.88 -30.54 1.04
C THR A 336 -4.91 -29.04 0.83
N PRO A 337 -6.07 -28.47 0.53
CA PRO A 337 -6.15 -27.01 0.52
C PRO A 337 -5.92 -26.45 1.91
N ALA A 338 -6.50 -27.09 2.92
CA ALA A 338 -6.32 -26.62 4.30
C ALA A 338 -4.86 -26.69 4.72
N LEU A 339 -4.14 -27.76 4.39
CA LEU A 339 -2.73 -27.82 4.76
C LEU A 339 -1.87 -26.88 3.93
N THR A 340 -2.13 -26.77 2.64
CA THR A 340 -1.28 -25.88 1.86
C THR A 340 -1.52 -24.43 2.25
N ALA A 341 -2.74 -24.13 2.70
CA ALA A 341 -3.07 -22.78 3.15
C ALA A 341 -2.24 -22.41 4.37
N LEU A 342 -2.06 -23.34 5.31
CA LEU A 342 -1.21 -23.07 6.45
C LEU A 342 0.22 -22.87 6.01
N ARG A 343 0.66 -23.64 5.04
CA ARG A 343 2.01 -23.42 4.55
C ARG A 343 2.11 -22.05 3.88
N LEU A 344 1.05 -21.58 3.25
CA LEU A 344 1.08 -20.24 2.66
C LEU A 344 1.19 -19.18 3.73
N ILE A 345 0.41 -19.31 4.81
CA ILE A 345 0.54 -18.37 5.92
C ILE A 345 1.94 -18.41 6.48
N SER A 346 2.45 -19.62 6.72
CA SER A 346 3.79 -19.74 7.27
C SER A 346 4.81 -19.03 6.38
N ASN A 347 4.71 -19.19 5.06
CA ASN A 347 5.69 -18.55 4.20
C ASN A 347 5.49 -17.05 4.14
N ALA A 348 4.22 -16.59 4.13
CA ALA A 348 3.99 -15.16 4.15
C ALA A 348 4.57 -14.53 5.41
N SER A 349 4.44 -15.22 6.55
CA SER A 349 4.98 -14.71 7.78
C SER A 349 6.49 -14.57 7.73
N GLY A 350 7.17 -15.51 7.05
CA GLY A 350 8.62 -15.38 6.91
C GLY A 350 9.01 -14.33 5.89
N GLU A 351 8.23 -14.18 4.83
CA GLU A 351 8.64 -13.35 3.71
C GLU A 351 8.31 -11.87 3.90
N LEU A 352 7.21 -11.55 4.56
CA LEU A 352 6.70 -10.20 4.61
C LEU A 352 6.78 -9.62 6.02
N SER A 353 6.66 -8.29 6.11
CA SER A 353 6.62 -7.64 7.40
C SER A 353 5.33 -8.03 8.14
N PRO A 354 5.38 -8.08 9.48
CA PRO A 354 4.22 -8.54 10.24
C PRO A 354 2.97 -7.69 10.06
N SER A 355 3.11 -6.41 9.75
CA SER A 355 1.91 -5.62 9.45
C SER A 355 1.09 -6.23 8.31
N GLN A 356 1.71 -7.02 7.43
CA GLN A 356 1.02 -7.55 6.27
C GLN A 356 0.42 -8.94 6.49
N VAL A 357 0.76 -9.63 7.59
CA VAL A 357 0.37 -11.02 7.78
C VAL A 357 -0.14 -11.24 9.19
N GLY A 358 0.73 -11.04 10.16
CA GLY A 358 0.34 -11.21 11.54
C GLY A 358 -0.72 -10.24 11.99
N VAL A 359 -0.60 -8.98 11.59
CA VAL A 359 -1.59 -7.99 11.99
C VAL A 359 -2.97 -8.38 11.46
N PRO A 360 -3.17 -8.67 10.18
CA PRO A 360 -4.48 -9.18 9.74
C PRO A 360 -4.96 -10.36 10.56
N ILE A 361 -4.06 -11.28 10.92
CA ILE A 361 -4.47 -12.47 11.66
C ILE A 361 -4.98 -12.10 13.05
N ILE A 362 -4.22 -11.28 13.78
CA ILE A 362 -4.61 -10.86 15.12
C ILE A 362 -5.89 -10.00 15.06
N GLU A 363 -6.08 -9.21 14.01
CA GLU A 363 -7.36 -8.50 13.87
C GLU A 363 -8.53 -9.46 13.89
N HIS A 364 -8.41 -10.57 13.17
CA HIS A 364 -9.52 -11.51 13.06
C HIS A 364 -9.59 -12.47 14.23
N LEU A 365 -8.64 -12.44 15.16
CA LEU A 365 -8.68 -13.40 16.26
C LEU A 365 -9.94 -13.27 17.11
N PRO A 366 -10.41 -12.07 17.49
CA PRO A 366 -11.64 -12.00 18.30
C PRO A 366 -12.84 -12.73 17.70
N THR A 367 -13.20 -12.44 16.46
CA THR A 367 -14.41 -13.01 15.91
C THR A 367 -14.28 -14.49 15.55
N MSE A 368 -13.13 -14.92 15.03
CA MSE A 368 -12.95 -16.35 14.73
C MSE A 368 -12.92 -17.23 15.97
O MSE A 368 -13.49 -18.30 15.97
CB MSE A 368 -11.67 -16.58 13.96
CG MSE A 368 -11.33 -15.52 12.92
SE MSE A 368 -10.54 -16.30 11.30
CE MSE A 368 -12.23 -17.20 10.78
N LEU A 369 -12.21 -16.82 17.02
CA LEU A 369 -12.10 -17.64 18.22
C LEU A 369 -13.44 -17.81 18.92
N SER A 370 -14.38 -16.89 18.72
CA SER A 370 -15.71 -17.00 19.30
C SER A 370 -16.72 -17.60 18.34
N SER A 371 -16.31 -17.88 17.10
CA SER A 371 -17.25 -18.35 16.11
C SER A 371 -17.95 -19.60 16.61
N SER A 372 -19.20 -19.78 16.19
CA SER A 372 -19.91 -21.03 16.44
C SER A 372 -19.35 -22.16 15.58
N ASN A 373 -18.67 -21.82 14.50
CA ASN A 373 -18.04 -22.77 13.60
C ASN A 373 -16.73 -23.26 14.19
N PRO A 374 -16.63 -24.52 14.61
CA PRO A 374 -15.40 -24.95 15.28
C PRO A 374 -14.21 -24.95 14.34
N PHE A 375 -14.43 -25.20 13.05
CA PHE A 375 -13.34 -25.12 12.10
C PHE A 375 -12.76 -23.72 11.98
N GLU A 376 -13.48 -22.68 12.39
CA GLU A 376 -12.87 -21.34 12.41
C GLU A 376 -12.11 -21.11 13.70
N ARG A 377 -12.62 -21.60 14.82
CA ARG A 377 -11.82 -21.54 16.03
C ARG A 377 -10.53 -22.31 15.85
N ARG A 378 -10.62 -23.49 15.24
CA ARG A 378 -9.43 -24.27 14.91
C ARG A 378 -8.50 -23.52 13.96
N SER A 379 -9.08 -22.82 12.99
CA SER A 379 -8.29 -22.19 11.94
C SER A 379 -7.44 -21.05 12.48
N ILE A 380 -7.99 -20.27 13.43
CA ILE A 380 -7.27 -19.10 13.91
C ILE A 380 -6.11 -19.53 14.80
N LEU A 381 -6.30 -20.57 15.60
CA LEU A 381 -5.22 -21.04 16.44
C LEU A 381 -4.07 -21.55 15.59
N LEU A 382 -4.39 -22.35 14.55
CA LEU A 382 -3.37 -22.89 13.66
C LEU A 382 -2.72 -21.78 12.86
N ALA A 383 -3.47 -20.73 12.54
CA ALA A 383 -2.86 -19.58 11.88
C ALA A 383 -1.77 -18.99 12.75
N ILE A 384 -2.07 -18.76 14.04
CA ILE A 384 -1.05 -18.22 14.93
C ILE A 384 0.11 -19.19 15.07
N SER A 385 -0.20 -20.50 15.11
CA SER A 385 0.87 -21.48 15.30
C SER A 385 1.87 -21.44 14.16
N VAL A 386 1.43 -21.03 12.98
CA VAL A 386 2.34 -21.00 11.84
C VAL A 386 2.86 -19.58 11.60
N LEU A 387 2.28 -18.59 12.27
CA LEU A 387 2.78 -17.21 12.20
C LEU A 387 4.08 -17.03 12.97
N VAL A 388 4.22 -17.69 14.12
CA VAL A 388 5.24 -17.32 15.12
C VAL A 388 6.64 -17.56 14.60
N THR A 389 6.87 -18.63 13.84
CA THR A 389 8.24 -18.93 13.40
C THR A 389 8.80 -17.80 12.56
N GLY A 390 8.01 -17.26 11.65
CA GLY A 390 8.49 -16.19 10.79
C GLY A 390 8.50 -14.83 11.45
N SER A 391 7.61 -14.62 12.42
CA SER A 391 7.48 -13.32 13.08
C SER A 391 7.44 -13.50 14.59
N PRO A 392 8.52 -14.00 15.19
CA PRO A 392 8.48 -14.28 16.63
C PRO A 392 8.37 -13.02 17.47
N ASP A 393 9.03 -11.92 17.06
CA ASP A 393 8.94 -10.68 17.86
C ASP A 393 7.55 -10.09 17.84
N TYR A 394 6.91 -10.05 16.67
CA TYR A 394 5.56 -9.54 16.61
C TYR A 394 4.61 -10.43 17.40
N THR A 395 4.75 -11.75 17.26
CA THR A 395 3.90 -12.67 18.03
C THR A 395 4.06 -12.44 19.52
N LEU A 396 5.30 -12.29 20.00
CA LEU A 396 5.53 -12.05 21.43
C LEU A 396 4.82 -10.79 21.89
N SER A 397 4.86 -9.72 21.09
CA SER A 397 4.20 -8.46 21.43
C SER A 397 2.69 -8.61 21.49
N GLN A 398 2.12 -9.64 20.90
CA GLN A 398 0.68 -9.87 20.94
C GLN A 398 0.27 -10.89 22.00
N PHE A 399 1.19 -11.30 22.86
CA PHE A 399 0.88 -12.29 23.89
C PHE A 399 -0.30 -11.91 24.77
N ASP A 400 -0.54 -10.60 24.96
CA ASP A 400 -1.67 -10.22 25.79
C ASP A 400 -2.98 -10.73 25.19
N LYS A 401 -3.04 -10.89 23.87
CA LYS A 401 -4.18 -11.48 23.17
C LYS A 401 -4.01 -12.96 22.89
N ILE A 402 -2.79 -13.40 22.56
CA ILE A 402 -2.60 -14.77 22.09
C ILE A 402 -2.70 -15.76 23.23
N ILE A 403 -2.06 -15.48 24.38
CA ILE A 403 -2.10 -16.45 25.48
C ILE A 403 -3.52 -16.73 25.95
N PRO A 404 -4.33 -15.72 26.29
CA PRO A 404 -5.74 -16.02 26.59
C PRO A 404 -6.42 -16.85 25.51
N ALA A 405 -6.09 -16.57 24.26
CA ALA A 405 -6.70 -17.31 23.16
C ALA A 405 -6.33 -18.78 23.19
N THR A 406 -5.05 -19.11 23.46
CA THR A 406 -4.68 -20.52 23.58
C THR A 406 -5.38 -21.16 24.78
N VAL A 407 -5.58 -20.40 25.84
CA VAL A 407 -6.26 -20.93 27.03
C VAL A 407 -7.74 -21.17 26.72
N THR A 408 -8.38 -20.21 26.03
CA THR A 408 -9.73 -20.44 25.54
C THR A 408 -9.80 -21.69 24.68
N GLY A 409 -8.82 -21.87 23.80
CA GLY A 409 -8.82 -23.02 22.92
C GLY A 409 -8.71 -24.33 23.67
N LEU A 410 -7.87 -24.38 24.71
CA LEU A 410 -7.74 -25.59 25.51
C LEU A 410 -9.05 -25.96 26.19
N LYS A 411 -9.92 -24.99 26.45
CA LYS A 411 -11.19 -25.20 27.12
C LYS A 411 -12.34 -25.48 26.16
N ASP A 412 -12.06 -25.47 24.86
CA ASP A 412 -13.10 -25.72 23.86
C ASP A 412 -13.71 -27.09 24.08
N SER A 413 -14.95 -27.27 23.64
CA SER A 413 -15.57 -28.59 23.76
C SER A 413 -15.10 -29.53 22.66
N GLU A 414 -14.76 -28.99 21.50
CA GLU A 414 -14.31 -29.77 20.35
C GLU A 414 -12.84 -30.14 20.44
N ALA A 415 -12.53 -31.44 20.33
CA ALA A 415 -11.14 -31.89 20.41
C ALA A 415 -10.28 -31.28 19.31
N VAL A 416 -10.82 -31.06 18.12
CA VAL A 416 -10.03 -30.48 17.06
C VAL A 416 -9.60 -29.08 17.42
N VAL A 417 -10.43 -28.36 18.17
CA VAL A 417 -10.01 -27.05 18.65
C VAL A 417 -9.00 -27.20 19.78
N GLN A 418 -9.22 -28.16 20.68
CA GLN A 418 -8.23 -28.37 21.72
C GLN A 418 -6.87 -28.74 21.15
N LEU A 419 -6.84 -29.63 20.16
CA LEU A 419 -5.58 -29.96 19.49
C LEU A 419 -4.98 -28.74 18.81
N ALA A 420 -5.82 -27.93 18.18
CA ALA A 420 -5.32 -26.72 17.54
C ALA A 420 -4.64 -25.80 18.57
N ALA A 421 -5.28 -25.60 19.73
CA ALA A 421 -4.64 -24.81 20.77
C ALA A 421 -3.32 -25.42 21.19
N LEU A 422 -3.25 -26.74 21.36
CA LEU A 422 -2.00 -27.41 21.75
C LEU A 422 -0.91 -27.24 20.71
N LYS A 423 -1.25 -27.36 19.43
CA LYS A 423 -0.26 -27.16 18.40
C LYS A 423 0.27 -25.74 18.46
N CYS A 424 -0.61 -24.77 18.72
CA CYS A 424 -0.17 -23.39 18.81
C CYS A 424 0.84 -23.23 19.95
N ILE A 425 0.55 -23.80 21.11
CA ILE A 425 1.44 -23.67 22.26
C ILE A 425 2.79 -24.30 21.96
N VAL A 426 2.79 -25.51 21.38
CA VAL A 426 4.06 -26.17 21.03
C VAL A 426 4.88 -25.25 20.17
N GLN A 427 4.23 -24.57 19.23
CA GLN A 427 4.95 -23.68 18.34
C GLN A 427 5.45 -22.45 19.08
N LEU A 428 4.65 -21.87 19.96
CA LEU A 428 5.11 -20.74 20.75
C LEU A 428 6.32 -21.14 21.61
N SER A 429 6.29 -22.32 22.25
CA SER A 429 7.41 -22.74 23.09
C SER A 429 8.69 -22.90 22.28
N THR A 430 8.59 -23.52 21.11
CA THR A 430 9.75 -23.75 20.27
C THR A 430 10.45 -22.44 19.92
N ASN A 431 9.69 -21.38 19.65
CA ASN A 431 10.25 -20.12 19.21
C ASN A 431 10.41 -19.06 20.29
N LEU A 432 9.66 -19.13 21.39
CA LEU A 432 9.67 -18.12 22.42
C LEU A 432 9.77 -18.80 23.81
N GLN A 433 10.86 -19.50 24.02
CA GLN A 433 10.95 -20.60 24.98
C GLN A 433 10.51 -20.23 26.40
N ASP A 434 11.31 -19.46 27.11
CA ASP A 434 10.97 -19.10 28.47
C ASP A 434 9.80 -18.11 28.54
N GLU A 435 9.52 -17.41 27.45
CA GLU A 435 8.41 -16.46 27.46
C GLU A 435 7.06 -17.17 27.60
N VAL A 436 6.92 -18.37 27.01
CA VAL A 436 5.69 -19.14 27.17
C VAL A 436 5.67 -19.79 28.54
N ALA A 437 6.80 -20.28 28.99
CA ALA A 437 6.82 -21.01 30.27
C ALA A 437 6.37 -20.13 31.45
N ARG A 438 6.49 -18.79 31.34
CA ARG A 438 6.01 -17.92 32.41
C ARG A 438 4.55 -18.12 32.71
N TYR A 439 3.75 -18.54 31.73
CA TYR A 439 2.33 -18.79 31.94
C TYR A 439 2.05 -20.20 32.41
N HIS A 440 3.05 -20.90 32.96
CA HIS A 440 2.87 -22.30 33.32
C HIS A 440 1.72 -22.50 34.31
N GLU A 441 1.47 -21.52 35.17
CA GLU A 441 0.46 -21.68 36.20
C GLU A 441 -0.93 -21.88 35.61
N GLN A 442 -1.28 -21.17 34.53
CA GLN A 442 -2.54 -21.46 33.86
C GLN A 442 -2.48 -22.72 33.01
N TYR A 443 -1.36 -22.93 32.27
CA TYR A 443 -1.29 -23.99 31.27
C TYR A 443 -1.24 -25.37 31.92
N LEU A 444 -0.36 -25.56 32.92
CA LEU A 444 -0.09 -26.90 33.43
C LEU A 444 -1.34 -27.61 33.92
N PRO A 445 -2.20 -26.98 34.73
CA PRO A 445 -3.45 -27.66 35.10
C PRO A 445 -4.30 -28.03 33.91
N LEU A 446 -4.38 -27.15 32.91
CA LEU A 446 -5.20 -27.43 31.73
C LEU A 446 -4.63 -28.57 30.91
N VAL A 447 -3.31 -28.57 30.70
CA VAL A 447 -2.67 -29.58 29.85
C VAL A 447 -2.73 -30.97 30.50
N ILE A 448 -2.55 -31.05 31.82
CA ILE A 448 -2.65 -32.35 32.49
C ILE A 448 -4.07 -32.89 32.38
N ASP A 449 -5.06 -32.04 32.67
CA ASP A 449 -6.44 -32.52 32.60
C ASP A 449 -6.75 -33.09 31.23
N ILE A 450 -6.19 -32.47 30.18
CA ILE A 450 -6.40 -32.99 28.84
C ILE A 450 -5.72 -34.34 28.67
N ILE A 451 -4.50 -34.48 29.22
CA ILE A 451 -3.81 -35.77 29.17
C ILE A 451 -4.63 -36.83 29.88
N ASP A 452 -5.13 -36.51 31.06
CA ASP A 452 -5.90 -37.48 31.84
C ASP A 452 -7.17 -37.89 31.12
N SER A 453 -7.84 -36.96 30.44
CA SER A 453 -9.12 -37.28 29.83
C SER A 453 -9.06 -37.37 28.31
N ALA A 454 -7.88 -37.55 27.73
CA ALA A 454 -7.78 -37.61 26.27
C ALA A 454 -8.44 -38.87 25.74
N LYS A 455 -9.15 -38.75 24.63
CA LYS A 455 -9.76 -39.89 23.97
C LYS A 455 -9.16 -40.19 22.62
N HIS A 456 -8.15 -39.42 22.20
CA HIS A 456 -7.49 -39.61 20.92
C HIS A 456 -5.99 -39.59 21.11
N VAL A 457 -5.30 -40.38 20.30
CA VAL A 457 -3.85 -40.53 20.47
C VAL A 457 -3.11 -39.24 20.11
N VAL A 458 -3.61 -38.49 19.12
CA VAL A 458 -2.92 -37.29 18.67
C VAL A 458 -3.06 -36.17 19.67
N ILE A 459 -4.19 -36.12 20.38
CA ILE A 459 -4.34 -35.16 21.48
C ILE A 459 -3.36 -35.50 22.59
N TYR A 460 -3.28 -36.78 22.93
CA TYR A 460 -2.36 -37.22 23.96
C TYR A 460 -0.91 -36.88 23.61
N LYS A 461 -0.51 -37.09 22.35
CA LYS A 461 0.85 -36.76 21.98
C LYS A 461 1.10 -35.27 22.15
N TYR A 462 0.26 -34.44 21.53
CA TYR A 462 0.49 -33.01 21.56
C TYR A 462 0.30 -32.42 22.94
N ALA A 463 -0.53 -33.04 23.79
CA ALA A 463 -0.60 -32.59 25.18
C ALA A 463 0.73 -32.85 25.87
N THR A 464 1.27 -34.06 25.71
CA THR A 464 2.56 -34.36 26.30
C THR A 464 3.64 -33.45 25.76
N LEU A 465 3.63 -33.20 24.47
CA LEU A 465 4.66 -32.38 23.87
C LEU A 465 4.51 -30.92 24.29
N ALA A 466 3.29 -30.44 24.48
CA ALA A 466 3.10 -29.11 25.04
C ALA A 466 3.63 -29.04 26.47
N LEU A 467 3.31 -30.05 27.28
CA LEU A 467 3.83 -30.12 28.62
C LEU A 467 5.35 -30.08 28.60
N ASP A 468 5.94 -30.89 27.71
CA ASP A 468 7.39 -30.94 27.54
C ASP A 468 7.97 -29.55 27.31
N GLY A 469 7.39 -28.80 26.35
CA GLY A 469 7.96 -27.51 26.00
C GLY A 469 7.86 -26.48 27.10
N LEU A 470 6.77 -26.54 27.88
CA LEU A 470 6.62 -25.70 29.05
C LEU A 470 7.64 -26.06 30.11
N LEU A 471 7.68 -27.34 30.49
CA LEU A 471 8.54 -27.74 31.60
C LEU A 471 9.98 -27.37 31.33
N GLU A 472 10.41 -27.49 30.08
CA GLU A 472 11.83 -27.32 29.77
C GLU A 472 12.32 -25.93 30.12
N PHE A 473 11.48 -24.91 30.02
CA PHE A 473 11.91 -23.54 30.25
C PHE A 473 11.26 -22.91 31.49
N ILE A 474 10.66 -23.72 32.37
CA ILE A 474 10.13 -23.16 33.61
C ILE A 474 11.28 -22.59 34.44
N ALA A 475 11.02 -21.48 35.12
CA ALA A 475 12.01 -20.89 36.00
C ALA A 475 12.47 -21.90 37.04
N HIS A 476 13.76 -21.88 37.35
CA HIS A 476 14.31 -22.92 38.20
C HIS A 476 13.58 -22.99 39.52
N ASN A 477 13.31 -21.84 40.14
CA ASN A 477 12.58 -21.83 41.40
C ASN A 477 11.23 -22.51 41.27
N ASP A 478 10.48 -22.19 40.22
CA ASP A 478 9.12 -22.68 40.07
C ASP A 478 9.06 -24.19 39.80
N ILE A 479 10.03 -24.72 39.06
CA ILE A 479 9.96 -26.14 38.73
C ILE A 479 9.98 -26.97 39.98
N ILE A 480 10.62 -26.47 41.04
CA ILE A 480 10.79 -27.27 42.24
C ILE A 480 9.46 -27.53 42.93
N LYS A 481 8.55 -26.55 42.93
CA LYS A 481 7.19 -26.80 43.43
C LYS A 481 6.48 -27.90 42.64
N TYR A 482 6.82 -28.07 41.36
CA TYR A 482 6.15 -29.07 40.55
C TYR A 482 6.91 -30.37 40.44
N LEU A 483 8.21 -30.39 40.77
CA LEU A 483 9.08 -31.45 40.29
C LEU A 483 8.62 -32.81 40.76
N ASP A 484 8.19 -32.92 42.00
CA ASP A 484 7.87 -34.25 42.50
C ASP A 484 6.53 -34.80 41.99
N PRO A 485 5.46 -34.03 42.07
CA PRO A 485 4.22 -34.49 41.43
C PRO A 485 4.37 -34.68 39.92
N LEU A 486 5.16 -33.85 39.24
CA LEU A 486 5.36 -34.06 37.81
C LEU A 486 6.05 -35.39 37.55
N MSE A 487 7.15 -35.62 38.26
CA MSE A 487 7.96 -36.81 38.10
C MSE A 487 7.14 -38.09 38.27
O MSE A 487 7.30 -39.06 37.54
CB MSE A 487 9.08 -36.74 39.14
CG MSE A 487 10.48 -36.79 38.58
SE MSE A 487 10.71 -36.18 36.75
CE MSE A 487 12.03 -37.47 36.22
N ASN A 488 6.24 -38.06 39.24
CA ASN A 488 5.44 -39.24 39.51
C ASN A 488 4.41 -39.46 38.42
N LYS A 489 3.87 -38.38 37.85
CA LYS A 489 2.88 -38.49 36.79
C LYS A 489 3.49 -38.97 35.47
N LEU A 490 4.68 -38.46 35.12
CA LEU A 490 5.28 -38.85 33.85
C LEU A 490 5.68 -40.31 33.83
N PHE A 491 6.21 -40.81 34.94
CA PHE A 491 6.54 -42.23 34.98
C PHE A 491 5.29 -43.10 35.06
N GLN A 492 4.24 -42.63 35.72
CA GLN A 492 3.00 -43.40 35.60
C GLN A 492 2.53 -43.44 34.16
N MSE A 493 2.59 -42.31 33.46
CA MSE A 493 2.23 -42.25 32.05
C MSE A 493 3.07 -43.20 31.22
O MSE A 493 2.58 -43.92 30.36
CB MSE A 493 2.39 -40.83 31.52
CG MSE A 493 1.29 -39.90 31.93
SE MSE A 493 1.84 -38.03 31.65
CE MSE A 493 1.78 -38.04 29.66
N LEU A 494 4.37 -43.17 31.49
CA LEU A 494 5.33 -43.98 30.76
C LEU A 494 4.98 -45.46 30.88
N GLU A 495 4.53 -45.89 32.07
CA GLU A 495 4.12 -47.26 32.26
C GLU A 495 2.86 -47.57 31.47
N THR A 496 1.84 -46.73 31.65
CA THR A 496 0.54 -46.98 31.06
C THR A 496 0.61 -47.07 29.54
N GLN A 497 1.28 -46.11 28.91
CA GLN A 497 1.32 -46.05 27.45
C GLN A 497 2.35 -47.02 26.91
N GLN A 498 1.97 -47.71 25.82
CA GLN A 498 2.87 -48.64 25.15
C GLN A 498 3.19 -48.22 23.73
N SER A 499 2.44 -47.29 23.16
CA SER A 499 2.82 -46.74 21.87
C SER A 499 4.24 -46.15 21.97
N PRO A 500 5.14 -46.48 21.05
CA PRO A 500 6.46 -45.83 21.08
C PRO A 500 6.43 -44.35 20.70
N LYS A 501 5.46 -43.91 19.90
CA LYS A 501 5.31 -42.48 19.67
C LYS A 501 4.99 -41.75 20.96
N LEU A 502 4.10 -42.32 21.77
CA LEU A 502 3.75 -41.70 23.03
C LEU A 502 4.86 -41.84 24.07
N ARG A 503 5.51 -43.00 24.13
CA ARG A 503 6.61 -43.13 25.08
C ARG A 503 7.74 -42.16 24.76
N ALA A 504 8.01 -41.95 23.48
CA ALA A 504 9.07 -41.03 23.11
C ALA A 504 8.79 -39.62 23.64
N ALA A 505 7.53 -39.17 23.52
CA ALA A 505 7.17 -37.84 24.00
C ALA A 505 7.25 -37.75 25.51
N ILE A 506 6.98 -38.84 26.23
CA ILE A 506 7.07 -38.84 27.69
C ILE A 506 8.52 -38.79 28.14
N VAL A 507 9.38 -39.55 27.47
CA VAL A 507 10.79 -39.55 27.83
C VAL A 507 11.37 -38.15 27.67
N SER A 508 10.97 -37.44 26.60
CA SER A 508 11.44 -36.07 26.39
C SER A 508 10.95 -35.15 27.51
N ALA A 509 9.70 -35.29 27.91
CA ALA A 509 9.20 -34.49 29.03
C ALA A 509 10.00 -34.76 30.29
N ILE A 510 10.37 -36.01 30.54
CA ILE A 510 11.17 -36.32 31.73
C ILE A 510 12.52 -35.65 31.64
N GLY A 511 13.22 -35.76 30.52
CA GLY A 511 14.50 -35.11 30.40
C GLY A 511 14.43 -33.60 30.57
N SER A 512 13.36 -33.00 30.07
CA SER A 512 13.14 -31.58 30.24
C SER A 512 12.96 -31.21 31.71
N CYS A 513 12.36 -32.09 32.51
CA CYS A 513 12.35 -31.86 33.95
C CYS A 513 13.76 -31.78 34.50
N ALA A 514 14.61 -32.75 34.14
CA ALA A 514 15.98 -32.71 34.60
C ALA A 514 16.67 -31.41 34.20
N PHE A 515 16.47 -30.97 32.97
CA PHE A 515 17.11 -29.77 32.45
C PHE A 515 16.72 -28.55 33.27
N ALA A 516 15.43 -28.42 33.56
CA ALA A 516 14.97 -27.28 34.33
C ALA A 516 15.44 -27.39 35.78
N ALA A 517 15.41 -28.60 36.36
CA ALA A 517 15.69 -28.73 37.79
C ALA A 517 17.19 -28.65 38.12
N GLY A 518 18.07 -28.98 37.18
CA GLY A 518 19.49 -29.01 37.50
C GLY A 518 19.76 -29.98 38.63
N SER A 519 20.41 -29.48 39.69
CA SER A 519 20.77 -30.30 40.84
C SER A 519 19.56 -30.76 41.64
N GLY A 520 18.44 -30.06 41.54
CA GLY A 520 17.19 -30.57 42.11
C GLY A 520 16.73 -31.88 41.50
N PHE A 521 17.34 -32.33 40.42
CA PHE A 521 17.00 -33.61 39.84
C PHE A 521 17.67 -34.79 40.55
N VAL A 522 18.68 -34.55 41.37
CA VAL A 522 19.46 -35.66 41.95
C VAL A 522 18.58 -36.74 42.58
N PRO A 523 17.53 -36.39 43.33
CA PRO A 523 16.72 -37.46 43.96
C PRO A 523 16.14 -38.44 42.97
N TYR A 524 15.94 -38.03 41.73
CA TYR A 524 15.31 -38.85 40.72
C TYR A 524 16.29 -39.49 39.77
N PHE A 525 17.58 -39.23 39.91
CA PHE A 525 18.53 -39.62 38.88
C PHE A 525 18.66 -41.14 38.79
N LYS A 526 18.85 -41.81 39.91
CA LYS A 526 19.09 -43.24 39.85
C LYS A 526 17.84 -44.00 39.43
N THR A 527 16.67 -43.64 39.96
CA THR A 527 15.46 -44.33 39.51
C THR A 527 15.21 -44.10 38.03
N SER A 528 15.39 -42.88 37.54
CA SER A 528 15.15 -42.60 36.14
C SER A 528 16.06 -43.42 35.23
N VAL A 529 17.35 -43.46 35.54
CA VAL A 529 18.27 -44.22 34.69
C VAL A 529 17.96 -45.71 34.76
N GLN A 530 17.71 -46.23 35.96
CA GLN A 530 17.32 -47.63 36.06
C GLN A 530 16.23 -47.90 35.06
N TYR A 531 15.19 -47.08 35.13
CA TYR A 531 14.01 -47.32 34.33
C TYR A 531 14.33 -47.20 32.85
N LEU A 532 14.94 -46.09 32.47
CA LEU A 532 15.16 -45.78 31.06
C LEU A 532 16.23 -46.67 30.43
N GLN A 533 17.09 -47.29 31.24
CA GLN A 533 18.05 -48.21 30.65
C GLN A 533 17.34 -49.32 29.88
N GLN A 534 16.07 -49.57 30.19
CA GLN A 534 15.35 -50.63 29.50
C GLN A 534 15.16 -50.30 28.02
N PHE A 535 15.04 -49.01 27.67
CA PHE A 535 14.86 -48.60 26.29
C PHE A 535 16.16 -48.50 25.52
N ILE A 536 17.31 -48.76 26.14
CA ILE A 536 18.55 -48.69 25.37
C ILE A 536 19.31 -50.00 25.57
N GLN A 537 18.64 -51.11 25.35
CA GLN A 537 19.28 -52.41 25.29
C GLN A 537 19.45 -52.78 23.84
N ASN A 538 20.52 -53.51 23.55
CA ASN A 538 20.79 -53.95 22.18
C ASN A 538 20.80 -52.78 21.19
N VAL A 539 21.55 -51.73 21.55
CA VAL A 539 21.64 -50.56 20.68
C VAL A 539 22.09 -50.96 19.29
N SER A 540 23.04 -51.89 19.21
CA SER A 540 23.70 -52.26 17.97
C SER A 540 22.76 -52.91 16.97
N GLN A 541 21.62 -53.40 17.42
CA GLN A 541 20.77 -54.25 16.61
C GLN A 541 19.58 -53.43 16.12
N ILE A 542 19.58 -53.04 14.84
CA ILE A 542 18.55 -52.18 14.28
C ILE A 542 17.63 -52.90 13.33
N GLU A 543 17.82 -54.20 13.14
CA GLU A 543 17.02 -54.97 12.20
C GLU A 543 15.76 -55.45 12.91
N GLY A 544 14.61 -55.08 12.37
CA GLY A 544 13.35 -55.44 12.98
C GLY A 544 12.72 -54.36 13.83
N LEU A 545 13.32 -53.18 13.88
CA LEU A 545 12.78 -52.06 14.64
C LEU A 545 12.10 -51.08 13.70
N SER A 546 10.94 -50.57 14.13
CA SER A 546 10.29 -49.54 13.34
C SER A 546 10.98 -48.18 13.54
N GLU A 547 10.74 -47.29 12.58
CA GLU A 547 11.28 -45.94 12.71
C GLU A 547 10.98 -45.36 14.08
N ASP A 548 9.78 -45.60 14.60
CA ASP A 548 9.43 -45.08 15.92
C ASP A 548 10.20 -45.78 17.03
N ASP A 549 10.43 -47.09 16.91
CA ASP A 549 11.24 -47.77 17.92
C ASP A 549 12.64 -47.18 17.96
N ILE A 550 13.15 -46.80 16.80
CA ILE A 550 14.46 -46.19 16.72
C ILE A 550 14.44 -44.83 17.43
N GLU A 551 13.41 -44.04 17.18
CA GLU A 551 13.29 -42.73 17.82
C GLU A 551 13.23 -42.85 19.33
N LEU A 552 12.48 -43.81 19.85
CA LEU A 552 12.38 -43.94 21.30
C LEU A 552 13.74 -44.25 21.92
N LYS A 553 14.52 -45.12 21.27
CA LYS A 553 15.86 -45.41 21.71
C LYS A 553 16.74 -44.17 21.66
N ALA A 554 16.68 -43.45 20.56
CA ALA A 554 17.50 -42.25 20.39
C ALA A 554 17.14 -41.18 21.42
N LEU A 555 15.85 -40.96 21.65
CA LEU A 555 15.46 -39.97 22.63
C LEU A 555 15.89 -40.34 24.04
N THR A 556 16.00 -41.62 24.34
CA THR A 556 16.44 -41.98 25.69
C THR A 556 17.91 -41.68 25.89
N PHE A 557 18.74 -41.98 24.89
CA PHE A 557 20.14 -41.56 24.92
C PHE A 557 20.25 -40.05 25.12
N GLU A 558 19.46 -39.29 24.39
CA GLU A 558 19.61 -37.85 24.45
C GLU A 558 19.22 -37.34 25.84
N ASN A 559 18.11 -37.84 26.37
CA ASN A 559 17.63 -37.32 27.63
C ASN A 559 18.40 -37.87 28.83
N ILE A 560 18.98 -39.07 28.73
CA ILE A 560 19.85 -39.51 29.82
C ILE A 560 21.08 -38.62 29.87
N SER A 561 21.66 -38.29 28.73
CA SER A 561 22.80 -37.38 28.74
C SER A 561 22.40 -36.01 29.27
N THR A 562 21.14 -35.60 29.06
CA THR A 562 20.67 -34.33 29.60
C THR A 562 20.58 -34.38 31.11
N MSE A 563 20.31 -35.56 31.66
CA MSE A 563 20.31 -35.74 33.10
C MSE A 563 21.73 -35.64 33.64
O MSE A 563 21.95 -35.13 34.73
CB MSE A 563 19.67 -37.09 33.46
CG MSE A 563 18.15 -37.15 33.26
SE MSE A 563 17.42 -39.02 33.25
CE MSE A 563 18.47 -39.79 34.72
N GLY A 564 22.69 -36.13 32.85
CA GLY A 564 24.09 -35.92 33.18
C GLY A 564 24.48 -34.45 33.22
N ARG A 565 23.82 -33.63 32.42
CA ARG A 565 24.04 -32.20 32.50
C ARG A 565 23.43 -31.61 33.76
N ALA A 566 22.28 -32.12 34.21
CA ALA A 566 21.62 -31.57 35.38
C ALA A 566 22.37 -31.91 36.66
N VAL A 567 22.52 -33.16 36.93
CA VAL A 567 23.37 -33.62 38.03
C VAL A 567 24.75 -33.68 37.40
N LYS A 568 25.80 -33.42 38.14
CA LYS A 568 27.03 -33.24 37.39
C LYS A 568 27.83 -34.54 37.38
N SER A 569 29.15 -34.44 37.18
CA SER A 569 29.97 -35.62 36.90
C SER A 569 29.96 -36.62 38.06
N ALA A 570 30.03 -36.13 39.30
CA ALA A 570 30.06 -37.06 40.42
C ALA A 570 28.79 -37.91 40.48
N ALA A 571 27.61 -37.27 40.35
CA ALA A 571 26.38 -38.04 40.44
C ALA A 571 26.18 -38.96 39.24
N PHE A 572 26.84 -38.69 38.13
CA PHE A 572 26.74 -39.51 36.93
C PHE A 572 27.73 -40.67 36.97
N ALA A 573 28.59 -40.73 37.99
CA ALA A 573 29.75 -41.61 37.95
C ALA A 573 29.32 -43.06 37.82
N GLU A 574 28.22 -43.43 38.46
CA GLU A 574 27.80 -44.82 38.43
C GLU A 574 27.66 -45.35 37.01
N TYR A 575 27.03 -44.57 36.12
CA TYR A 575 26.64 -45.08 34.82
C TYR A 575 27.52 -44.60 33.69
N ALA A 576 28.55 -43.82 33.98
CA ALA A 576 29.30 -43.21 32.89
C ALA A 576 29.81 -44.27 31.94
N GLU A 577 30.40 -45.34 32.47
CA GLU A 577 31.03 -46.33 31.60
C GLU A 577 30.01 -47.08 30.76
N PRO A 578 28.98 -47.69 31.34
CA PRO A 578 28.01 -48.39 30.49
C PRO A 578 27.30 -47.46 29.50
N LEU A 579 26.88 -46.28 29.95
CA LEU A 579 26.21 -45.35 29.06
C LEU A 579 27.14 -44.87 27.95
N VAL A 580 28.37 -44.51 28.30
CA VAL A 580 29.29 -44.08 27.27
C VAL A 580 29.54 -45.22 26.29
N ASN A 581 29.70 -46.45 26.79
CA ASN A 581 29.92 -47.57 25.87
C ASN A 581 28.71 -47.76 24.96
N ALA A 582 27.51 -47.65 25.52
CA ALA A 582 26.31 -47.75 24.71
C ALA A 582 26.28 -46.68 23.62
N ALA A 583 26.64 -45.44 23.94
CA ALA A 583 26.60 -44.39 22.92
C ALA A 583 27.66 -44.62 21.85
N TYR A 584 28.82 -45.16 22.24
CA TYR A 584 29.80 -45.46 21.21
C TYR A 584 29.33 -46.58 20.29
N GLU A 585 28.40 -47.41 20.75
CA GLU A 585 27.72 -48.34 19.85
C GLU A 585 26.82 -47.60 18.88
N ALA A 586 26.05 -46.63 19.40
CA ALA A 586 25.14 -45.86 18.55
C ALA A 586 25.85 -45.29 17.34
N ILE A 587 27.06 -44.75 17.53
CA ILE A 587 27.78 -44.06 16.47
C ILE A 587 28.16 -44.97 15.32
N LYS A 588 28.39 -46.26 15.59
CA LYS A 588 28.81 -47.21 14.56
C LYS A 588 27.62 -47.85 13.85
N THR A 589 26.43 -47.71 14.42
CA THR A 589 25.21 -48.30 13.94
C THR A 589 24.86 -47.77 12.53
N ASP A 590 23.83 -48.39 11.93
CA ASP A 590 23.38 -48.06 10.58
C ASP A 590 22.14 -47.18 10.55
N SER A 591 21.67 -46.73 11.72
CA SER A 591 20.62 -45.74 11.82
C SER A 591 21.26 -44.36 11.91
N ALA A 592 20.93 -43.48 10.97
CA ALA A 592 21.39 -42.11 11.08
C ALA A 592 20.78 -41.44 12.31
N ARG A 593 19.52 -41.75 12.62
CA ARG A 593 18.89 -41.19 13.80
C ARG A 593 19.61 -41.63 15.06
N LEU A 594 20.01 -42.89 15.11
CA LEU A 594 20.67 -43.43 16.28
C LEU A 594 22.08 -42.87 16.42
N ARG A 595 22.81 -42.77 15.31
CA ARG A 595 24.11 -42.12 15.34
C ARG A 595 23.96 -40.67 15.83
N GLU A 596 22.93 -39.97 15.36
CA GLU A 596 22.71 -38.61 15.83
C GLU A 596 22.59 -38.59 17.35
N SER A 597 21.84 -39.54 17.94
CA SER A 597 21.68 -39.51 19.38
C SER A 597 22.98 -39.89 20.09
N GLY A 598 23.85 -40.67 19.44
CA GLY A 598 25.14 -40.91 20.03
C GLY A 598 25.95 -39.64 20.14
N TYR A 599 25.97 -38.87 19.06
CA TYR A 599 26.72 -37.62 19.06
C TYR A 599 26.14 -36.62 20.05
N ALA A 600 24.81 -36.54 20.15
CA ALA A 600 24.21 -35.68 21.16
C ALA A 600 24.62 -36.13 22.55
N PHE A 601 24.71 -37.45 22.76
CA PHE A 601 25.13 -37.96 24.06
C PHE A 601 26.56 -37.52 24.37
N ILE A 602 27.44 -37.66 23.39
CA ILE A 602 28.84 -37.26 23.56
C ILE A 602 28.96 -35.76 23.81
N ALA A 603 28.16 -34.95 23.10
CA ALA A 603 28.26 -33.50 23.27
C ALA A 603 28.07 -33.12 24.73
N ASN A 604 27.07 -33.70 25.38
CA ASN A 604 26.83 -33.43 26.78
C ASN A 604 27.96 -34.00 27.66
N MSE A 605 28.45 -35.18 27.33
CA MSE A 605 29.55 -35.76 28.09
C MSE A 605 30.71 -34.78 28.11
O MSE A 605 31.38 -34.61 29.15
CB MSE A 605 30.00 -37.08 27.48
CG MSE A 605 28.97 -38.20 27.62
SE MSE A 605 28.48 -38.57 29.51
CE MSE A 605 27.04 -37.17 29.65
N ALA A 606 30.94 -34.10 26.98
CA ALA A 606 32.01 -33.12 26.92
C ALA A 606 31.77 -31.99 27.91
N LYS A 607 30.53 -31.53 28.01
CA LYS A 607 30.21 -30.53 29.02
C LYS A 607 30.42 -31.06 30.42
N VAL A 608 30.13 -32.31 30.64
CA VAL A 608 30.20 -32.85 31.94
C VAL A 608 31.57 -33.26 32.44
N TYR A 609 32.37 -33.79 31.57
CA TYR A 609 33.66 -34.25 31.93
C TYR A 609 34.83 -33.45 31.51
N GLY A 610 34.66 -32.35 30.86
CA GLY A 610 35.73 -31.54 30.38
C GLY A 610 36.94 -32.22 29.78
N LYS A 611 38.09 -32.00 30.37
CA LYS A 611 39.30 -32.61 29.86
C LYS A 611 39.48 -34.08 30.22
N ASP A 612 38.63 -34.66 31.02
CA ASP A 612 38.63 -36.05 31.30
C ASP A 612 38.08 -36.89 30.15
N PHE A 613 37.38 -36.29 29.21
CA PHE A 613 36.89 -36.96 28.06
C PHE A 613 37.94 -37.12 26.94
N ALA A 614 39.13 -36.60 27.12
CA ALA A 614 40.15 -36.71 26.11
C ALA A 614 40.65 -38.07 25.74
N PRO A 615 40.61 -39.02 26.65
CA PRO A 615 41.03 -40.35 26.19
C PRO A 615 40.17 -40.90 25.06
N PHE A 616 38.95 -40.39 24.89
CA PHE A 616 38.02 -40.90 23.90
C PHE A 616 38.17 -40.24 22.54
N LEU A 617 39.01 -39.21 22.42
CA LEU A 617 39.14 -38.46 21.18
C LEU A 617 39.66 -39.33 20.07
N GLN A 618 40.71 -40.12 20.35
CA GLN A 618 41.31 -40.94 19.31
C GLN A 618 40.26 -41.83 18.67
N THR A 619 39.28 -42.29 19.46
CA THR A 619 38.20 -43.13 18.96
C THR A 619 37.08 -42.37 18.28
N ILE A 620 36.66 -41.24 18.86
CA ILE A 620 35.44 -40.58 18.42
C ILE A 620 35.66 -39.76 17.15
N ILE A 621 36.73 -38.96 17.11
CA ILE A 621 36.90 -38.03 15.98
C ILE A 621 36.86 -38.78 14.66
N PRO A 622 37.51 -39.94 14.51
CA PRO A 622 37.41 -40.64 13.22
C PRO A 622 35.98 -40.96 12.84
N GLU A 623 35.12 -41.28 13.82
CA GLU A 623 33.71 -41.50 13.49
C GLU A 623 33.03 -40.20 13.05
N ILE A 624 33.33 -39.09 13.73
CA ILE A 624 32.70 -37.82 13.37
C ILE A 624 33.11 -37.40 11.97
N PHE A 625 34.40 -37.50 11.65
CA PHE A 625 34.85 -37.12 10.32
C PHE A 625 34.11 -37.93 9.27
N LYS A 626 33.90 -39.22 9.55
CA LYS A 626 33.17 -40.09 8.66
C LYS A 626 31.73 -39.60 8.50
N THR A 627 31.07 -39.25 9.61
CA THR A 627 29.70 -38.75 9.56
C THR A 627 29.61 -37.47 8.73
N LEU A 628 30.57 -36.55 8.92
CA LEU A 628 30.48 -35.25 8.25
C LEU A 628 30.70 -35.36 6.75
N GLU A 629 31.47 -36.35 6.29
CA GLU A 629 31.80 -36.50 4.88
C GLU A 629 30.73 -37.24 4.06
N GLN A 630 29.76 -37.89 4.70
CA GLN A 630 28.77 -38.69 3.98
C GLN A 630 28.12 -37.90 2.85
N GLU A 631 27.75 -38.63 1.79
CA GLU A 631 26.88 -38.08 0.76
C GLU A 631 25.54 -37.72 1.35
N GLU A 632 25.01 -36.57 0.95
CA GLU A 632 23.77 -36.10 1.54
C GLU A 632 22.55 -36.43 0.71
N TYR A 633 22.74 -36.80 -0.55
CA TYR A 633 21.68 -37.26 -1.44
C TYR A 633 21.63 -38.77 -1.56
N THR A 660 15.13 -36.06 -2.69
CA THR A 660 16.18 -37.02 -2.40
C THR A 660 17.32 -36.37 -1.60
N VAL A 661 16.97 -35.43 -0.73
CA VAL A 661 17.89 -34.94 0.29
C VAL A 661 17.65 -35.79 1.53
N ASN A 662 18.70 -36.48 2.00
CA ASN A 662 18.56 -37.40 3.11
C ASN A 662 18.51 -36.59 4.40
N THR A 663 17.28 -36.33 4.87
CA THR A 663 17.08 -35.45 6.02
C THR A 663 17.73 -36.02 7.28
N GLY A 664 17.69 -37.35 7.44
CA GLY A 664 18.32 -37.98 8.59
C GLY A 664 19.81 -37.74 8.67
N ILE A 665 20.49 -37.78 7.51
CA ILE A 665 21.92 -37.47 7.50
C ILE A 665 22.16 -35.99 7.80
N ALA A 666 21.23 -35.13 7.44
CA ALA A 666 21.43 -33.70 7.68
C ALA A 666 21.35 -33.40 9.17
N TYR A 667 20.41 -34.03 9.87
CA TYR A 667 20.33 -33.89 11.31
C TYR A 667 21.56 -34.48 11.99
N GLU A 668 21.95 -35.67 11.55
CA GLU A 668 23.14 -36.29 12.12
C GLU A 668 24.37 -35.39 11.97
N LYS A 669 24.54 -34.78 10.79
CA LYS A 669 25.70 -33.93 10.61
C LYS A 669 25.64 -32.71 11.53
N GLU A 670 24.46 -32.11 11.70
CA GLU A 670 24.31 -30.96 12.58
C GLU A 670 24.81 -31.30 13.98
N VAL A 671 24.40 -32.45 14.49
CA VAL A 671 24.72 -32.81 15.86
C VAL A 671 26.16 -33.27 15.99
N ALA A 672 26.68 -33.97 14.98
CA ALA A 672 28.09 -34.36 15.03
C ALA A 672 29.00 -33.15 15.03
N ALA A 673 28.65 -32.13 14.26
CA ALA A 673 29.46 -30.91 14.24
C ALA A 673 29.44 -30.25 15.61
N ALA A 674 28.29 -30.24 16.27
CA ALA A 674 28.21 -29.70 17.61
C ALA A 674 29.02 -30.55 18.59
N ALA A 675 28.99 -31.87 18.44
CA ALA A 675 29.84 -32.72 19.27
C ALA A 675 31.30 -32.37 19.08
N LEU A 676 31.75 -32.23 17.83
CA LEU A 676 33.14 -31.88 17.60
C LEU A 676 33.49 -30.58 18.29
N SER A 677 32.58 -29.59 18.21
CA SER A 677 32.83 -28.30 18.84
C SER A 677 32.97 -28.44 20.33
N GLU A 678 32.03 -29.15 20.97
CA GLU A 678 32.06 -29.30 22.42
C GLU A 678 33.33 -30.04 22.86
N LEU A 679 33.71 -31.08 22.12
CA LEU A 679 34.93 -31.82 22.44
C LEU A 679 36.15 -30.94 22.32
N ALA A 680 36.19 -30.07 21.35
CA ALA A 680 37.31 -29.19 21.20
C ALA A 680 37.40 -28.19 22.34
N ILE A 681 36.30 -27.66 22.80
CA ILE A 681 36.33 -26.77 23.90
C ILE A 681 36.40 -27.47 25.23
N ALA A 682 36.55 -28.75 25.29
CA ALA A 682 36.58 -29.45 26.51
C ALA A 682 37.74 -30.37 26.55
N SER A 683 38.72 -30.22 25.73
CA SER A 683 39.81 -31.11 25.66
C SER A 683 41.02 -30.24 25.83
N LYS A 684 40.96 -29.05 25.27
CA LYS A 684 42.04 -28.09 25.30
C LYS A 684 43.25 -28.68 24.63
N GLU A 685 44.40 -28.58 25.22
CA GLU A 685 45.59 -29.12 24.66
C GLU A 685 45.62 -30.46 23.95
N HIS A 686 44.66 -31.31 24.25
CA HIS A 686 44.49 -32.59 23.63
C HIS A 686 43.57 -32.58 22.40
N PHE A 687 43.42 -31.45 21.74
CA PHE A 687 42.58 -31.35 20.61
C PHE A 687 43.44 -30.61 19.62
N LEU A 688 44.73 -30.64 19.84
CA LEU A 688 45.64 -29.94 19.00
C LEU A 688 46.13 -30.72 17.85
N GLU A 689 45.97 -32.01 17.93
CA GLU A 689 46.36 -32.88 16.87
C GLU A 689 45.20 -32.95 15.92
N TYR A 690 44.02 -32.60 16.38
CA TYR A 690 42.85 -32.68 15.53
C TYR A 690 42.44 -31.35 14.92
N VAL A 691 43.11 -30.25 15.29
CA VAL A 691 42.70 -28.92 14.83
C VAL A 691 42.76 -28.83 13.31
N GLU A 692 43.94 -29.05 12.74
CA GLU A 692 44.09 -28.95 11.29
C GLU A 692 43.20 -29.93 10.54
N PRO A 693 43.14 -31.22 10.92
CA PRO A 693 42.20 -32.11 10.22
C PRO A 693 40.76 -31.68 10.39
N SER A 694 40.36 -31.20 11.58
CA SER A 694 39.00 -30.72 11.76
C SER A 694 38.69 -29.51 10.89
N LEU A 695 39.59 -28.53 10.84
CA LEU A 695 39.35 -27.39 9.94
C LEU A 695 39.26 -27.84 8.48
N LYS A 696 40.08 -28.81 8.07
CA LYS A 696 39.97 -29.25 6.68
C LYS A 696 38.66 -29.96 6.41
N VAL A 697 38.18 -30.79 7.34
CA VAL A 697 36.91 -31.46 7.11
C VAL A 697 35.77 -30.45 7.08
N LEU A 698 35.76 -29.52 8.02
CA LEU A 698 34.66 -28.55 8.10
C LEU A 698 34.67 -27.62 6.89
N ALA A 699 35.84 -27.10 6.52
CA ALA A 699 35.96 -26.26 5.33
C ALA A 699 35.44 -26.97 4.10
N GLU A 700 35.70 -28.27 3.99
CA GLU A 700 35.17 -29.02 2.86
C GLU A 700 33.65 -29.02 2.87
N GLN A 701 33.05 -29.17 4.05
CA GLN A 701 31.60 -29.10 4.19
C GLN A 701 31.05 -27.69 3.89
N VAL A 702 31.75 -26.63 4.30
CA VAL A 702 31.28 -25.29 3.96
C VAL A 702 31.22 -25.12 2.45
N ASN A 703 32.25 -25.59 1.75
CA ASN A 703 32.31 -25.47 0.30
C ASN A 703 31.27 -26.34 -0.38
N GLU A 704 31.03 -27.54 0.14
CA GLU A 704 30.31 -28.51 -0.66
C GLU A 704 28.98 -28.98 -0.10
N SER A 705 28.61 -28.64 1.12
CA SER A 705 27.45 -29.29 1.70
C SER A 705 26.18 -28.53 1.41
N TYR A 706 25.06 -29.24 1.48
CA TYR A 706 23.77 -28.70 1.12
C TYR A 706 23.15 -27.89 2.25
N GLY A 707 23.27 -28.35 3.48
CA GLY A 707 22.60 -27.70 4.57
C GLY A 707 23.45 -27.53 5.81
N LEU A 708 24.74 -27.86 5.71
CA LEU A 708 25.63 -27.79 6.84
C LEU A 708 26.59 -26.61 6.78
N LYS A 709 26.47 -25.74 5.77
CA LYS A 709 27.42 -24.63 5.64
C LYS A 709 27.44 -23.78 6.89
N GLU A 710 26.27 -23.28 7.32
CA GLU A 710 26.28 -22.37 8.44
C GLU A 710 26.87 -23.04 9.66
N THR A 711 26.41 -24.27 9.96
CA THR A 711 26.90 -24.98 11.12
C THR A 711 28.38 -25.34 10.98
N ALA A 712 28.79 -25.79 9.80
CA ALA A 712 30.20 -26.09 9.60
C ALA A 712 31.07 -24.87 9.89
N LEU A 713 30.66 -23.70 9.41
CA LEU A 713 31.46 -22.50 9.65
C LEU A 713 31.43 -22.10 11.12
N HIS A 714 30.28 -22.24 11.74
CA HIS A 714 30.17 -21.95 13.16
C HIS A 714 31.10 -22.85 13.98
N SER A 715 31.20 -24.12 13.60
CA SER A 715 32.05 -25.06 14.29
C SER A 715 33.51 -24.72 14.11
N MSE A 716 33.88 -24.15 12.98
CA MSE A 716 35.26 -23.75 12.73
C MSE A 716 35.68 -22.67 13.71
O MSE A 716 36.81 -22.68 14.22
CB MSE A 716 35.45 -23.25 11.30
CG MSE A 716 35.34 -24.37 10.28
SE MSE A 716 35.58 -23.81 8.40
CE MSE A 716 37.56 -23.59 8.40
N TRP A 717 34.78 -21.73 13.98
CA TRP A 717 35.07 -20.71 14.98
C TRP A 717 35.07 -21.29 16.37
N ALA A 718 34.25 -22.33 16.60
CA ALA A 718 34.34 -23.04 17.88
C ALA A 718 35.70 -23.65 18.05
N ILE A 719 36.25 -24.24 16.98
CA ILE A 719 37.60 -24.78 17.07
C ILE A 719 38.58 -23.66 17.40
N VAL A 720 38.42 -22.50 16.77
CA VAL A 720 39.28 -21.35 17.04
C VAL A 720 39.16 -20.93 18.49
N LYS A 721 37.92 -20.84 18.98
CA LYS A 721 37.71 -20.47 20.37
C LYS A 721 38.42 -21.43 21.31
N ALA A 722 38.42 -22.72 20.99
CA ALA A 722 39.13 -23.70 21.80
C ALA A 722 40.64 -23.47 21.75
N VAL A 723 41.18 -23.25 20.55
CA VAL A 723 42.61 -22.97 20.43
C VAL A 723 42.99 -21.70 21.19
N LEU A 724 42.15 -20.67 21.13
CA LEU A 724 42.49 -19.44 21.84
C LEU A 724 42.42 -19.63 23.35
N LEU A 725 41.45 -20.40 23.83
CA LEU A 725 41.38 -20.64 25.27
C LEU A 725 42.54 -21.53 25.72
N THR A 726 42.86 -22.54 24.93
CA THR A 726 44.00 -23.38 25.28
C THR A 726 45.29 -22.59 25.36
N ALA A 727 45.39 -21.49 24.61
CA ALA A 727 46.55 -20.60 24.71
C ALA A 727 46.41 -19.60 25.86
N ASN A 728 45.37 -19.72 26.67
CA ASN A 728 45.14 -18.87 27.83
C ASN A 728 44.99 -17.40 27.45
N LEU A 729 44.27 -17.16 26.37
CA LEU A 729 43.64 -15.86 26.10
C LEU A 729 42.30 -15.89 26.81
N LYS A 730 42.18 -15.16 27.90
CA LYS A 730 40.94 -15.16 28.65
C LYS A 730 39.92 -14.27 27.98
N GLU A 731 38.66 -14.67 28.07
CA GLU A 731 37.60 -13.99 27.36
C GLU A 731 37.55 -12.54 27.77
N GLY A 732 37.44 -11.65 26.81
CA GLY A 732 37.41 -10.24 27.09
C GLY A 732 38.70 -9.61 27.58
N GLU A 733 39.79 -10.36 27.68
CA GLU A 733 41.06 -9.79 28.16
C GLU A 733 42.02 -9.51 27.01
N TYR A 734 41.60 -8.89 26.01
CA TYR A 734 42.55 -8.65 24.94
C TYR A 734 43.00 -7.20 24.98
N PRO A 735 44.14 -6.88 24.36
CA PRO A 735 44.55 -5.47 24.27
C PRO A 735 43.72 -4.72 23.24
N LYS A 736 43.13 -3.59 23.65
CA LYS A 736 42.30 -2.78 22.75
C LYS A 736 43.13 -2.10 21.66
N GLY A 737 42.45 -1.67 20.61
CA GLY A 737 43.11 -0.89 19.58
C GLY A 737 43.56 -1.75 18.42
N VAL A 738 43.88 -1.09 17.32
CA VAL A 738 44.40 -1.85 16.18
C VAL A 738 45.69 -2.51 16.59
N PRO A 739 45.87 -3.80 16.34
CA PRO A 739 47.13 -4.50 16.69
C PRO A 739 48.17 -4.25 15.61
N SER A 740 49.31 -3.66 16.00
CA SER A 740 50.38 -3.44 15.04
C SER A 740 51.04 -4.74 14.62
N GLY A 741 51.03 -5.73 15.51
CA GLY A 741 51.51 -7.07 15.25
C GLY A 741 50.49 -8.11 15.68
N SER A 742 50.78 -8.86 16.73
CA SER A 742 49.92 -9.95 17.17
C SER A 742 50.09 -10.14 18.66
N TYR A 743 48.98 -10.32 19.37
CA TYR A 743 49.00 -10.73 20.77
C TYR A 743 48.71 -12.21 20.92
N VAL A 744 48.77 -12.94 19.82
CA VAL A 744 48.56 -14.36 19.82
C VAL A 744 49.74 -15.02 19.12
N ASP A 745 50.10 -16.23 19.55
CA ASP A 745 51.30 -16.84 18.98
C ASP A 745 51.02 -17.27 17.55
N ALA A 746 52.09 -17.61 16.82
CA ALA A 746 52.00 -17.79 15.38
C ALA A 746 51.08 -18.96 15.02
N SER A 747 51.09 -20.02 15.83
CA SER A 747 50.20 -21.15 15.56
C SER A 747 48.75 -20.76 15.65
N ALA A 748 48.41 -19.98 16.68
CA ALA A 748 47.04 -19.52 16.87
C ALA A 748 46.63 -18.54 15.77
N LEU A 749 47.52 -17.61 15.42
CA LEU A 749 47.16 -16.63 14.41
C LEU A 749 46.85 -17.32 13.09
N ALA A 750 47.57 -18.40 12.79
CA ALA A 750 47.35 -19.13 11.56
C ALA A 750 45.98 -19.80 11.54
N VAL A 751 45.57 -20.37 12.66
CA VAL A 751 44.22 -20.93 12.76
C VAL A 751 43.18 -19.82 12.60
N ILE A 752 43.42 -18.65 13.21
CA ILE A 752 42.48 -17.55 13.10
C ILE A 752 42.34 -17.12 11.65
N GLN A 753 43.48 -16.96 10.97
CA GLN A 753 43.44 -16.44 9.62
C GLN A 753 42.71 -17.39 8.70
N THR A 754 42.87 -18.69 8.92
CA THR A 754 42.17 -19.69 8.14
C THR A 754 40.67 -19.42 8.16
N VAL A 755 40.09 -19.37 9.36
CA VAL A 755 38.65 -19.22 9.48
C VAL A 755 38.23 -17.81 9.07
N ARG A 756 39.06 -16.80 9.36
CA ARG A 756 38.73 -15.43 8.93
C ARG A 756 38.55 -15.37 7.42
N GLU A 757 39.41 -16.06 6.66
CA GLU A 757 39.28 -16.09 5.19
C GLU A 757 37.96 -16.75 4.78
N VAL A 758 37.66 -17.92 5.34
CA VAL A 758 36.44 -18.62 5.01
C VAL A 758 35.21 -17.78 5.35
N SER A 759 35.26 -17.07 6.48
CA SER A 759 34.13 -16.22 6.84
C SER A 759 33.87 -15.16 5.78
N LEU A 760 34.90 -14.41 5.41
CA LEU A 760 34.69 -13.30 4.48
C LEU A 760 34.34 -13.79 3.09
N ASN A 761 34.83 -14.97 2.69
CA ASN A 761 34.43 -15.52 1.40
C ASN A 761 32.98 -15.97 1.38
N ASN A 762 32.37 -16.21 2.53
CA ASN A 762 30.97 -16.58 2.60
C ASN A 762 30.06 -15.41 2.92
N VAL A 763 30.56 -14.20 2.87
CA VAL A 763 29.69 -13.04 2.94
C VAL A 763 29.84 -12.22 1.66
N ILE A 764 31.05 -12.17 1.11
CA ILE A 764 31.25 -11.49 -0.16
C ILE A 764 30.43 -12.18 -1.25
N GLU A 765 29.52 -11.43 -1.88
CA GLU A 765 28.64 -11.90 -2.96
C GLU A 765 27.68 -12.99 -2.48
N GLU A 766 27.42 -13.10 -1.19
CA GLU A 766 26.60 -14.19 -0.69
C GLU A 766 25.12 -13.90 -0.91
N VAL A 767 24.42 -14.85 -1.55
CA VAL A 767 23.01 -14.61 -1.86
C VAL A 767 22.07 -14.97 -0.71
N GLU A 768 22.41 -15.93 0.15
CA GLU A 768 21.49 -16.32 1.23
C GLU A 768 21.65 -15.41 2.43
N THR A 769 20.57 -14.77 2.85
CA THR A 769 20.66 -13.89 4.01
C THR A 769 20.94 -14.70 5.26
N SER A 770 20.42 -15.92 5.34
CA SER A 770 20.71 -16.75 6.50
C SER A 770 22.21 -16.98 6.61
N MSE A 771 22.91 -17.16 5.49
CA MSE A 771 24.37 -17.31 5.57
C MSE A 771 25.08 -16.04 6.06
O MSE A 771 25.96 -16.12 6.93
CB MSE A 771 24.95 -17.75 4.22
CG MSE A 771 26.51 -17.82 4.16
SE MSE A 771 27.46 -18.92 5.50
CE MSE A 771 26.04 -20.06 5.83
N VAL A 772 24.68 -14.87 5.51
CA VAL A 772 25.22 -13.59 5.98
C VAL A 772 24.90 -13.38 7.45
N ILE A 773 23.63 -13.55 7.85
CA ILE A 773 23.28 -13.39 9.25
C ILE A 773 24.22 -14.22 10.11
N SER A 774 24.41 -15.47 9.71
CA SER A 774 25.19 -16.42 10.51
C SER A 774 26.65 -16.03 10.57
N VAL A 775 27.24 -15.60 9.46
CA VAL A 775 28.63 -15.16 9.49
C VAL A 775 28.79 -13.93 10.37
N PHE A 776 27.90 -12.95 10.25
CA PHE A 776 27.99 -11.75 11.07
C PHE A 776 27.87 -12.07 12.54
N GLN A 777 26.96 -12.99 12.89
CA GLN A 777 26.78 -13.36 14.29
C GLN A 777 28.05 -13.97 14.86
N ASP A 778 28.67 -14.90 14.12
CA ASP A 778 29.92 -15.50 14.57
C ASP A 778 31.01 -14.44 14.71
N LEU A 779 31.13 -13.53 13.74
CA LEU A 779 32.23 -12.57 13.82
C LEU A 779 32.10 -11.64 15.03
N SER A 780 30.88 -11.15 15.28
CA SER A 780 30.63 -10.32 16.46
C SER A 780 30.97 -11.05 17.74
N GLU A 781 30.58 -12.31 17.82
CA GLU A 781 30.79 -13.04 19.05
C GLU A 781 32.29 -13.22 19.31
N MSE A 782 33.03 -13.65 18.30
CA MSE A 782 34.46 -13.86 18.46
C MSE A 782 35.22 -12.54 18.69
O MSE A 782 36.13 -12.49 19.53
CB MSE A 782 34.99 -14.60 17.25
CG MSE A 782 34.35 -15.98 17.12
SE MSE A 782 34.88 -17.18 18.61
CE MSE A 782 36.73 -17.71 18.10
N LEU A 783 34.84 -11.47 17.97
CA LEU A 783 35.41 -10.16 18.25
C LEU A 783 35.15 -9.76 19.69
N ARG A 784 33.96 -10.03 20.22
CA ARG A 784 33.63 -9.67 21.59
C ARG A 784 34.49 -10.44 22.58
N LEU A 785 34.69 -11.73 22.35
CA LEU A 785 35.44 -12.55 23.31
C LEU A 785 36.95 -12.33 23.22
N PHE A 786 37.51 -12.24 22.00
CA PHE A 786 38.95 -12.32 21.81
C PHE A 786 39.57 -11.10 21.13
N GLY A 787 38.77 -10.11 20.74
CA GLY A 787 39.29 -8.84 20.30
C GLY A 787 39.60 -8.79 18.82
N PRO A 788 40.23 -7.69 18.39
CA PRO A 788 40.36 -7.41 16.96
C PRO A 788 41.28 -8.37 16.23
N ILE A 789 42.07 -9.16 16.96
CA ILE A 789 42.91 -10.16 16.32
C ILE A 789 42.11 -11.12 15.49
N ILE A 790 40.82 -11.26 15.76
CA ILE A 790 39.97 -12.11 14.94
C ILE A 790 39.91 -11.59 13.50
N ILE A 791 39.79 -10.28 13.32
CA ILE A 791 39.60 -9.72 11.99
C ILE A 791 40.86 -9.15 11.38
N MSE A 792 41.88 -8.88 12.18
CA MSE A 792 43.06 -8.23 11.65
C MSE A 792 44.28 -8.43 12.53
O MSE A 792 44.16 -8.65 13.73
CB MSE A 792 42.80 -6.75 11.49
CG MSE A 792 43.26 -5.93 12.67
SE MSE A 792 42.72 -4.04 12.59
CE MSE A 792 43.42 -3.53 10.83
N ASP A 793 45.46 -8.38 11.91
CA ASP A 793 46.73 -8.56 12.59
C ASP A 793 47.82 -7.80 11.83
N ASN A 794 48.90 -7.47 12.53
CA ASN A 794 50.08 -6.90 11.86
C ASN A 794 49.74 -5.68 10.99
N GLY A 795 48.87 -4.82 11.51
CA GLY A 795 48.57 -3.57 10.84
C GLY A 795 47.89 -3.68 9.50
N ASP A 796 47.53 -4.88 9.08
CA ASP A 796 46.93 -5.09 7.76
C ASP A 796 45.41 -5.18 7.93
N SER A 797 44.70 -4.20 7.39
CA SER A 797 43.27 -4.09 7.58
C SER A 797 42.47 -4.54 6.37
N THR A 798 43.06 -5.39 5.53
CA THR A 798 42.35 -5.85 4.33
C THR A 798 41.02 -6.50 4.68
N HIS A 799 41.03 -7.45 5.63
CA HIS A 799 39.78 -8.13 5.97
C HIS A 799 38.83 -7.24 6.76
N LEU A 800 39.37 -6.38 7.62
CA LEU A 800 38.53 -5.43 8.32
C LEU A 800 37.76 -4.55 7.34
N ASP A 801 38.46 -4.00 6.35
CA ASP A 801 37.79 -3.14 5.39
C ASP A 801 36.80 -3.93 4.53
N GLN A 802 37.13 -5.18 4.18
CA GLN A 802 36.17 -6.01 3.49
C GLN A 802 34.91 -6.21 4.33
N LEU A 803 35.09 -6.46 5.63
CA LEU A 803 33.96 -6.73 6.51
C LEU A 803 33.07 -5.50 6.61
N CYS A 804 33.67 -4.33 6.88
N CYS A 804 33.65 -4.33 6.92
CA CYS A 804 32.89 -3.10 6.99
CA CYS A 804 32.23 -2.17 7.56
CA CYS A 804 32.82 -3.13 6.99
C CYS A 804 32.17 -2.77 5.69
C CYS A 804 32.12 -2.88 5.67
N ARG A 805 32.84 -3.00 4.55
CA ARG A 805 32.20 -2.80 3.26
C ARG A 805 30.94 -3.64 3.15
N GLU A 806 31.03 -4.92 3.50
CA GLU A 806 29.84 -5.77 3.42
C GLU A 806 28.76 -5.29 4.37
N ALA A 807 29.14 -5.04 5.63
CA ALA A 807 28.18 -4.62 6.64
C ALA A 807 27.51 -3.32 6.23
N LEU A 808 28.31 -2.35 5.79
CA LEU A 808 27.74 -1.09 5.35
C LEU A 808 26.71 -1.32 4.26
N SER A 809 27.05 -2.19 3.32
CA SER A 809 26.15 -2.48 2.21
C SER A 809 24.85 -3.06 2.72
N VAL A 810 24.92 -4.00 3.67
CA VAL A 810 23.72 -4.53 4.28
C VAL A 810 22.90 -3.42 4.93
N LEU A 811 23.57 -2.49 5.65
CA LEU A 811 22.83 -1.40 6.28
C LEU A 811 22.07 -0.58 5.25
N LYS A 812 22.67 -0.39 4.06
CA LYS A 812 22.04 0.35 2.97
C LYS A 812 21.03 -0.47 2.18
N GLY A 813 20.97 -1.79 2.37
CA GLY A 813 20.05 -2.58 1.58
C GLY A 813 20.55 -2.96 0.21
N GLU A 814 21.86 -2.87 -0.01
CA GLU A 814 22.45 -3.03 -1.33
C GLU A 814 23.33 -4.28 -1.47
N HIS A 815 23.33 -5.17 -0.48
CA HIS A 815 24.16 -6.36 -0.54
C HIS A 815 23.51 -7.43 -1.42
N ALA A 816 24.36 -8.30 -1.99
CA ALA A 816 23.88 -9.34 -2.88
C ALA A 816 22.74 -10.14 -2.25
N CYS A 817 22.80 -10.38 -0.93
CA CYS A 817 21.77 -11.19 -0.28
C CYS A 817 20.44 -10.47 -0.17
N GLN A 818 20.41 -9.16 -0.36
CA GLN A 818 19.17 -8.40 -0.36
C GLN A 818 18.62 -8.06 -1.75
N THR A 819 19.48 -7.99 -2.78
CA THR A 819 19.10 -7.52 -4.11
C THR A 819 18.78 -8.64 -5.11
N ILE A 820 18.15 -9.72 -4.69
CA ILE A 820 17.77 -10.73 -5.69
C ILE A 820 16.57 -10.24 -6.50
N LEU A 832 10.63 1.10 3.76
CA LEU A 832 9.70 -0.03 3.71
C LEU A 832 9.60 -0.67 5.09
N ASP A 833 8.51 -1.38 5.34
CA ASP A 833 8.45 -2.24 6.52
C ASP A 833 9.07 -3.60 6.18
N ALA A 834 9.98 -4.07 7.04
CA ALA A 834 10.81 -5.22 6.76
C ALA A 834 10.27 -6.47 7.44
N SER A 835 10.50 -7.63 6.84
CA SER A 835 10.28 -8.87 7.56
C SER A 835 11.19 -8.92 8.79
N GLU A 836 10.90 -9.82 9.71
CA GLU A 836 11.80 -9.98 10.85
C GLU A 836 13.15 -10.57 10.42
N THR A 837 13.16 -11.45 9.44
CA THR A 837 14.43 -11.91 8.93
C THR A 837 15.24 -10.72 8.45
N GLU A 838 14.62 -9.84 7.67
CA GLU A 838 15.31 -8.65 7.20
C GLU A 838 15.75 -7.76 8.38
N ALA A 839 14.93 -7.69 9.44
CA ALA A 839 15.34 -6.94 10.62
C ALA A 839 16.55 -7.57 11.33
N THR A 840 16.61 -8.90 11.35
CA THR A 840 17.75 -9.57 11.95
C THR A 840 19.02 -9.25 11.20
N LEU A 841 18.96 -9.27 9.87
CA LEU A 841 20.12 -8.91 9.07
C LEU A 841 20.59 -7.49 9.43
N LEU A 842 19.65 -6.58 9.64
CA LEU A 842 20.02 -5.23 10.05
C LEU A 842 20.67 -5.24 11.43
N ASP A 843 20.02 -5.87 12.38
CA ASP A 843 20.53 -5.95 13.73
C ASP A 843 21.97 -6.49 13.75
N VAL A 844 22.20 -7.63 13.11
CA VAL A 844 23.52 -8.20 13.18
C VAL A 844 24.52 -7.40 12.36
N ALA A 845 24.07 -6.66 11.35
CA ALA A 845 25.03 -5.80 10.67
C ALA A 845 25.45 -4.66 11.59
N LEU A 846 24.48 -3.99 12.21
CA LEU A 846 24.82 -2.99 13.20
C LEU A 846 25.76 -3.57 14.24
N ASP A 847 25.55 -4.82 14.60
CA ASP A 847 26.29 -5.34 15.72
C ASP A 847 27.75 -5.60 15.37
N ILE A 848 28.09 -5.76 14.09
CA ILE A 848 29.49 -5.76 13.70
C ILE A 848 30.18 -4.46 14.17
N TYR A 849 29.55 -3.31 13.87
CA TYR A 849 30.13 -2.04 14.28
C TYR A 849 30.17 -1.91 15.79
N VAL A 850 29.12 -2.39 16.46
CA VAL A 850 29.10 -2.31 17.92
C VAL A 850 30.33 -3.01 18.48
N ALA A 851 30.53 -4.27 18.08
CA ALA A 851 31.66 -5.05 18.56
C ALA A 851 32.99 -4.40 18.19
N LEU A 852 33.11 -3.83 16.99
CA LEU A 852 34.36 -3.18 16.62
C LEU A 852 34.63 -1.93 17.47
N SER A 853 33.60 -1.14 17.78
CA SER A 853 33.82 0.02 18.63
C SER A 853 34.39 -0.41 19.98
N THR A 854 33.91 -1.51 20.54
CA THR A 854 34.52 -1.96 21.78
C THR A 854 35.92 -2.51 21.56
N ASN A 855 36.19 -3.13 20.41
CA ASN A 855 37.53 -3.65 20.15
C ASN A 855 38.54 -2.53 20.02
N LEU A 856 38.29 -1.64 19.11
CA LEU A 856 39.10 -0.52 18.79
C LEU A 856 39.28 0.72 19.65
N VAL A 857 38.20 1.15 20.27
CA VAL A 857 38.08 2.33 21.09
C VAL A 857 38.39 3.43 20.17
N GLY A 858 39.28 4.32 20.48
CA GLY A 858 39.65 5.41 19.64
C GLY A 858 39.89 5.10 18.19
N GLY A 859 40.50 3.96 17.91
CA GLY A 859 40.78 3.43 16.62
C GLY A 859 39.63 3.19 15.71
N PHE A 860 38.47 3.02 16.24
CA PHE A 860 37.29 2.84 15.52
C PHE A 860 36.80 4.04 14.76
N ALA A 861 37.22 5.24 15.10
CA ALA A 861 36.61 6.43 14.53
C ALA A 861 36.78 6.46 13.02
N GLN A 862 37.95 6.03 12.55
CA GLN A 862 38.19 6.04 11.12
C GLN A 862 37.34 5.00 10.40
N VAL A 863 37.07 3.87 11.04
CA VAL A 863 36.24 2.84 10.41
C VAL A 863 34.79 3.29 10.37
N PHE A 864 34.36 4.01 11.40
CA PHE A 864 32.97 4.40 11.61
C PHE A 864 32.50 5.46 10.62
N THR A 865 33.44 6.19 10.01
CA THR A 865 33.10 7.40 9.27
C THR A 865 32.10 7.14 8.16
N THR A 866 32.25 6.03 7.45
CA THR A 866 31.32 5.77 6.35
C THR A 866 29.97 5.34 6.85
N ALA A 867 29.93 4.56 7.92
CA ALA A 867 28.67 4.03 8.39
C ALA A 867 27.90 5.03 9.22
N LYS A 868 28.58 6.03 9.81
CA LYS A 868 27.92 6.92 10.76
C LYS A 868 26.73 7.66 10.15
N PRO A 869 26.86 8.30 8.99
CA PRO A 869 25.67 8.96 8.41
C PRO A 869 24.51 8.00 8.11
N VAL A 870 24.80 6.79 7.63
CA VAL A 870 23.74 5.80 7.40
C VAL A 870 23.04 5.40 8.69
N ILE A 871 23.80 5.23 9.77
CA ILE A 871 23.17 4.82 11.02
C ILE A 871 22.35 5.95 11.60
N LEU A 872 22.88 7.20 11.56
CA LEU A 872 22.09 8.36 11.96
C LEU A 872 20.81 8.49 11.14
N GLN A 873 20.89 8.18 9.86
CA GLN A 873 19.70 8.17 9.01
C GLN A 873 18.73 7.05 9.38
N LEU A 874 19.23 5.85 9.69
CA LEU A 874 18.33 4.80 10.14
C LEU A 874 17.58 5.18 11.41
N CYS A 875 18.18 6.01 12.27
CA CYS A 875 17.48 6.52 13.45
C CYS A 875 16.23 7.30 13.08
N GLN A 876 16.11 7.75 11.82
CA GLN A 876 14.94 8.49 11.39
C GLN A 876 14.00 7.66 10.56
N SER A 877 14.24 6.36 10.46
CA SER A 877 13.44 5.54 9.56
C SER A 877 11.96 5.66 9.88
N LYS A 878 11.13 5.55 8.84
CA LYS A 878 9.70 5.45 9.08
C LYS A 878 9.36 4.21 9.90
N SER A 879 10.26 3.22 9.94
CA SER A 879 10.03 1.99 10.66
C SER A 879 10.48 2.10 12.10
N LYS A 880 9.57 1.86 13.03
CA LYS A 880 9.90 2.00 14.43
C LYS A 880 10.99 1.02 14.83
N ASN A 881 10.90 -0.23 14.36
CA ASN A 881 11.90 -1.22 14.76
C ASN A 881 13.29 -0.84 14.25
N LYS A 882 13.38 -0.34 13.03
CA LYS A 882 14.69 0.12 12.57
C LYS A 882 15.19 1.25 13.46
N ARG A 883 14.32 2.19 13.80
CA ARG A 883 14.76 3.28 14.67
C ARG A 883 15.24 2.73 16.01
N SER A 884 14.56 1.71 16.52
CA SER A 884 14.95 1.13 17.79
C SER A 884 16.32 0.48 17.71
N PHE A 885 16.59 -0.26 16.63
CA PHE A 885 17.90 -0.90 16.45
C PHE A 885 19.01 0.13 16.32
N ALA A 886 18.76 1.16 15.52
CA ALA A 886 19.79 2.13 15.21
C ALA A 886 20.17 2.92 16.46
N VAL A 887 19.17 3.45 17.17
CA VAL A 887 19.42 4.19 18.39
C VAL A 887 20.09 3.30 19.43
N GLY A 888 19.64 2.05 19.55
CA GLY A 888 20.33 1.13 20.44
C GLY A 888 21.78 0.89 20.05
N ALA A 889 22.06 0.80 18.75
CA ALA A 889 23.41 0.52 18.30
C ALA A 889 24.34 1.73 18.46
N LEU A 890 23.82 2.95 18.21
CA LEU A 890 24.63 4.15 18.39
C LEU A 890 25.05 4.29 19.84
N SER A 891 24.16 3.94 20.76
CA SER A 891 24.50 4.04 22.17
C SER A 891 25.59 3.04 22.53
N GLU A 892 25.51 1.82 22.01
CA GLU A 892 26.56 0.86 22.34
C GLU A 892 27.88 1.26 21.69
N ILE A 893 27.83 1.82 20.47
CA ILE A 893 29.04 2.35 19.85
C ILE A 893 29.64 3.46 20.73
N ALA A 894 28.79 4.32 21.29
CA ALA A 894 29.29 5.37 22.19
C ALA A 894 29.95 4.76 23.42
N LEU A 895 29.37 3.69 23.96
CA LEU A 895 30.01 2.99 25.07
C LEU A 895 31.35 2.40 24.63
N GLY A 896 31.43 1.93 23.39
CA GLY A 896 32.68 1.37 22.91
C GLY A 896 33.81 2.39 22.82
N MSE A 897 33.51 3.60 22.34
CA MSE A 897 34.54 4.62 22.20
C MSE A 897 34.84 5.31 23.52
O MSE A 897 35.98 5.64 23.77
CB MSE A 897 34.19 5.57 21.07
CG MSE A 897 34.20 4.86 19.72
SE MSE A 897 34.11 6.10 18.17
CE MSE A 897 36.07 6.00 17.80
N ARG A 898 33.81 5.51 24.36
CA ARG A 898 33.93 6.25 25.61
C ARG A 898 34.42 7.68 25.38
N ASP A 899 35.45 8.05 26.10
CA ASP A 899 35.96 9.42 26.05
C ASP A 899 36.96 9.59 24.92
N GLU A 900 37.12 8.58 24.06
CA GLU A 900 38.05 8.71 22.93
C GLU A 900 37.24 8.92 21.67
N ASN A 901 35.98 9.23 21.83
CA ASN A 901 35.06 9.33 20.71
C ASN A 901 35.09 10.75 20.16
N PRO A 902 35.57 10.97 18.93
CA PRO A 902 35.62 12.33 18.37
C PRO A 902 34.28 12.89 17.91
N PHE A 903 33.17 12.16 18.03
CA PHE A 903 31.91 12.68 17.52
C PHE A 903 30.86 12.88 18.62
N ILE A 904 31.29 13.07 19.88
CA ILE A 904 30.32 13.06 20.98
C ILE A 904 29.22 14.09 20.73
N GLN A 905 29.60 15.30 20.30
CA GLN A 905 28.60 16.35 20.13
C GLN A 905 27.64 16.05 18.98
N GLU A 906 28.14 15.52 17.87
CA GLU A 906 27.22 15.16 16.80
C GLU A 906 26.26 14.06 17.24
N LEU A 907 26.77 13.03 17.91
CA LEU A 907 25.92 11.91 18.31
C LEU A 907 24.98 12.32 19.43
N LEU A 908 25.49 13.13 20.37
CA LEU A 908 24.68 13.63 21.46
C LEU A 908 23.49 14.42 20.95
N GLU A 909 23.71 15.28 19.97
CA GLU A 909 22.60 16.08 19.50
C GLU A 909 21.61 15.23 18.71
N ALA A 910 22.07 14.14 18.10
CA ALA A 910 21.13 13.30 17.37
C ALA A 910 20.26 12.47 18.32
N LEU A 911 20.86 11.94 19.38
CA LEU A 911 20.06 11.14 20.30
C LEU A 911 19.13 12.01 21.11
N ILE A 912 19.50 13.28 21.33
CA ILE A 912 18.61 14.19 22.03
C ILE A 912 17.38 14.47 21.17
N ILE A 913 17.54 14.55 19.86
CA ILE A 913 16.36 14.70 19.00
C ILE A 913 15.46 13.48 19.11
N SER A 914 16.04 12.28 19.16
CA SER A 914 15.22 11.09 19.34
C SER A 914 14.52 11.12 20.70
N LEU A 915 15.28 11.44 21.74
CA LEU A 915 14.72 11.45 23.08
C LEU A 915 13.55 12.41 23.17
N THR A 916 13.67 13.55 22.50
CA THR A 916 12.70 14.61 22.58
C THR A 916 11.47 14.35 21.70
N ASN A 917 11.67 13.90 20.45
CA ASN A 917 10.58 13.97 19.48
C ASN A 917 10.06 12.63 18.99
N ASP A 918 10.73 11.53 19.29
CA ASP A 918 10.26 10.29 18.73
C ASP A 918 8.93 9.89 19.34
N LYS A 919 8.03 9.39 18.50
CA LYS A 919 6.71 8.99 18.95
C LYS A 919 6.75 7.68 19.72
N SER A 920 7.77 6.86 19.52
CA SER A 920 7.84 5.56 20.18
C SER A 920 8.46 5.69 21.56
N LEU A 921 7.76 5.16 22.57
CA LEU A 921 8.34 5.17 23.90
C LEU A 921 9.64 4.36 23.93
N GLU A 922 9.66 3.22 23.25
CA GLU A 922 10.83 2.35 23.34
C GLU A 922 12.03 2.97 22.64
N VAL A 923 11.82 3.67 21.53
CA VAL A 923 12.90 4.43 20.92
C VAL A 923 13.41 5.49 21.88
N ARG A 924 12.49 6.21 22.53
CA ARG A 924 12.95 7.23 23.47
C ARG A 924 13.68 6.59 24.64
N CYS A 925 13.28 5.39 25.03
CA CYS A 925 13.94 4.67 26.11
C CYS A 925 15.36 4.26 25.74
N ASN A 926 15.55 3.79 24.50
CA ASN A 926 16.88 3.40 24.04
C ASN A 926 17.78 4.60 23.92
N ALA A 927 17.20 5.74 23.53
CA ALA A 927 17.98 6.97 23.38
C ALA A 927 18.48 7.49 24.71
N SER A 928 17.68 7.34 25.76
CA SER A 928 18.08 7.91 27.04
C SER A 928 19.34 7.24 27.57
N TYR A 929 19.55 5.98 27.20
CA TYR A 929 20.80 5.31 27.55
C TYR A 929 21.98 5.94 26.83
N GLY A 930 21.83 6.16 25.54
CA GLY A 930 22.91 6.77 24.80
C GLY A 930 23.17 8.18 25.24
N VAL A 931 22.12 8.91 25.63
CA VAL A 931 22.29 10.30 26.02
C VAL A 931 23.11 10.40 27.30
N GLY A 932 22.80 9.56 28.29
CA GLY A 932 23.58 9.61 29.52
C GLY A 932 25.04 9.27 29.30
N LEU A 933 25.32 8.27 28.48
CA LEU A 933 26.70 7.88 28.21
C LEU A 933 27.46 9.02 27.55
N LEU A 934 26.91 9.60 26.49
CA LEU A 934 27.61 10.64 25.76
C LEU A 934 27.90 11.84 26.68
N ILE A 935 26.96 12.18 27.55
CA ILE A 935 27.21 13.21 28.55
C ILE A 935 28.32 12.76 29.50
N GLU A 936 28.31 11.47 29.88
CA GLU A 936 29.35 11.01 30.80
C GLU A 936 30.72 11.15 30.16
N TYR A 937 30.81 10.88 28.85
CA TYR A 937 32.07 10.94 28.13
C TYR A 937 32.40 12.32 27.60
N SER A 938 31.41 13.22 27.52
CA SER A 938 31.66 14.51 26.91
C SER A 938 32.70 15.26 27.72
N SER A 939 33.41 16.15 27.05
CA SER A 939 34.40 16.98 27.74
C SER A 939 34.15 18.45 27.49
N PHE A 940 33.14 18.77 26.71
CA PHE A 940 32.74 20.13 26.40
C PHE A 940 31.53 20.52 27.27
N ASP A 941 31.10 21.76 27.11
CA ASP A 941 30.10 22.35 27.99
C ASP A 941 28.73 21.91 27.51
N VAL A 942 27.97 21.29 28.40
CA VAL A 942 26.64 20.76 28.09
C VAL A 942 25.57 21.45 28.94
N SER A 943 25.91 22.58 29.56
CA SER A 943 24.95 23.25 30.42
C SER A 943 23.70 23.66 29.66
N ALA A 944 23.86 23.96 28.37
CA ALA A 944 22.71 24.38 27.57
C ALA A 944 21.74 23.23 27.30
N ILE A 945 22.22 21.99 27.29
CA ILE A 945 21.32 20.86 27.03
C ILE A 945 20.70 20.25 28.30
N TYR A 946 21.25 20.54 29.49
CA TYR A 946 20.80 19.81 30.68
C TYR A 946 19.32 20.02 30.96
N SER A 947 18.85 21.27 30.89
CA SER A 947 17.46 21.56 31.22
C SER A 947 16.46 20.97 30.24
N PRO A 948 16.64 21.09 28.92
CA PRO A 948 15.70 20.43 28.01
C PRO A 948 15.70 18.92 28.12
N VAL A 949 16.89 18.33 28.20
CA VAL A 949 16.99 16.88 28.32
C VAL A 949 16.27 16.40 29.57
N LEU A 950 16.42 17.12 30.69
CA LEU A 950 15.76 16.72 31.94
C LEU A 950 14.25 16.79 31.79
N LYS A 951 13.76 17.82 31.11
CA LYS A 951 12.33 17.92 30.86
C LYS A 951 11.85 16.71 30.05
N SER A 952 12.59 16.36 29.01
CA SER A 952 12.20 15.22 28.18
C SER A 952 12.25 13.91 28.95
N LEU A 953 13.31 13.71 29.76
CA LEU A 953 13.42 12.52 30.58
C LEU A 953 12.25 12.40 31.53
N TYR A 954 11.78 13.52 32.06
CA TYR A 954 10.63 13.48 32.97
C TYR A 954 9.34 13.13 32.21
N GLU A 955 9.15 13.68 31.01
CA GLU A 955 7.97 13.32 30.22
C GLU A 955 7.97 11.83 29.89
N ILE A 956 9.13 11.30 29.52
CA ILE A 956 9.26 9.87 29.23
C ILE A 956 8.90 9.06 30.47
N LEU A 957 9.35 9.53 31.62
CA LEU A 957 9.02 8.87 32.87
C LEU A 957 7.52 8.87 33.07
N SER A 958 6.87 9.99 32.74
CA SER A 958 5.44 10.10 32.94
C SER A 958 4.65 9.23 31.98
N VAL A 959 5.07 9.11 30.72
CA VAL A 959 4.35 8.19 29.83
C VAL A 959 4.52 6.74 30.31
N ALA A 960 5.73 6.37 30.74
CA ALA A 960 5.92 5.02 31.28
C ALA A 960 5.13 4.81 32.56
N ASP A 961 4.99 5.85 33.39
CA ASP A 961 4.21 5.70 34.62
C ASP A 961 2.75 5.39 34.30
N GLU A 962 2.20 6.03 33.28
CA GLU A 962 0.80 5.79 32.94
C GLU A 962 0.62 4.39 32.41
N LYS A 963 1.51 3.95 31.52
CA LYS A 963 1.45 2.57 31.04
C LYS A 963 1.53 1.59 32.19
N ASN A 964 2.34 1.90 33.21
CA ASN A 964 2.50 0.99 34.34
C ASN A 964 1.20 0.74 35.10
N LEU A 965 0.21 1.65 34.96
CA LEU A 965 -1.07 1.48 35.66
C LEU A 965 -1.91 0.31 35.13
N ALA A 966 -1.79 -0.03 33.85
CA ALA A 966 -2.56 -1.13 33.27
C ALA A 966 -1.60 -2.09 32.56
N THR A 967 -0.92 -2.95 33.33
CA THR A 967 -0.02 -3.94 32.74
C THR A 967 0.18 -5.18 33.63
N GLU A 968 -0.88 -5.60 34.34
CA GLU A 968 -0.96 -6.95 34.88
C GLU A 968 -1.30 -7.97 33.80
N ASP A 969 -1.29 -7.55 32.54
CA ASP A 969 -1.90 -8.31 31.46
C ASP A 969 -1.07 -8.27 30.18
N ASP A 970 0.08 -7.58 30.17
CA ASP A 970 0.85 -7.29 28.96
C ASP A 970 2.32 -7.13 29.33
N GLU A 971 3.10 -8.20 29.14
CA GLU A 971 4.50 -8.17 29.57
C GLU A 971 5.39 -7.46 28.57
N ALA A 972 5.00 -7.44 27.30
CA ALA A 972 5.79 -6.74 26.28
C ALA A 972 5.90 -5.26 26.60
N THR A 973 4.78 -4.64 26.98
CA THR A 973 4.76 -3.27 27.46
C THR A 973 5.49 -3.17 28.79
N LYS A 974 5.26 -4.14 29.69
CA LYS A 974 5.90 -4.09 31.00
C LYS A 974 7.42 -4.11 30.87
N GLU A 975 7.97 -4.90 29.93
CA GLU A 975 9.42 -4.85 29.71
C GLU A 975 9.86 -3.47 29.19
N ILE A 976 9.12 -2.88 28.25
CA ILE A 976 9.47 -1.53 27.80
C ILE A 976 9.38 -0.55 28.96
N VAL A 977 8.28 -0.59 29.69
CA VAL A 977 8.08 0.30 30.82
C VAL A 977 9.22 0.16 31.82
N ASP A 978 9.54 -1.08 32.21
CA ASP A 978 10.58 -1.30 33.19
C ASP A 978 11.96 -0.88 32.65
N ARG A 979 12.23 -1.14 31.37
CA ARG A 979 13.51 -0.69 30.82
C ARG A 979 13.60 0.84 30.80
N THR A 980 12.47 1.52 30.54
CA THR A 980 12.48 2.98 30.57
C THR A 980 12.83 3.47 31.97
N PHE A 981 12.28 2.84 32.99
CA PHE A 981 12.60 3.27 34.34
C PHE A 981 14.09 3.12 34.60
N SER A 982 14.68 1.98 34.20
CA SER A 982 16.11 1.78 34.40
C SER A 982 16.92 2.77 33.59
N ASN A 983 16.60 2.94 32.32
CA ASN A 983 17.43 3.80 31.48
C ASN A 983 17.34 5.26 31.92
N VAL A 984 16.14 5.75 32.21
CA VAL A 984 16.02 7.15 32.57
C VAL A 984 16.74 7.42 33.88
N CYS A 985 16.53 6.55 34.87
CA CYS A 985 17.25 6.73 36.13
C CYS A 985 18.76 6.64 35.94
N GLY A 986 19.21 5.70 35.11
CA GLY A 986 20.63 5.61 34.85
C GLY A 986 21.19 6.85 34.20
N CYS A 987 20.46 7.40 33.22
CA CYS A 987 20.88 8.59 32.53
C CYS A 987 20.90 9.80 33.47
N VAL A 988 19.89 9.91 34.35
CA VAL A 988 19.83 11.00 35.31
C VAL A 988 20.98 10.89 36.30
N ALA A 989 21.26 9.68 36.79
CA ALA A 989 22.40 9.55 37.69
C ALA A 989 23.69 9.94 36.99
N ARG A 990 23.85 9.53 35.73
CA ARG A 990 25.04 9.90 35.00
C ARG A 990 25.16 11.42 34.87
N MSE A 991 24.05 12.12 34.72
CA MSE A 991 24.08 13.55 34.46
C MSE A 991 24.52 14.24 35.75
O MSE A 991 25.33 15.15 35.71
CB MSE A 991 22.72 14.04 34.01
CG MSE A 991 22.22 13.48 32.63
SE MSE A 991 20.58 14.10 31.94
CE MSE A 991 21.04 16.01 31.66
N ILE A 992 24.01 13.75 36.88
CA ILE A 992 24.33 14.30 38.19
C ILE A 992 25.79 14.09 38.51
N LEU A 993 26.30 12.89 38.22
CA LEU A 993 27.70 12.59 38.49
C LEU A 993 28.60 13.42 37.60
N LYS A 994 28.16 13.70 36.36
CA LYS A 994 28.98 14.49 35.45
C LYS A 994 28.99 15.96 35.85
N HIS A 995 27.80 16.54 36.17
CA HIS A 995 27.68 17.99 36.54
C HIS A 995 26.62 18.15 37.64
N GLN A 996 27.00 17.86 38.88
CA GLN A 996 26.03 17.86 39.97
C GLN A 996 25.34 19.20 40.09
N ASN A 997 26.07 20.28 39.85
CA ASN A 997 25.52 21.58 40.20
C ASN A 997 24.71 22.19 39.08
N LEU A 998 24.47 21.43 38.01
CA LEU A 998 23.48 21.75 36.99
C LEU A 998 22.15 21.04 37.19
N VAL A 999 22.08 20.05 38.07
CA VAL A 999 20.85 19.28 38.31
C VAL A 999 20.29 19.69 39.67
N PRO A 1000 19.09 20.20 39.73
CA PRO A 1000 18.46 20.50 41.03
C PRO A 1000 17.95 19.22 41.68
N LEU A 1001 18.64 18.80 42.75
CA LEU A 1001 18.44 17.50 43.40
C LEU A 1001 17.09 17.37 44.11
N GLU A 1002 16.49 18.47 44.56
CA GLU A 1002 15.34 18.42 45.47
C GLU A 1002 14.19 17.59 44.93
N HIS A 1003 13.91 17.66 43.63
CA HIS A 1003 12.87 16.82 43.04
C HIS A 1003 13.42 15.59 42.34
N THR A 1004 14.67 15.65 41.88
CA THR A 1004 15.25 14.56 41.09
C THR A 1004 15.50 13.32 41.95
N ILE A 1005 16.07 13.50 43.15
CA ILE A 1005 16.36 12.35 44.01
C ILE A 1005 15.09 11.59 44.35
N PRO A 1006 14.01 12.23 44.77
CA PRO A 1006 12.78 11.47 45.04
C PRO A 1006 12.24 10.76 43.81
N ALA A 1007 12.34 11.37 42.63
CA ALA A 1007 11.84 10.68 41.44
C ALA A 1007 12.68 9.45 41.15
N LEU A 1008 13.98 9.54 41.41
CA LEU A 1008 14.86 8.37 41.29
C LEU A 1008 14.48 7.28 42.28
N LEU A 1009 14.31 7.65 43.55
CA LEU A 1009 14.04 6.62 44.56
C LEU A 1009 12.72 5.92 44.31
N SER A 1010 11.72 6.62 43.76
CA SER A 1010 10.43 6.00 43.54
C SER A 1010 10.46 4.94 42.45
N HIS A 1011 11.51 4.91 41.62
CA HIS A 1011 11.59 3.91 40.56
C HIS A 1011 12.62 2.83 40.85
N LEU A 1012 13.16 2.78 42.10
CA LEU A 1012 14.08 1.81 42.65
C LEU A 1012 13.38 0.95 43.69
N PRO A 1013 13.65 -0.36 43.76
CA PRO A 1013 14.56 -1.16 42.94
C PRO A 1013 14.11 -1.31 41.52
N PHE A 1014 15.03 -1.68 40.63
CA PHE A 1014 14.68 -1.99 39.26
C PHE A 1014 14.17 -3.43 39.15
N ASN A 1015 13.50 -3.72 38.03
CA ASN A 1015 13.03 -5.07 37.69
C ASN A 1015 13.76 -5.66 36.50
N THR A 1016 14.53 -4.87 35.78
CA THR A 1016 15.29 -5.35 34.65
C THR A 1016 16.41 -4.35 34.37
N ALA A 1017 17.31 -4.72 33.47
CA ALA A 1017 18.40 -3.84 33.10
C ALA A 1017 19.21 -3.39 34.33
N PHE A 1018 19.63 -4.37 35.12
CA PHE A 1018 20.34 -4.07 36.35
C PHE A 1018 21.68 -3.39 36.12
N GLU A 1019 22.18 -3.37 34.89
CA GLU A 1019 23.41 -2.63 34.60
C GLU A 1019 23.26 -1.15 34.92
N GLU A 1020 22.03 -0.63 34.94
CA GLU A 1020 21.83 0.78 35.22
C GLU A 1020 21.96 1.08 36.70
N TYR A 1021 22.02 0.07 37.56
CA TYR A 1021 22.38 0.31 38.95
C TYR A 1021 23.76 0.93 39.07
N ASP A 1022 24.65 0.68 38.11
CA ASP A 1022 26.04 1.07 38.30
C ASP A 1022 26.18 2.57 38.51
N PRO A 1023 25.66 3.45 37.65
CA PRO A 1023 25.69 4.88 37.98
C PRO A 1023 24.88 5.23 39.22
N ILE A 1024 23.81 4.48 39.54
CA ILE A 1024 23.03 4.85 40.70
C ILE A 1024 23.78 4.54 42.00
N PHE A 1025 24.45 3.39 42.07
CA PHE A 1025 25.24 3.10 43.28
C PHE A 1025 26.37 4.12 43.46
N LYS A 1026 27.04 4.49 42.37
CA LYS A 1026 28.08 5.50 42.47
C LYS A 1026 27.52 6.82 42.96
N LEU A 1027 26.31 7.14 42.52
CA LEU A 1027 25.68 8.37 42.98
C LEU A 1027 25.38 8.30 44.47
N PHE A 1028 24.86 7.16 44.93
CA PHE A 1028 24.58 7.00 46.36
C PHE A 1028 25.86 7.07 47.19
N LEU A 1029 26.96 6.53 46.66
CA LEU A 1029 28.23 6.63 47.37
C LEU A 1029 28.64 8.08 47.53
N LYS A 1030 28.49 8.87 46.47
CA LYS A 1030 28.87 10.29 46.52
C LYS A 1030 27.94 11.11 47.44
N LEU A 1031 26.62 10.90 47.36
CA LEU A 1031 25.72 11.69 48.19
C LEU A 1031 25.89 11.38 49.68
N PHE A 1032 26.02 10.10 50.04
CA PHE A 1032 26.24 9.80 51.46
C PHE A 1032 27.60 10.27 51.95
N GLN A 1033 28.64 10.16 51.12
CA GLN A 1033 29.93 10.63 51.59
C GLN A 1033 29.92 12.15 51.86
N GLU A 1034 29.19 12.94 51.07
CA GLU A 1034 29.04 14.37 51.36
C GLU A 1034 27.94 14.64 52.35
N GLN A 1035 27.34 13.62 52.92
CA GLN A 1035 26.25 13.85 53.87
C GLN A 1035 25.24 14.81 53.23
N ASN A 1036 24.90 14.54 51.97
CA ASN A 1036 23.96 15.38 51.28
C ASN A 1036 22.62 15.32 51.99
N SER A 1037 22.00 16.47 52.22
CA SER A 1037 20.77 16.49 52.98
C SER A 1037 19.70 15.64 52.32
N THR A 1038 19.64 15.66 50.99
CA THR A 1038 18.54 15.00 50.29
C THR A 1038 18.52 13.49 50.54
N ILE A 1039 19.67 12.82 50.38
CA ILE A 1039 19.71 11.40 50.63
C ILE A 1039 19.63 11.08 52.12
N ILE A 1040 20.12 12.00 52.97
CA ILE A 1040 20.20 11.71 54.40
C ILE A 1040 18.82 11.48 54.98
N ASN A 1041 17.83 12.26 54.58
CA ASN A 1041 16.50 11.95 55.07
C ASN A 1041 15.91 10.68 54.43
N GLU A 1042 16.50 10.21 53.33
CA GLU A 1042 15.96 9.08 52.58
C GLU A 1042 16.59 7.74 52.98
N ALA A 1043 17.25 7.67 54.15
CA ALA A 1043 18.01 6.48 54.48
C ALA A 1043 17.16 5.22 54.59
N PRO A 1044 15.92 5.24 55.08
CA PRO A 1044 15.13 3.99 55.05
C PRO A 1044 14.91 3.47 53.64
N LYS A 1045 14.58 4.33 52.69
CA LYS A 1045 14.34 3.84 51.34
C LYS A 1045 15.61 3.27 50.73
N VAL A 1046 16.78 3.87 51.04
CA VAL A 1046 18.04 3.40 50.47
C VAL A 1046 18.43 2.05 51.05
N ILE A 1047 18.29 1.87 52.37
CA ILE A 1047 18.65 0.56 52.90
C ILE A 1047 17.63 -0.46 52.42
N ALA A 1048 16.39 -0.03 52.22
CA ALA A 1048 15.40 -0.95 51.68
C ALA A 1048 15.75 -1.37 50.25
N ILE A 1049 16.29 -0.45 49.44
CA ILE A 1049 16.65 -0.81 48.08
C ILE A 1049 17.78 -1.83 48.08
N PHE A 1050 18.82 -1.60 48.90
CA PHE A 1050 19.89 -2.58 48.98
C PHE A 1050 19.40 -3.91 49.56
N ALA A 1051 18.32 -3.88 50.35
CA ALA A 1051 17.78 -5.14 50.84
C ALA A 1051 17.27 -5.97 49.68
N THR A 1052 16.60 -5.34 48.73
CA THR A 1052 16.19 -6.05 47.51
C THR A 1052 17.41 -6.49 46.72
N VAL A 1053 18.37 -5.58 46.52
CA VAL A 1053 19.50 -5.87 45.63
C VAL A 1053 20.29 -7.07 46.15
N PHE A 1054 20.50 -7.16 47.46
CA PHE A 1054 21.34 -8.23 47.99
C PHE A 1054 20.59 -9.57 48.06
N GLU A 1055 19.29 -9.53 48.32
CA GLU A 1055 18.48 -10.73 48.19
C GLU A 1055 18.55 -11.26 46.77
N LYS A 1056 18.40 -10.37 45.77
CA LYS A 1056 18.51 -10.77 44.38
C LYS A 1056 19.87 -11.37 44.09
N GLU A 1057 20.92 -10.78 44.66
CA GLU A 1057 22.26 -11.28 44.41
C GLU A 1057 22.44 -12.68 44.99
N SER A 1058 21.87 -12.94 46.17
CA SER A 1058 22.04 -14.27 46.74
C SER A 1058 21.24 -15.30 45.93
N GLU A 1059 20.01 -14.98 45.51
CA GLU A 1059 19.30 -15.89 44.63
C GLU A 1059 20.09 -16.17 43.36
N ARG A 1060 20.71 -15.14 42.81
CA ARG A 1060 21.49 -15.34 41.59
C ARG A 1060 22.63 -16.32 41.83
N ILE A 1061 23.29 -16.21 42.97
CA ILE A 1061 24.43 -17.09 43.26
C ILE A 1061 23.98 -18.52 43.46
N GLU A 1062 22.83 -18.70 44.12
CA GLU A 1062 22.29 -20.03 44.30
C GLU A 1062 21.81 -20.62 42.97
N LEU A 1063 21.11 -19.83 42.18
CA LEU A 1063 20.66 -20.32 40.88
C LEU A 1063 21.85 -20.77 40.05
N GLU A 1064 22.98 -20.06 40.15
CA GLU A 1064 24.15 -20.44 39.38
C GLU A 1064 24.73 -21.78 39.81
N THR A 1065 24.77 -22.06 41.12
CA THR A 1065 25.37 -23.31 41.56
C THR A 1065 24.45 -24.49 41.28
N ASN A 1066 23.14 -24.31 41.38
CA ASN A 1066 22.22 -25.40 41.11
C ASN A 1066 22.00 -25.68 39.61
N SER A 1067 22.18 -24.70 38.75
CA SER A 1067 21.60 -24.83 37.42
C SER A 1067 22.24 -25.97 36.63
N THR A 1068 21.57 -26.38 35.56
CA THR A 1068 22.11 -27.38 34.66
C THR A 1068 23.33 -26.81 33.95
N LEU A 1069 24.32 -27.66 33.69
CA LEU A 1069 25.52 -27.20 33.01
C LEU A 1069 25.18 -26.60 31.66
N GLY A 1070 25.88 -25.53 31.31
CA GLY A 1070 25.70 -24.92 30.00
C GLY A 1070 24.44 -24.11 29.81
N ARG A 1071 23.92 -23.45 30.85
CA ARG A 1071 22.81 -22.52 30.60
C ARG A 1071 23.23 -21.09 30.94
N GLU A 1072 24.34 -20.64 30.36
CA GLU A 1072 24.94 -19.35 30.70
C GLU A 1072 24.53 -18.23 29.75
N GLU A 1073 23.29 -18.27 29.22
CA GLU A 1073 22.80 -17.21 28.36
C GLU A 1073 22.67 -15.89 29.11
N ASN A 1074 21.94 -15.92 30.24
CA ASN A 1074 21.55 -14.74 31.02
C ASN A 1074 22.54 -14.38 32.12
N LEU A 1075 23.77 -14.88 32.05
CA LEU A 1075 24.68 -14.76 33.18
C LEU A 1075 24.99 -13.30 33.51
N GLU A 1076 25.47 -12.54 32.52
CA GLU A 1076 25.83 -11.15 32.76
C GLU A 1076 24.63 -10.32 33.16
N LYS A 1077 23.48 -10.57 32.52
CA LYS A 1077 22.31 -9.74 32.76
C LYS A 1077 21.67 -9.98 34.13
N ARG A 1078 21.84 -11.16 34.72
CA ARG A 1078 21.19 -11.35 36.02
C ARG A 1078 21.98 -10.70 37.15
N LYS A 1079 23.22 -10.29 36.90
CA LYS A 1079 24.08 -9.71 37.91
C LYS A 1079 23.53 -8.40 38.44
N GLN A 1080 23.59 -8.23 39.77
CA GLN A 1080 23.24 -6.96 40.43
C GLN A 1080 24.38 -5.96 40.46
N PHE A 1081 25.63 -6.41 40.36
CA PHE A 1081 26.80 -5.54 40.44
C PHE A 1081 27.67 -5.74 39.22
N GLN A 1082 28.07 -4.66 38.59
CA GLN A 1082 28.91 -4.76 37.42
C GLN A 1082 30.36 -5.09 37.74
N SER A 1083 30.77 -4.96 39.00
CA SER A 1083 32.14 -5.26 39.40
C SER A 1083 32.19 -5.64 40.87
N GLU A 1084 33.15 -6.49 41.22
CA GLU A 1084 33.34 -6.79 42.64
C GLU A 1084 33.69 -5.52 43.40
N GLU A 1085 34.42 -4.61 42.75
CA GLU A 1085 34.82 -3.37 43.43
C GLU A 1085 33.59 -2.56 43.87
N ILE A 1086 32.63 -2.35 42.95
CA ILE A 1086 31.48 -1.52 43.31
C ILE A 1086 30.63 -2.24 44.33
N LYS A 1087 30.62 -3.57 44.28
CA LYS A 1087 29.93 -4.35 45.30
C LYS A 1087 30.52 -4.11 46.68
N GLN A 1088 31.85 -4.18 46.78
CA GLN A 1088 32.47 -4.01 48.10
C GLN A 1088 32.31 -2.59 48.62
N GLN A 1089 32.42 -1.59 47.73
CA GLN A 1089 32.16 -0.21 48.15
C GLN A 1089 30.79 -0.07 48.77
N VAL A 1090 29.79 -0.73 48.19
CA VAL A 1090 28.43 -0.67 48.72
C VAL A 1090 28.35 -1.32 50.10
N ILE A 1091 29.10 -2.39 50.31
CA ILE A 1091 29.06 -3.05 51.61
C ILE A 1091 29.64 -2.13 52.68
N GLU A 1092 30.78 -1.50 52.40
CA GLU A 1092 31.31 -0.50 53.34
C GLU A 1092 30.30 0.62 53.58
N LEU A 1093 29.61 1.08 52.54
CA LEU A 1093 28.60 2.11 52.73
C LEU A 1093 27.53 1.64 53.70
N LEU A 1094 27.08 0.38 53.56
CA LEU A 1094 26.07 -0.11 54.50
C LEU A 1094 26.66 -0.28 55.90
N LYS A 1095 27.98 -0.48 55.99
CA LYS A 1095 28.63 -0.51 57.29
C LYS A 1095 28.57 0.86 57.95
N HIS A 1096 28.92 1.93 57.22
CA HIS A 1096 28.78 3.28 57.78
C HIS A 1096 27.34 3.54 58.17
N LEU A 1097 26.42 3.25 57.26
CA LEU A 1097 25.02 3.61 57.49
C LEU A 1097 24.51 2.94 58.74
N ASN A 1098 25.00 1.73 59.03
CA ASN A 1098 24.68 1.05 60.28
C ASN A 1098 25.26 1.77 61.50
N GLN A 1099 26.40 2.48 61.35
CA GLN A 1099 26.96 3.30 62.44
C GLN A 1099 26.15 4.57 62.67
N GLN A 1100 25.61 5.18 61.63
CA GLN A 1100 24.62 6.23 61.81
C GLN A 1100 23.27 5.53 61.90
N PHE A 1101 22.20 6.28 62.00
CA PHE A 1101 20.86 5.70 62.06
C PHE A 1101 20.75 4.50 63.01
N ASN A 1102 21.63 4.43 64.01
CA ASN A 1102 21.47 3.56 65.17
C ASN A 1102 21.15 2.12 64.76
N GLY A 1103 21.96 1.59 63.87
CA GLY A 1103 21.82 0.21 63.45
C GLY A 1103 20.63 -0.07 62.56
N ALA A 1104 20.26 0.87 61.69
CA ALA A 1104 19.13 0.63 60.78
C ALA A 1104 19.38 -0.58 59.88
N VAL A 1105 20.63 -0.78 59.47
CA VAL A 1105 20.96 -1.84 58.51
C VAL A 1105 20.84 -3.22 59.15
N ALA A 1106 21.40 -3.38 60.34
CA ALA A 1106 21.33 -4.68 61.01
C ALA A 1106 19.89 -5.13 61.20
N GLN A 1107 18.96 -4.20 61.47
CA GLN A 1107 17.56 -4.58 61.66
C GLN A 1107 17.05 -5.44 60.52
N ASN A 1108 17.54 -5.20 59.31
CA ASN A 1108 17.09 -5.94 58.13
C ASN A 1108 17.85 -7.26 58.04
N PRO A 1109 17.14 -8.41 57.98
CA PRO A 1109 17.83 -9.71 57.98
C PRO A 1109 18.85 -9.88 56.86
N VAL A 1110 18.48 -9.48 55.65
CA VAL A 1110 19.35 -9.64 54.49
C VAL A 1110 20.64 -8.87 54.69
N LEU A 1111 20.55 -7.61 55.09
CA LEU A 1111 21.78 -6.83 55.14
C LEU A 1111 22.61 -7.14 56.38
N ALA A 1112 21.98 -7.53 57.50
CA ALA A 1112 22.76 -7.98 58.64
C ALA A 1112 23.74 -9.05 58.22
N GLN A 1113 23.32 -9.93 57.31
CA GLN A 1113 24.18 -11.01 56.84
C GLN A 1113 25.37 -10.47 56.04
N VAL A 1114 25.15 -9.42 55.23
CA VAL A 1114 26.21 -8.83 54.40
C VAL A 1114 27.13 -7.90 55.20
N ILE A 1115 26.59 -7.25 56.25
CA ILE A 1115 27.34 -6.23 56.97
C ILE A 1115 28.41 -6.84 57.86
N ALA A 1116 28.15 -7.99 58.45
CA ALA A 1116 29.13 -8.58 59.36
C ALA A 1116 30.26 -9.24 58.59
N LEU B 44 -37.26 34.11 36.76
CA LEU B 44 -36.43 32.92 36.82
C LEU B 44 -36.82 31.97 37.99
N PRO B 45 -36.77 32.46 39.24
CA PRO B 45 -37.16 31.58 40.35
C PRO B 45 -38.59 31.09 40.21
N ALA B 46 -39.47 31.98 39.75
CA ALA B 46 -40.84 31.62 39.37
C ALA B 46 -40.87 30.32 38.58
N LEU B 47 -40.17 30.28 37.44
CA LEU B 47 -40.26 29.11 36.58
C LEU B 47 -39.67 27.87 37.24
N ILE B 48 -38.59 28.02 38.01
CA ILE B 48 -37.98 26.85 38.65
C ILE B 48 -38.86 26.38 39.80
N HIS B 49 -39.63 27.27 40.42
CA HIS B 49 -40.59 26.84 41.43
C HIS B 49 -41.63 25.91 40.83
N ILE B 50 -42.15 26.25 39.65
CA ILE B 50 -43.20 25.46 39.01
C ILE B 50 -42.64 24.21 38.35
N LEU B 51 -41.41 24.28 37.80
CA LEU B 51 -40.66 23.07 37.47
C LEU B 51 -40.66 22.09 38.65
N GLN B 52 -40.38 22.61 39.85
CA GLN B 52 -40.20 21.77 41.02
C GLN B 52 -41.46 20.98 41.35
N ASN B 53 -42.55 21.70 41.64
CA ASN B 53 -43.67 21.11 42.37
C ASN B 53 -44.99 21.28 41.64
N SER B 54 -44.97 21.31 40.31
CA SER B 54 -46.19 21.45 39.54
C SER B 54 -46.96 20.13 39.50
N SER B 55 -48.30 20.24 39.49
CA SER B 55 -49.17 19.07 39.42
C SER B 55 -49.06 18.33 38.10
N ASN B 56 -48.57 18.99 37.04
CA ASN B 56 -48.56 18.42 35.69
C ASN B 56 -47.13 18.23 35.20
N ASP B 57 -46.89 17.09 34.54
CA ASP B 57 -45.55 16.75 34.09
C ASP B 57 -45.18 17.50 32.81
N GLY B 58 -46.14 17.66 31.90
CA GLY B 58 -45.91 18.50 30.73
C GLY B 58 -45.70 19.96 31.09
N ILE B 59 -46.39 20.44 32.13
CA ILE B 59 -46.19 21.80 32.61
C ILE B 59 -44.77 21.97 33.15
N LYS B 60 -44.42 21.22 34.21
CA LYS B 60 -43.10 21.35 34.80
C LYS B 60 -41.99 21.12 33.78
N GLN B 61 -42.31 20.46 32.66
CA GLN B 61 -41.31 20.11 31.65
C GLN B 61 -41.01 21.29 30.74
N LEU B 62 -42.05 21.89 30.16
CA LEU B 62 -41.89 23.16 29.46
C LEU B 62 -41.18 24.17 30.35
N ALA B 63 -41.68 24.35 31.58
CA ALA B 63 -41.04 25.20 32.59
C ALA B 63 -39.53 24.99 32.64
N GLY B 64 -39.08 23.74 32.58
CA GLY B 64 -37.65 23.48 32.64
C GLY B 64 -36.92 24.08 31.46
N VAL B 65 -37.50 23.96 30.26
CA VAL B 65 -36.92 24.56 29.06
C VAL B 65 -36.91 26.09 29.14
N GLU B 66 -37.84 26.67 29.92
CA GLU B 66 -37.99 28.12 29.99
C GLU B 66 -37.01 28.75 30.98
N ALA B 67 -37.01 28.28 32.23
CA ALA B 67 -35.99 28.73 33.19
C ALA B 67 -34.61 28.74 32.54
N ARG B 68 -34.32 27.68 31.77
CA ARG B 68 -33.02 27.54 31.11
C ARG B 68 -32.63 28.79 30.31
N LYS B 69 -33.54 29.26 29.44
CA LYS B 69 -33.25 30.44 28.63
C LYS B 69 -33.15 31.70 29.47
N GLN B 70 -33.72 31.70 30.67
CA GLN B 70 -33.70 32.87 31.53
C GLN B 70 -32.65 32.77 32.62
N VAL B 71 -31.77 31.77 32.56
CA VAL B 71 -30.63 31.75 33.46
C VAL B 71 -29.65 32.85 33.08
N SER B 72 -29.21 32.85 31.82
CA SER B 72 -28.24 33.84 31.38
C SER B 72 -28.65 35.24 31.80
N LYS B 73 -29.88 35.64 31.42
CA LYS B 73 -30.30 37.01 31.70
C LYS B 73 -30.44 37.24 33.20
N HIS B 74 -31.14 36.35 33.90
CA HIS B 74 -31.72 36.71 35.18
C HIS B 74 -30.99 36.14 36.40
N TRP B 75 -30.08 35.18 36.24
CA TRP B 75 -29.30 34.74 37.39
C TRP B 75 -28.20 35.76 37.69
N GLY B 76 -27.70 35.73 38.92
CA GLY B 76 -26.82 36.78 39.40
C GLY B 76 -27.54 38.02 39.89
N SER B 77 -28.83 38.16 39.58
CA SER B 77 -29.66 39.19 40.17
C SER B 77 -30.62 38.52 41.14
N LEU B 78 -30.10 37.61 41.95
CA LEU B 78 -30.82 36.98 43.04
C LEU B 78 -29.96 37.07 44.30
N ASP B 79 -30.63 37.20 45.44
CA ASP B 79 -29.93 37.16 46.72
C ASP B 79 -29.08 35.89 46.82
N ALA B 80 -27.90 36.02 47.43
CA ALA B 80 -26.97 34.88 47.50
C ALA B 80 -27.62 33.68 48.18
N ALA B 81 -28.52 33.91 49.14
CA ALA B 81 -29.19 32.82 49.84
C ALA B 81 -30.36 32.25 49.05
N THR B 82 -30.95 33.04 48.13
CA THR B 82 -31.97 32.45 47.26
C THR B 82 -31.33 31.58 46.18
N GLN B 83 -30.09 31.90 45.79
CA GLN B 83 -29.35 31.05 44.85
C GLN B 83 -29.00 29.71 45.48
N THR B 84 -28.52 29.73 46.72
CA THR B 84 -28.13 28.49 47.37
C THR B 84 -29.32 27.53 47.51
N SER B 85 -30.52 28.08 47.74
CA SER B 85 -31.70 27.23 47.88
C SER B 85 -32.14 26.68 46.51
N VAL B 86 -32.14 27.51 45.46
CA VAL B 86 -32.47 27.01 44.13
C VAL B 86 -31.50 25.90 43.72
N LYS B 87 -30.22 26.06 44.08
CA LYS B 87 -29.17 25.15 43.66
C LYS B 87 -29.39 23.72 44.17
N GLN B 88 -29.99 23.54 45.34
CA GLN B 88 -30.14 22.18 45.87
C GLN B 88 -31.51 21.58 45.60
N SER B 89 -32.54 22.39 45.40
CA SER B 89 -33.81 21.83 44.97
C SER B 89 -33.70 21.22 43.57
N LEU B 90 -32.85 21.79 42.72
CA LEU B 90 -32.69 21.23 41.38
C LEU B 90 -31.98 19.88 41.45
N LEU B 91 -30.88 19.82 42.21
CA LEU B 91 -30.13 18.57 42.33
C LEU B 91 -31.00 17.43 42.87
N ASN B 92 -31.75 17.70 43.93
CA ASN B 92 -32.59 16.65 44.49
C ASN B 92 -33.65 16.23 43.47
N SER B 93 -34.31 17.19 42.84
CA SER B 93 -35.27 16.82 41.80
C SER B 93 -34.57 16.16 40.61
N ALA B 94 -33.35 16.59 40.29
CA ALA B 94 -32.63 16.02 39.17
C ALA B 94 -32.30 14.54 39.40
N PHE B 95 -31.99 14.16 40.65
CA PHE B 95 -31.61 12.77 40.95
C PHE B 95 -32.76 11.93 41.50
N ASN B 96 -33.86 12.55 41.92
CA ASN B 96 -34.94 11.80 42.55
C ASN B 96 -36.19 11.72 41.70
N GLU B 97 -36.43 12.71 40.84
CA GLU B 97 -37.63 12.68 40.00
C GLU B 97 -37.69 11.40 39.20
N GLY B 98 -38.92 10.96 38.94
CA GLY B 98 -39.18 9.73 38.23
C GLY B 98 -38.84 9.80 36.76
N LYS B 99 -39.62 10.58 35.99
CA LYS B 99 -39.57 10.51 34.54
C LYS B 99 -38.29 11.13 33.99
N ASP B 100 -37.76 10.54 32.93
CA ASP B 100 -36.46 10.98 32.40
C ASP B 100 -36.52 12.43 31.91
N ALA B 101 -37.57 12.78 31.17
CA ALA B 101 -37.66 14.14 30.63
C ALA B 101 -37.65 15.17 31.74
N VAL B 102 -38.21 14.84 32.91
CA VAL B 102 -38.19 15.77 34.03
C VAL B 102 -36.81 15.85 34.68
N ARG B 103 -36.05 14.75 34.67
CA ARG B 103 -34.68 14.81 35.17
C ARG B 103 -33.80 15.61 34.23
N HIS B 104 -33.91 15.34 32.92
CA HIS B 104 -33.16 16.12 31.93
C HIS B 104 -33.48 17.60 32.05
N ALA B 105 -34.74 17.94 32.28
CA ALA B 105 -35.09 19.34 32.46
C ALA B 105 -34.30 19.95 33.61
N ASN B 106 -34.37 19.31 34.78
CA ASN B 106 -33.58 19.80 35.91
C ASN B 106 -32.09 19.78 35.59
N ALA B 107 -31.60 18.73 34.92
CA ALA B 107 -30.17 18.68 34.64
C ALA B 107 -29.72 19.89 33.81
N ARG B 108 -30.45 20.21 32.75
CA ARG B 108 -30.09 21.35 31.89
C ARG B 108 -30.17 22.66 32.64
N VAL B 109 -31.11 22.80 33.58
CA VAL B 109 -31.12 24.02 34.38
C VAL B 109 -29.89 24.08 35.26
N ILE B 110 -29.52 22.94 35.86
CA ILE B 110 -28.28 22.85 36.63
C ILE B 110 -27.11 23.22 35.74
N ALA B 111 -27.09 22.68 34.52
CA ALA B 111 -25.98 22.94 33.62
C ALA B 111 -25.87 24.42 33.31
N SER B 112 -26.97 25.03 32.88
CA SER B 112 -26.94 26.45 32.56
C SER B 112 -26.53 27.30 33.76
N ILE B 113 -27.04 26.99 34.94
CA ILE B 113 -26.60 27.73 36.12
C ILE B 113 -25.14 27.46 36.39
N GLY B 114 -24.70 26.21 36.23
CA GLY B 114 -23.31 25.89 36.50
C GLY B 114 -22.35 26.68 35.63
N SER B 115 -22.74 26.92 34.37
CA SER B 115 -21.93 27.75 33.50
C SER B 115 -21.83 29.15 34.05
N GLU B 116 -22.92 29.65 34.63
CA GLU B 116 -22.93 31.02 35.16
C GLU B 116 -22.02 31.14 36.38
N GLU B 117 -22.18 30.25 37.37
CA GLU B 117 -21.39 30.36 38.59
C GLU B 117 -19.91 30.08 38.34
N LEU B 118 -19.58 29.19 37.41
CA LEU B 118 -18.17 28.99 37.07
C LEU B 118 -17.50 30.29 36.71
N ASP B 119 -18.26 31.22 36.09
CA ASP B 119 -17.72 32.50 35.65
C ASP B 119 -17.26 33.37 36.82
N GLU B 120 -17.96 33.29 37.96
CA GLU B 120 -17.52 33.92 39.19
C GLU B 120 -17.01 32.89 40.19
N LYS B 121 -16.76 31.65 39.75
CA LYS B 121 -16.28 30.57 40.60
C LYS B 121 -17.11 30.43 41.88
N LYS B 122 -18.43 30.56 41.75
CA LYS B 122 -19.31 30.63 42.90
C LYS B 122 -19.99 29.29 43.25
N TRP B 123 -19.80 28.22 42.47
CA TRP B 123 -20.38 26.91 42.80
C TRP B 123 -19.30 25.83 42.80
N PRO B 124 -18.22 26.04 43.55
CA PRO B 124 -17.04 25.18 43.40
C PRO B 124 -17.27 23.72 43.73
N GLU B 125 -18.34 23.39 44.47
CA GLU B 125 -18.63 22.01 44.82
C GLU B 125 -19.36 21.23 43.71
N LEU B 126 -19.95 21.90 42.72
CA LEU B 126 -20.81 21.20 41.77
C LEU B 126 -20.06 20.11 41.01
N ILE B 127 -18.94 20.46 40.37
CA ILE B 127 -18.22 19.47 39.57
C ILE B 127 -17.69 18.34 40.45
N PRO B 128 -17.08 18.61 41.63
CA PRO B 128 -16.60 17.47 42.45
C PRO B 128 -17.71 16.53 42.90
N ASN B 129 -18.89 17.07 43.23
CA ASN B 129 -20.01 16.23 43.64
C ASN B 129 -20.56 15.40 42.48
N LEU B 130 -20.48 15.91 41.24
CA LEU B 130 -20.91 15.14 40.07
C LEU B 130 -19.96 13.99 39.77
N LEU B 131 -18.65 14.22 39.90
CA LEU B 131 -17.70 13.13 39.72
C LEU B 131 -17.87 12.07 40.79
N GLN B 132 -18.23 12.49 42.00
CA GLN B 132 -18.52 11.54 43.07
C GLN B 132 -19.74 10.69 42.73
N ALA B 133 -20.85 11.32 42.36
CA ALA B 133 -22.02 10.52 42.03
C ALA B 133 -21.74 9.60 40.84
N ALA B 134 -20.91 10.05 39.90
CA ALA B 134 -20.63 9.21 38.74
C ALA B 134 -19.96 7.90 39.11
N CYS B 135 -19.53 7.75 40.37
CA CYS B 135 -18.99 6.51 40.89
C CYS B 135 -19.86 5.89 41.97
N ASP B 136 -21.13 6.30 42.04
CA ASP B 136 -22.06 5.74 42.99
C ASP B 136 -22.39 4.30 42.63
N SER B 137 -22.70 3.49 43.66
CA SER B 137 -23.06 2.11 43.39
C SER B 137 -24.31 2.00 42.52
N ASN B 138 -25.21 2.97 42.61
CA ASN B 138 -26.52 2.94 41.99
C ASN B 138 -26.39 3.43 40.55
N PRO B 139 -26.59 2.55 39.56
CA PRO B 139 -26.30 2.93 38.16
C PRO B 139 -27.14 4.09 37.71
N LYS B 140 -28.36 4.24 38.24
CA LYS B 140 -29.15 5.39 37.83
C LYS B 140 -28.53 6.68 38.33
N ILE B 141 -27.89 6.64 39.50
CA ILE B 141 -27.20 7.84 39.97
C ILE B 141 -26.00 8.13 39.09
N ARG B 142 -25.25 7.09 38.70
CA ARG B 142 -24.15 7.28 37.74
C ARG B 142 -24.66 7.88 36.44
N GLU B 143 -25.77 7.36 35.91
CA GLU B 143 -26.25 7.84 34.63
C GLU B 143 -26.62 9.31 34.71
N THR B 144 -27.32 9.70 35.77
CA THR B 144 -27.75 11.08 35.90
C THR B 144 -26.56 12.00 36.15
N ALA B 145 -25.54 11.50 36.83
CA ALA B 145 -24.32 12.28 37.02
C ALA B 145 -23.63 12.52 35.69
N ILE B 146 -23.46 11.47 34.89
CA ILE B 146 -22.86 11.62 33.57
C ILE B 146 -23.72 12.54 32.68
N PHE B 147 -25.05 12.37 32.72
CA PHE B 147 -25.88 13.27 31.91
C PHE B 147 -25.69 14.74 32.31
N ILE B 148 -25.58 15.01 33.61
CA ILE B 148 -25.34 16.40 34.00
C ILE B 148 -23.96 16.85 33.52
N ILE B 149 -22.94 16.01 33.66
CA ILE B 149 -21.64 16.40 33.16
C ILE B 149 -21.72 16.73 31.68
N LEU B 150 -22.51 15.95 30.93
CA LEU B 150 -22.63 16.20 29.50
C LEU B 150 -23.20 17.58 29.23
N SER B 151 -24.30 17.91 29.91
CA SER B 151 -24.89 19.24 29.70
C SER B 151 -23.89 20.32 30.05
N LEU B 152 -23.02 20.07 31.03
CA LEU B 152 -22.00 21.05 31.35
C LEU B 152 -21.06 21.23 30.16
N LEU B 153 -20.58 20.13 29.60
CA LEU B 153 -19.70 20.25 28.46
C LEU B 153 -20.40 20.94 27.31
N GLU B 154 -21.72 20.74 27.17
CA GLU B 154 -22.49 21.39 26.10
C GLU B 154 -22.52 22.91 26.21
N SER B 155 -22.28 23.48 27.40
CA SER B 155 -22.27 24.93 27.53
C SER B 155 -20.98 25.58 27.07
N PHE B 156 -19.93 24.82 26.83
CA PHE B 156 -18.66 25.41 26.42
C PHE B 156 -18.19 26.46 27.41
N ASN B 157 -18.48 26.27 28.69
CA ASN B 157 -17.93 27.17 29.68
C ASN B 157 -16.41 27.11 29.60
N ALA B 158 -15.76 28.27 29.66
CA ALA B 158 -14.32 28.31 29.42
C ALA B 158 -13.54 27.62 30.51
N ASN B 159 -14.01 27.75 31.76
CA ASN B 159 -13.31 27.21 32.92
C ASN B 159 -13.40 25.69 33.01
N LEU B 160 -14.14 25.05 32.11
CA LEU B 160 -14.16 23.60 32.05
C LEU B 160 -12.80 22.99 31.73
N ALA B 161 -11.90 23.75 31.10
CA ALA B 161 -10.56 23.26 30.78
C ALA B 161 -9.79 22.79 32.00
N LEU B 162 -10.15 23.26 33.20
CA LEU B 162 -9.42 22.89 34.40
C LEU B 162 -9.72 21.46 34.88
N HIS B 163 -10.70 20.76 34.29
CA HIS B 163 -11.07 19.43 34.73
C HIS B 163 -10.87 18.36 33.64
N ILE B 164 -10.07 18.65 32.61
CA ILE B 164 -9.82 17.66 31.55
C ILE B 164 -9.41 16.33 32.18
N ASP B 165 -8.46 16.38 33.11
CA ASP B 165 -7.91 15.16 33.73
C ASP B 165 -8.97 14.42 34.53
N ASP B 166 -9.80 15.13 35.30
CA ASP B 166 -10.86 14.46 36.04
C ASP B 166 -11.86 13.79 35.10
N PHE B 167 -12.18 14.45 33.99
CA PHE B 167 -13.14 13.90 33.02
C PHE B 167 -12.57 12.67 32.33
N LEU B 168 -11.29 12.74 31.91
CA LEU B 168 -10.69 11.57 31.30
C LEU B 168 -10.73 10.36 32.23
N ASN B 169 -10.42 10.55 33.51
CA ASN B 169 -10.37 9.40 34.42
C ASN B 169 -11.77 8.88 34.73
N LEU B 170 -12.76 9.75 34.84
CA LEU B 170 -14.13 9.25 35.05
C LEU B 170 -14.62 8.51 33.81
N PHE B 171 -14.53 9.14 32.65
CA PHE B 171 -15.08 8.52 31.44
C PHE B 171 -14.34 7.23 31.08
N ALA B 172 -13.07 7.11 31.48
CA ALA B 172 -12.35 5.86 31.24
C ALA B 172 -13.04 4.71 31.93
N GLN B 173 -13.71 4.99 33.05
CA GLN B 173 -14.52 4.02 33.77
C GLN B 173 -15.96 3.98 33.23
N THR B 174 -16.64 5.12 33.13
CA THR B 174 -18.07 5.07 32.79
C THR B 174 -18.33 4.72 31.34
N ILE B 175 -17.37 4.91 30.43
CA ILE B 175 -17.58 4.52 29.03
C ILE B 175 -17.93 3.03 28.95
N ASN B 176 -17.37 2.23 29.88
CA ASN B 176 -17.59 0.80 29.99
C ASN B 176 -18.46 0.44 31.18
N ASP B 177 -19.41 1.31 31.53
CA ASP B 177 -20.34 1.03 32.62
C ASP B 177 -21.06 -0.30 32.40
N SER B 178 -20.87 -1.24 33.33
CA SER B 178 -21.41 -2.57 33.17
C SER B 178 -22.92 -2.65 33.32
N ALA B 179 -23.58 -1.58 33.78
CA ALA B 179 -25.00 -1.64 34.05
C ALA B 179 -25.89 -0.83 33.11
N SER B 180 -25.39 0.21 32.45
CA SER B 180 -26.28 1.10 31.69
C SER B 180 -25.69 1.46 30.34
N LEU B 181 -26.33 0.96 29.26
CA LEU B 181 -25.93 1.37 27.91
C LEU B 181 -26.11 2.86 27.70
N GLU B 182 -27.20 3.44 28.23
CA GLU B 182 -27.38 4.88 28.15
C GLU B 182 -26.25 5.66 28.79
N THR B 183 -25.74 5.18 29.93
CA THR B 183 -24.60 5.84 30.56
C THR B 183 -23.40 5.78 29.63
N ARG B 184 -23.23 4.66 28.94
CA ARG B 184 -22.10 4.48 28.04
C ARG B 184 -22.20 5.42 26.84
N SER B 185 -23.40 5.56 26.29
CA SER B 185 -23.56 6.44 25.14
C SER B 185 -23.31 7.88 25.52
N LEU B 186 -23.84 8.33 26.67
CA LEU B 186 -23.58 9.68 27.12
C LEU B 186 -22.10 9.87 27.37
N SER B 187 -21.44 8.86 27.92
CA SER B 187 -19.99 8.96 28.10
C SER B 187 -19.29 9.13 26.76
N ALA B 188 -19.78 8.47 25.71
CA ALA B 188 -19.20 8.66 24.38
C ALA B 188 -19.37 10.09 23.92
N GLN B 189 -20.62 10.60 23.96
CA GLN B 189 -20.90 11.95 23.51
C GLN B 189 -20.07 13.00 24.26
N ALA B 190 -19.93 12.86 25.59
CA ALA B 190 -19.17 13.85 26.34
C ALA B 190 -17.72 13.92 25.87
N LEU B 191 -17.15 12.77 25.50
CA LEU B 191 -15.73 12.76 25.14
C LEU B 191 -15.43 13.68 23.97
N SER B 192 -16.42 13.90 23.11
CA SER B 192 -16.24 14.80 21.98
C SER B 192 -15.83 16.20 22.44
N TYR B 193 -16.50 16.71 23.47
CA TYR B 193 -16.14 18.02 23.99
C TYR B 193 -14.78 18.00 24.67
N VAL B 194 -14.41 16.88 25.29
CA VAL B 194 -13.11 16.79 25.96
C VAL B 194 -12.00 16.83 24.93
N SER B 195 -12.17 16.10 23.81
CA SER B 195 -11.16 16.14 22.76
C SER B 195 -11.01 17.56 22.22
N SER B 196 -12.13 18.25 22.03
CA SER B 196 -12.07 19.66 21.65
C SER B 196 -11.30 20.47 22.68
N LEU B 197 -11.61 20.29 23.97
CA LEU B 197 -10.85 20.98 25.00
C LEU B 197 -9.38 20.64 24.91
N ILE B 198 -9.04 19.39 24.59
CA ILE B 198 -7.65 18.99 24.63
C ILE B 198 -6.85 19.67 23.55
N GLU B 199 -7.45 19.95 22.40
CA GLU B 199 -6.73 20.65 21.35
C GLU B 199 -6.96 22.15 21.36
N GLU B 200 -7.79 22.66 22.29
CA GLU B 200 -7.91 24.10 22.54
C GLU B 200 -6.86 24.60 23.50
N GLU B 201 -6.07 23.72 24.11
CA GLU B 201 -4.97 24.16 24.94
C GLU B 201 -3.89 24.76 24.06
N GLY B 202 -3.10 25.66 24.64
CA GLY B 202 -2.10 26.35 23.85
C GLY B 202 -1.25 25.38 23.06
N GLU B 203 -0.72 24.36 23.73
CA GLU B 203 -0.04 23.26 23.07
C GLU B 203 -0.63 21.95 23.58
N ILE B 204 -0.95 21.05 22.67
CA ILE B 204 -1.64 19.82 23.06
C ILE B 204 -0.82 19.06 24.11
N ASN B 205 -1.47 18.72 25.22
CA ASN B 205 -0.80 17.98 26.29
C ASN B 205 -0.59 16.52 25.87
N PRO B 206 0.64 16.00 25.91
CA PRO B 206 0.84 14.59 25.52
C PRO B 206 0.18 13.61 26.47
N GLN B 207 0.07 13.94 27.76
CA GLN B 207 -0.51 13.02 28.73
C GLN B 207 -2.02 12.90 28.53
N TYR B 208 -2.67 14.01 28.14
CA TYR B 208 -4.11 13.99 27.83
C TYR B 208 -4.38 13.24 26.54
N ALA B 209 -3.61 13.54 25.49
CA ALA B 209 -3.86 12.94 24.18
C ALA B 209 -3.79 11.43 24.25
N ALA B 210 -2.79 10.88 24.95
CA ALA B 210 -2.65 9.43 25.03
C ALA B 210 -3.84 8.80 25.72
N LYS B 211 -4.29 9.37 26.85
CA LYS B 211 -5.45 8.84 27.55
C LYS B 211 -6.66 8.80 26.62
N PHE B 212 -6.86 9.87 25.85
CA PHE B 212 -7.99 9.94 24.91
C PHE B 212 -7.88 8.89 23.80
N ALA B 213 -6.68 8.70 23.23
CA ALA B 213 -6.53 7.68 22.22
C ALA B 213 -6.93 6.31 22.76
N SER B 214 -6.61 6.03 24.03
CA SER B 214 -6.98 4.77 24.64
C SER B 214 -8.48 4.56 24.68
N LEU B 215 -9.25 5.64 24.82
CA LEU B 215 -10.70 5.54 24.95
C LEU B 215 -11.40 5.18 23.65
N ILE B 216 -10.75 5.31 22.50
CA ILE B 216 -11.47 5.13 21.24
C ILE B 216 -11.93 3.67 21.10
N PRO B 217 -11.08 2.67 21.36
CA PRO B 217 -11.57 1.28 21.34
C PRO B 217 -12.81 1.05 22.19
N SER B 218 -12.97 1.80 23.30
CA SER B 218 -14.16 1.65 24.14
C SER B 218 -15.41 2.23 23.47
N VAL B 219 -15.28 3.38 22.80
CA VAL B 219 -16.44 3.93 22.09
C VAL B 219 -16.92 2.96 21.02
N VAL B 220 -15.99 2.28 20.33
CA VAL B 220 -16.38 1.28 19.33
C VAL B 220 -17.21 0.17 19.98
N GLN B 221 -16.83 -0.22 21.20
CA GLN B 221 -17.63 -1.21 21.91
C GLN B 221 -19.05 -0.71 22.17
N VAL B 222 -19.19 0.56 22.53
CA VAL B 222 -20.54 1.08 22.78
C VAL B 222 -21.37 0.95 21.52
N LEU B 223 -20.76 1.23 20.37
CA LEU B 223 -21.44 1.13 19.10
C LEU B 223 -21.93 -0.30 18.87
N ASP B 224 -21.03 -1.28 19.08
CA ASP B 224 -21.43 -2.67 18.94
C ASP B 224 -22.50 -3.03 19.94
N ALA B 225 -22.40 -2.48 21.14
CA ALA B 225 -23.42 -2.72 22.16
C ALA B 225 -24.77 -2.22 21.68
N THR B 226 -24.83 -1.00 21.17
CA THR B 226 -26.11 -0.47 20.73
C THR B 226 -26.65 -1.27 19.56
N ILE B 227 -25.75 -1.78 18.70
CA ILE B 227 -26.20 -2.57 17.56
C ILE B 227 -26.74 -3.91 18.05
N ARG B 228 -26.02 -4.57 18.97
CA ARG B 228 -26.53 -5.81 19.55
C ARG B 228 -27.90 -5.60 20.19
N GLU B 229 -28.05 -4.52 20.95
CA GLU B 229 -29.29 -4.32 21.70
C GLU B 229 -30.42 -3.75 20.85
N GLY B 230 -30.19 -3.45 19.58
CA GLY B 230 -31.25 -2.87 18.79
C GLY B 230 -31.63 -1.45 19.14
N ASP B 231 -30.70 -0.66 19.69
CA ASP B 231 -30.99 0.70 20.15
C ASP B 231 -30.51 1.73 19.13
N THR B 232 -31.31 1.92 18.08
CA THR B 232 -30.86 2.75 16.96
C THR B 232 -30.72 4.24 17.32
N THR B 233 -31.46 4.74 18.32
CA THR B 233 -31.23 6.12 18.76
C THR B 233 -29.77 6.32 19.17
N ASN B 234 -29.25 5.41 20.00
CA ASN B 234 -27.87 5.59 20.46
C ASN B 234 -26.88 5.13 19.41
N THR B 235 -27.26 4.21 18.53
CA THR B 235 -26.37 3.83 17.44
C THR B 235 -25.98 5.06 16.62
N LYS B 236 -26.98 5.86 16.24
CA LYS B 236 -26.69 7.08 15.48
C LYS B 236 -25.80 8.03 16.28
N LEU B 237 -26.14 8.26 17.54
CA LEU B 237 -25.35 9.23 18.31
C LEU B 237 -23.91 8.80 18.38
N ILE B 238 -23.67 7.49 18.48
CA ILE B 238 -22.31 6.97 18.48
C ILE B 238 -21.67 7.17 17.11
N PHE B 239 -22.46 7.10 16.05
CA PHE B 239 -21.92 7.41 14.73
C PHE B 239 -21.56 8.88 14.61
N ASN B 240 -22.36 9.78 15.19
CA ASN B 240 -21.92 11.17 15.26
C ASN B 240 -20.59 11.27 16.00
N CYS B 241 -20.40 10.49 17.07
CA CYS B 241 -19.14 10.55 17.80
C CYS B 241 -17.98 10.12 16.92
N LEU B 242 -18.17 9.04 16.15
CA LEU B 242 -17.11 8.60 15.25
C LEU B 242 -16.84 9.66 14.18
N ASN B 243 -17.88 10.33 13.69
CA ASN B 243 -17.67 11.39 12.71
C ASN B 243 -16.80 12.50 13.28
N ASP B 244 -17.08 12.93 14.51
CA ASP B 244 -16.28 13.97 15.13
C ASP B 244 -14.83 13.53 15.26
N PHE B 245 -14.60 12.24 15.43
CA PHE B 245 -13.22 11.76 15.46
C PHE B 245 -12.47 12.12 14.19
N LEU B 246 -13.19 12.26 13.07
CA LEU B 246 -12.49 12.48 11.82
C LEU B 246 -11.79 13.83 11.84
N LEU B 247 -12.43 14.82 12.46
CA LEU B 247 -11.89 16.17 12.59
C LEU B 247 -10.68 16.29 13.53
N LEU B 248 -10.44 15.32 14.40
CA LEU B 248 -9.44 15.53 15.44
C LEU B 248 -8.02 15.55 14.90
N ASP B 249 -7.19 16.37 15.53
CA ASP B 249 -5.74 16.31 15.36
C ASP B 249 -5.24 14.88 15.54
N SER B 250 -4.19 14.55 14.77
CA SER B 250 -3.75 13.16 14.68
C SER B 250 -3.41 12.59 16.05
N GLN B 251 -2.54 13.27 16.81
CA GLN B 251 -2.06 12.71 18.08
C GLN B 251 -3.18 12.44 19.09
N LEU B 252 -4.41 12.86 18.82
CA LEU B 252 -5.50 12.42 19.69
C LEU B 252 -6.01 11.04 19.28
N THR B 253 -6.02 10.74 17.99
CA THR B 253 -6.56 9.48 17.49
C THR B 253 -5.52 8.41 17.18
N GLY B 254 -4.24 8.75 17.12
CA GLY B 254 -3.26 7.71 16.81
C GLY B 254 -3.51 7.12 15.44
N ASN B 255 -3.46 5.79 15.38
CA ASN B 255 -3.58 5.01 14.16
C ASN B 255 -5.04 4.68 13.84
N THR B 256 -5.96 5.35 14.52
CA THR B 256 -7.32 4.82 14.70
C THR B 256 -8.15 4.85 13.43
N ILE B 257 -7.98 5.87 12.58
CA ILE B 257 -9.02 6.18 11.62
C ILE B 257 -9.22 5.02 10.65
N ALA B 258 -8.12 4.47 10.15
CA ALA B 258 -8.22 3.35 9.22
C ALA B 258 -9.03 2.21 9.82
N ASP B 259 -8.85 1.93 11.11
CA ASP B 259 -9.58 0.84 11.74
C ASP B 259 -11.05 1.16 11.91
N LEU B 260 -11.38 2.43 12.19
CA LEU B 260 -12.79 2.84 12.16
C LEU B 260 -13.39 2.67 10.77
N VAL B 261 -12.65 3.01 9.71
CA VAL B 261 -13.17 2.80 8.37
C VAL B 261 -13.45 1.32 8.17
N LYS B 262 -12.45 0.48 8.49
CA LYS B 262 -12.61 -0.95 8.28
C LYS B 262 -13.81 -1.49 9.06
N LEU B 263 -13.99 -1.03 10.28
CA LEU B 263 -15.13 -1.46 11.10
C LEU B 263 -16.45 -0.99 10.50
N ALA B 264 -16.49 0.22 9.94
CA ALA B 264 -17.74 0.66 9.31
C ALA B 264 -18.06 -0.17 8.07
N LEU B 265 -17.03 -0.63 7.35
CA LEU B 265 -17.29 -1.46 6.17
C LEU B 265 -17.90 -2.80 6.56
N GLN B 266 -17.44 -3.37 7.67
CA GLN B 266 -18.02 -4.62 8.15
C GLN B 266 -19.50 -4.45 8.45
N ILE B 267 -19.86 -3.38 9.16
CA ILE B 267 -21.27 -3.14 9.42
C ILE B 267 -22.03 -2.94 8.11
N ALA B 268 -21.44 -2.21 7.16
CA ALA B 268 -22.17 -1.87 5.93
C ALA B 268 -22.45 -3.11 5.08
N VAL B 269 -21.47 -4.02 4.95
CA VAL B 269 -21.69 -5.18 4.10
C VAL B 269 -22.52 -6.24 4.80
N ASN B 270 -22.68 -6.14 6.12
CA ASN B 270 -23.42 -7.12 6.90
C ASN B 270 -24.93 -6.92 6.68
N SER B 271 -25.52 -7.77 5.84
CA SER B 271 -26.94 -7.66 5.52
C SER B 271 -27.85 -7.97 6.71
N ASP B 272 -27.31 -8.54 7.80
CA ASP B 272 -28.09 -8.74 9.03
C ASP B 272 -28.48 -7.42 9.66
N VAL B 273 -27.57 -6.45 9.66
CA VAL B 273 -27.83 -5.16 10.29
C VAL B 273 -29.00 -4.44 9.63
N ASP B 274 -29.75 -3.69 10.44
CA ASP B 274 -30.86 -2.88 9.94
C ASP B 274 -30.37 -1.93 8.86
N GLU B 275 -31.28 -1.54 7.97
CA GLU B 275 -30.85 -0.75 6.82
C GLU B 275 -30.35 0.62 7.24
N ASP B 276 -31.05 1.28 8.16
CA ASP B 276 -30.63 2.64 8.51
C ASP B 276 -29.27 2.64 9.20
N ILE B 277 -28.95 1.60 9.98
CA ILE B 277 -27.61 1.48 10.56
C ILE B 277 -26.56 1.29 9.47
N ARG B 278 -26.91 0.54 8.42
CA ARG B 278 -26.01 0.33 7.30
C ARG B 278 -25.74 1.63 6.56
N VAL B 279 -26.79 2.44 6.33
CA VAL B 279 -26.58 3.73 5.71
C VAL B 279 -25.66 4.58 6.57
N PHE B 280 -25.85 4.54 7.90
CA PHE B 280 -24.93 5.26 8.78
C PHE B 280 -23.50 4.88 8.47
N ALA B 281 -23.25 3.57 8.31
CA ALA B 281 -21.90 3.06 8.12
C ALA B 281 -21.33 3.50 6.78
N VAL B 282 -22.11 3.33 5.71
CA VAL B 282 -21.68 3.81 4.41
C VAL B 282 -21.38 5.30 4.48
N GLN B 283 -22.25 6.06 5.15
CA GLN B 283 -22.09 7.50 5.22
C GLN B 283 -20.84 7.90 5.99
N PHE B 284 -20.50 7.16 7.05
CA PHE B 284 -19.27 7.46 7.78
C PHE B 284 -18.06 7.28 6.87
N VAL B 285 -18.05 6.20 6.06
CA VAL B 285 -16.93 5.99 5.17
C VAL B 285 -16.85 7.11 4.15
N THR B 286 -18.00 7.51 3.59
CA THR B 286 -18.03 8.63 2.67
C THR B 286 -17.41 9.87 3.31
N SER B 287 -17.77 10.14 4.56
CA SER B 287 -17.21 11.29 5.27
C SER B 287 -15.70 11.14 5.48
N ALA B 288 -15.21 9.91 5.72
CA ALA B 288 -13.78 9.74 5.94
C ALA B 288 -13.00 10.07 4.68
N LEU B 289 -13.63 9.92 3.52
CA LEU B 289 -12.98 10.30 2.27
C LEU B 289 -12.74 11.80 2.20
N VAL B 290 -13.67 12.60 2.75
CA VAL B 290 -13.52 14.04 2.68
C VAL B 290 -12.48 14.53 3.68
N TYR B 291 -12.45 13.94 4.87
CA TYR B 291 -11.60 14.51 5.90
C TYR B 291 -10.32 13.73 6.16
N ARG B 292 -10.27 12.45 5.81
CA ARG B 292 -9.12 11.64 6.15
C ARG B 292 -8.61 10.85 4.97
N LYS B 293 -8.60 11.47 3.80
CA LYS B 293 -8.20 10.73 2.61
C LYS B 293 -6.74 10.28 2.71
N SER B 294 -5.91 11.08 3.38
CA SER B 294 -4.52 10.68 3.57
C SER B 294 -4.42 9.40 4.39
N LYS B 295 -5.28 9.24 5.40
CA LYS B 295 -5.28 8.00 6.17
C LYS B 295 -5.77 6.82 5.34
N ILE B 296 -6.82 7.02 4.54
CA ILE B 296 -7.28 5.96 3.65
C ILE B 296 -6.18 5.55 2.68
N ASN B 297 -5.45 6.51 2.12
CA ASN B 297 -4.40 6.13 1.18
C ASN B 297 -3.28 5.39 1.88
N GLN B 298 -2.78 5.93 2.99
CA GLN B 298 -1.67 5.28 3.66
C GLN B 298 -2.04 3.90 4.17
N ALA B 299 -3.29 3.70 4.55
CA ALA B 299 -3.73 2.34 4.82
C ALA B 299 -4.13 1.60 3.55
N LYS B 300 -4.10 2.26 2.39
CA LYS B 300 -4.58 1.73 1.11
C LYS B 300 -5.92 0.98 1.25
N LEU B 301 -6.88 1.64 1.87
CA LEU B 301 -8.22 1.06 1.99
C LEU B 301 -9.07 1.26 0.74
N GLY B 302 -8.58 1.99 -0.26
CA GLY B 302 -9.38 2.31 -1.42
C GLY B 302 -10.08 1.13 -2.06
N PRO B 303 -9.31 0.10 -2.44
CA PRO B 303 -9.95 -1.08 -3.05
C PRO B 303 -10.93 -1.78 -2.12
N GLU B 304 -10.68 -1.80 -0.81
CA GLU B 304 -11.65 -2.44 0.09
C GLU B 304 -12.96 -1.66 0.15
N ILE B 305 -12.86 -0.33 0.24
CA ILE B 305 -14.04 0.53 0.18
C ILE B 305 -14.82 0.26 -1.10
N THR B 306 -14.12 0.22 -2.25
CA THR B 306 -14.81 0.04 -3.51
C THR B 306 -15.54 -1.29 -3.55
N LEU B 307 -14.89 -2.35 -3.08
CA LEU B 307 -15.50 -3.67 -3.20
C LEU B 307 -16.65 -3.81 -2.23
N ALA B 308 -16.50 -3.26 -1.03
CA ALA B 308 -17.62 -3.26 -0.08
C ALA B 308 -18.84 -2.57 -0.68
N ALA B 309 -18.64 -1.35 -1.20
CA ALA B 309 -19.74 -0.63 -1.81
C ALA B 309 -20.35 -1.40 -2.96
N LEU B 310 -19.51 -2.04 -3.77
CA LEU B 310 -20.00 -2.82 -4.90
C LEU B 310 -20.88 -3.98 -4.44
N LYS B 311 -20.53 -4.62 -3.31
CA LYS B 311 -21.35 -5.71 -2.79
C LYS B 311 -22.72 -5.21 -2.35
N VAL B 312 -22.77 -4.13 -1.57
CA VAL B 312 -24.04 -3.54 -1.14
C VAL B 312 -24.91 -3.20 -2.35
N ALA B 313 -24.32 -2.57 -3.37
CA ALA B 313 -25.11 -2.23 -4.54
C ALA B 313 -25.59 -3.46 -5.30
N SER B 314 -24.95 -4.61 -5.07
CA SER B 314 -25.39 -5.85 -5.71
C SER B 314 -26.57 -6.46 -5.01
N GLU B 315 -26.91 -5.99 -3.82
CA GLU B 315 -28.05 -6.54 -3.12
C GLU B 315 -29.32 -6.25 -3.91
N GLU B 316 -30.31 -7.11 -3.73
CA GLU B 316 -31.52 -7.03 -4.50
C GLU B 316 -32.27 -5.76 -4.12
N ILE B 317 -33.07 -5.26 -5.06
CA ILE B 317 -33.85 -4.04 -4.87
C ILE B 317 -35.24 -4.28 -5.43
N ASP B 318 -36.13 -3.32 -5.23
CA ASP B 318 -37.48 -3.47 -5.74
C ASP B 318 -37.46 -3.19 -7.24
N VAL B 319 -37.66 -4.25 -8.03
CA VAL B 319 -37.54 -4.11 -9.49
C VAL B 319 -38.67 -3.23 -10.05
N GLU B 320 -39.90 -3.45 -9.59
CA GLU B 320 -41.01 -2.68 -10.16
C GLU B 320 -40.90 -1.20 -9.81
N ASP B 321 -40.46 -0.89 -8.58
CA ASP B 321 -40.24 0.52 -8.25
C ASP B 321 -39.17 1.15 -9.12
N GLU B 322 -38.07 0.42 -9.37
CA GLU B 322 -36.98 0.96 -10.16
C GLU B 322 -37.45 1.30 -11.58
N LEU B 323 -38.36 0.50 -12.12
CA LEU B 323 -38.83 0.65 -13.49
C LEU B 323 -39.98 1.64 -13.65
N THR B 324 -40.63 2.06 -12.55
CA THR B 324 -41.75 2.98 -12.63
C THR B 324 -41.52 4.31 -11.91
N ASN B 325 -40.62 4.36 -10.92
CA ASN B 325 -40.47 5.56 -10.10
C ASN B 325 -39.88 6.70 -10.91
N GLU B 326 -40.65 7.79 -11.05
CA GLU B 326 -40.17 8.96 -11.78
C GLU B 326 -39.77 10.11 -10.85
N ASP B 327 -39.46 9.81 -9.59
CA ASP B 327 -38.92 10.78 -8.63
C ASP B 327 -37.82 10.15 -7.79
N GLU B 333 -30.17 13.70 -0.14
CA GLU B 333 -31.43 13.06 0.24
C GLU B 333 -31.40 11.53 0.08
N GLU B 334 -30.27 10.99 -0.36
CA GLU B 334 -30.14 9.54 -0.50
C GLU B 334 -30.41 8.84 0.83
N ASN B 335 -31.09 7.70 0.76
CA ASN B 335 -31.59 7.07 1.97
C ASN B 335 -31.45 5.55 2.00
N THR B 336 -31.33 4.87 0.88
CA THR B 336 -31.19 3.43 0.93
C THR B 336 -29.72 3.03 0.96
N PRO B 337 -29.40 1.82 1.42
CA PRO B 337 -28.00 1.38 1.35
C PRO B 337 -27.50 1.28 -0.07
N ALA B 338 -28.32 0.78 -0.97
CA ALA B 338 -27.90 0.69 -2.36
C ALA B 338 -27.60 2.06 -2.93
N LEU B 339 -28.45 3.03 -2.63
CA LEU B 339 -28.20 4.37 -3.14
C LEU B 339 -26.97 4.99 -2.49
N THR B 340 -26.80 4.80 -1.19
CA THR B 340 -25.65 5.42 -0.55
C THR B 340 -24.36 4.76 -1.01
N ALA B 341 -24.43 3.48 -1.34
CA ALA B 341 -23.24 2.79 -1.83
C ALA B 341 -22.79 3.35 -3.17
N LEU B 342 -23.73 3.64 -4.07
CA LEU B 342 -23.33 4.25 -5.32
C LEU B 342 -22.76 5.63 -5.05
N ARG B 343 -23.32 6.36 -4.10
CA ARG B 343 -22.75 7.64 -3.77
C ARG B 343 -21.35 7.47 -3.20
N LEU B 344 -21.12 6.36 -2.48
CA LEU B 344 -19.79 6.10 -1.94
C LEU B 344 -18.77 5.85 -3.07
N ILE B 345 -19.10 5.00 -4.02
CA ILE B 345 -18.22 4.79 -5.17
C ILE B 345 -17.99 6.10 -5.89
N SER B 346 -19.06 6.83 -6.15
CA SER B 346 -18.90 8.10 -6.84
C SER B 346 -17.88 8.99 -6.13
N ASN B 347 -17.93 9.06 -4.80
CA ASN B 347 -17.03 9.94 -4.08
C ASN B 347 -15.61 9.39 -4.06
N ALA B 348 -15.47 8.07 -3.95
CA ALA B 348 -14.15 7.48 -3.98
C ALA B 348 -13.46 7.78 -5.31
N SER B 349 -14.22 7.76 -6.40
CA SER B 349 -13.65 8.05 -7.71
C SER B 349 -13.17 9.49 -7.80
N GLY B 350 -13.88 10.42 -7.17
CA GLY B 350 -13.42 11.80 -7.19
C GLY B 350 -12.22 12.02 -6.28
N GLU B 351 -12.20 11.35 -5.12
CA GLU B 351 -11.19 11.64 -4.11
C GLU B 351 -9.88 10.92 -4.33
N LEU B 352 -9.90 9.71 -4.86
CA LEU B 352 -8.73 8.85 -4.87
C LEU B 352 -8.23 8.58 -6.29
N SER B 353 -7.03 8.01 -6.32
CA SER B 353 -6.40 7.60 -7.56
C SER B 353 -7.23 6.51 -8.24
N PRO B 354 -7.28 6.51 -9.57
CA PRO B 354 -8.10 5.49 -10.27
C PRO B 354 -7.62 4.09 -10.00
N SER B 355 -6.33 3.91 -9.72
CA SER B 355 -5.83 2.59 -9.34
C SER B 355 -6.55 2.05 -8.10
N GLN B 356 -7.10 2.91 -7.25
CA GLN B 356 -7.72 2.45 -6.01
C GLN B 356 -9.21 2.18 -6.13
N VAL B 357 -9.85 2.61 -7.22
CA VAL B 357 -11.30 2.55 -7.33
C VAL B 357 -11.69 2.00 -8.69
N GLY B 358 -11.34 2.73 -9.75
CA GLY B 358 -11.71 2.29 -11.08
C GLY B 358 -11.08 0.97 -11.46
N VAL B 359 -9.80 0.77 -11.12
CA VAL B 359 -9.16 -0.50 -11.42
C VAL B 359 -9.85 -1.67 -10.72
N PRO B 360 -10.08 -1.64 -9.42
CA PRO B 360 -10.86 -2.72 -8.81
C PRO B 360 -12.16 -2.96 -9.52
N ILE B 361 -12.84 -1.90 -9.94
CA ILE B 361 -14.13 -2.07 -10.59
C ILE B 361 -13.97 -2.81 -11.90
N ILE B 362 -13.03 -2.37 -12.74
CA ILE B 362 -12.83 -2.99 -14.05
C ILE B 362 -12.32 -4.42 -13.89
N GLU B 363 -11.50 -4.70 -12.86
CA GLU B 363 -11.10 -6.08 -12.60
C GLU B 363 -12.30 -6.99 -12.44
N HIS B 364 -13.34 -6.53 -11.74
CA HIS B 364 -14.52 -7.34 -11.48
C HIS B 364 -15.54 -7.31 -12.60
N LEU B 365 -15.32 -6.50 -13.63
CA LEU B 365 -16.35 -6.38 -14.67
C LEU B 365 -16.63 -7.72 -15.36
N PRO B 366 -15.64 -8.49 -15.78
CA PRO B 366 -15.94 -9.76 -16.49
C PRO B 366 -16.88 -10.69 -15.74
N THR B 367 -16.60 -10.99 -14.48
CA THR B 367 -17.44 -11.95 -13.80
C THR B 367 -18.77 -11.35 -13.36
N MSE B 368 -18.81 -10.08 -12.99
CA MSE B 368 -20.06 -9.53 -12.55
C MSE B 368 -21.01 -9.26 -13.71
O MSE B 368 -22.21 -9.40 -13.57
CB MSE B 368 -19.83 -8.26 -11.75
CG MSE B 368 -19.83 -8.52 -10.22
SE MSE B 368 -19.20 -6.94 -9.29
CE MSE B 368 -20.94 -6.26 -8.64
N LEU B 369 -20.46 -8.89 -14.86
CA LEU B 369 -21.31 -8.71 -16.04
C LEU B 369 -21.83 -10.04 -16.57
N SER B 370 -21.14 -11.13 -16.30
CA SER B 370 -21.58 -12.43 -16.77
C SER B 370 -22.40 -13.19 -15.72
N SER B 371 -22.52 -12.64 -14.50
CA SER B 371 -23.17 -13.35 -13.40
C SER B 371 -24.59 -13.72 -13.77
N SER B 372 -25.04 -14.84 -13.19
CA SER B 372 -26.44 -15.27 -13.29
C SER B 372 -27.37 -14.39 -12.47
N ASN B 373 -26.81 -13.63 -11.54
CA ASN B 373 -27.54 -12.73 -10.66
C ASN B 373 -27.75 -11.38 -11.36
N PRO B 374 -28.98 -11.02 -11.73
CA PRO B 374 -29.16 -9.78 -12.49
C PRO B 374 -28.78 -8.55 -11.69
N PHE B 375 -28.99 -8.59 -10.38
CA PHE B 375 -28.56 -7.48 -9.54
C PHE B 375 -27.05 -7.29 -9.55
N GLU B 376 -26.27 -8.32 -9.92
CA GLU B 376 -24.83 -8.09 -10.03
C GLU B 376 -24.46 -7.52 -11.41
N ARG B 377 -25.10 -7.99 -12.47
CA ARG B 377 -24.94 -7.35 -13.77
C ARG B 377 -25.39 -5.91 -13.73
N ARG B 378 -26.52 -5.65 -13.05
CA ARG B 378 -26.97 -4.28 -12.86
C ARG B 378 -25.97 -3.47 -12.06
N SER B 379 -25.37 -4.09 -11.05
CA SER B 379 -24.54 -3.38 -10.09
C SER B 379 -23.25 -2.87 -10.72
N ILE B 380 -22.65 -3.70 -11.59
CA ILE B 380 -21.37 -3.33 -12.19
C ILE B 380 -21.55 -2.19 -13.20
N LEU B 381 -22.66 -2.22 -13.94
CA LEU B 381 -22.94 -1.13 -14.87
C LEU B 381 -23.15 0.18 -14.13
N LEU B 382 -23.91 0.14 -13.03
CA LEU B 382 -24.14 1.35 -12.25
C LEU B 382 -22.85 1.83 -11.60
N ALA B 383 -22.01 0.89 -11.18
CA ALA B 383 -20.71 1.26 -10.64
C ALA B 383 -19.90 2.07 -11.63
N ILE B 384 -19.82 1.61 -12.88
CA ILE B 384 -19.09 2.35 -13.90
C ILE B 384 -19.73 3.70 -14.14
N SER B 385 -21.07 3.78 -14.06
CA SER B 385 -21.74 5.03 -14.34
C SER B 385 -21.41 6.10 -13.32
N VAL B 386 -21.07 5.72 -12.09
CA VAL B 386 -20.70 6.72 -11.10
C VAL B 386 -19.20 6.86 -11.02
N LEU B 387 -18.46 5.96 -11.65
CA LEU B 387 -17.01 6.07 -11.72
C LEU B 387 -16.58 7.21 -12.64
N VAL B 388 -17.28 7.40 -13.76
CA VAL B 388 -16.74 8.19 -14.86
C VAL B 388 -16.59 9.67 -14.49
N THR B 389 -17.51 10.20 -13.70
CA THR B 389 -17.43 11.63 -13.40
C THR B 389 -16.14 11.96 -12.67
N GLY B 390 -15.76 11.14 -11.69
CA GLY B 390 -14.55 11.41 -10.94
C GLY B 390 -13.28 11.02 -11.67
N SER B 391 -13.34 10.04 -12.57
CA SER B 391 -12.16 9.52 -13.27
C SER B 391 -12.42 9.37 -14.77
N PRO B 392 -12.70 10.47 -15.48
CA PRO B 392 -13.08 10.32 -16.90
C PRO B 392 -11.94 9.85 -17.77
N ASP B 393 -10.71 10.25 -17.48
CA ASP B 393 -9.59 9.81 -18.32
C ASP B 393 -9.32 8.33 -18.14
N TYR B 394 -9.36 7.83 -16.91
CA TYR B 394 -9.19 6.40 -16.72
C TYR B 394 -10.32 5.62 -17.37
N THR B 395 -11.57 6.08 -17.20
CA THR B 395 -12.71 5.43 -17.86
C THR B 395 -12.52 5.43 -19.38
N LEU B 396 -12.09 6.54 -19.95
CA LEU B 396 -11.88 6.54 -21.39
C LEU B 396 -10.86 5.48 -21.78
N SER B 397 -9.79 5.35 -21.00
CA SER B 397 -8.77 4.35 -21.32
C SER B 397 -9.29 2.92 -21.22
N GLN B 398 -10.41 2.71 -20.54
CA GLN B 398 -10.98 1.37 -20.43
C GLN B 398 -12.13 1.10 -21.40
N PHE B 399 -12.38 2.00 -22.35
CA PHE B 399 -13.48 1.83 -23.31
C PHE B 399 -13.41 0.50 -24.05
N ASP B 400 -12.22 -0.05 -24.27
CA ASP B 400 -12.15 -1.33 -24.98
C ASP B 400 -12.93 -2.41 -24.24
N LYS B 401 -13.04 -2.29 -22.92
CA LYS B 401 -13.83 -3.16 -22.08
C LYS B 401 -15.20 -2.60 -21.76
N ILE B 402 -15.29 -1.29 -21.53
CA ILE B 402 -16.54 -0.74 -21.02
C ILE B 402 -17.59 -0.72 -22.10
N ILE B 403 -17.26 -0.26 -23.32
CA ILE B 403 -18.29 -0.16 -24.37
C ILE B 403 -18.95 -1.51 -24.64
N PRO B 404 -18.21 -2.57 -24.93
CA PRO B 404 -18.87 -3.88 -25.07
C PRO B 404 -19.74 -4.23 -23.87
N ALA B 405 -19.29 -3.87 -22.68
CA ALA B 405 -20.09 -4.16 -21.50
C ALA B 405 -21.43 -3.41 -21.54
N THR B 406 -21.44 -2.14 -21.96
CA THR B 406 -22.73 -1.45 -22.08
C THR B 406 -23.61 -2.11 -23.14
N VAL B 407 -22.99 -2.59 -24.23
CA VAL B 407 -23.75 -3.24 -25.30
C VAL B 407 -24.31 -4.56 -24.82
N THR B 408 -23.49 -5.37 -24.14
CA THR B 408 -24.00 -6.58 -23.50
C THR B 408 -25.16 -6.25 -22.55
N GLY B 409 -25.02 -5.16 -21.78
CA GLY B 409 -26.07 -4.79 -20.84
C GLY B 409 -27.36 -4.42 -21.53
N LEU B 410 -27.27 -3.70 -22.67
CA LEU B 410 -28.46 -3.36 -23.44
C LEU B 410 -29.18 -4.62 -23.96
N LYS B 411 -28.46 -5.72 -24.14
CA LYS B 411 -29.04 -6.94 -24.68
C LYS B 411 -29.61 -7.86 -23.61
N ASP B 412 -29.46 -7.49 -22.34
CA ASP B 412 -29.92 -8.32 -21.23
C ASP B 412 -31.42 -8.57 -21.32
N SER B 413 -31.85 -9.70 -20.75
CA SER B 413 -33.29 -9.97 -20.70
C SER B 413 -33.96 -9.13 -19.64
N GLU B 414 -33.26 -8.81 -18.57
CA GLU B 414 -33.85 -8.09 -17.46
C GLU B 414 -33.87 -6.60 -17.75
N ALA B 415 -35.05 -6.00 -17.65
CA ALA B 415 -35.18 -4.57 -17.90
C ALA B 415 -34.32 -3.77 -16.94
N VAL B 416 -34.14 -4.28 -15.73
CA VAL B 416 -33.36 -3.59 -14.72
C VAL B 416 -31.91 -3.49 -15.15
N VAL B 417 -31.40 -4.52 -15.83
CA VAL B 417 -30.04 -4.46 -16.35
C VAL B 417 -29.97 -3.52 -17.55
N GLN B 418 -30.96 -3.58 -18.43
CA GLN B 418 -30.96 -2.68 -19.58
C GLN B 418 -30.96 -1.22 -19.13
N LEU B 419 -31.79 -0.90 -18.13
CA LEU B 419 -31.81 0.45 -17.57
C LEU B 419 -30.47 0.81 -16.97
N ALA B 420 -29.83 -0.12 -16.29
CA ALA B 420 -28.53 0.16 -15.75
C ALA B 420 -27.54 0.49 -16.87
N ALA B 421 -27.55 -0.29 -17.94
CA ALA B 421 -26.69 0.01 -19.09
C ALA B 421 -27.02 1.37 -19.68
N LEU B 422 -28.31 1.71 -19.80
CA LEU B 422 -28.71 3.02 -20.31
C LEU B 422 -28.23 4.15 -19.38
N LYS B 423 -28.32 3.96 -18.07
CA LYS B 423 -27.80 4.97 -17.17
C LYS B 423 -26.29 5.10 -17.34
N CYS B 424 -25.61 3.99 -17.55
CA CYS B 424 -24.16 4.04 -17.74
C CYS B 424 -23.80 4.84 -18.98
N ILE B 425 -24.49 4.58 -20.10
CA ILE B 425 -24.23 5.30 -21.35
C ILE B 425 -24.50 6.79 -21.20
N VAL B 426 -25.63 7.16 -20.57
CA VAL B 426 -25.92 8.56 -20.34
C VAL B 426 -24.75 9.23 -19.64
N GLN B 427 -24.21 8.54 -18.65
CA GLN B 427 -23.15 9.12 -17.86
C GLN B 427 -21.86 9.24 -18.67
N LEU B 428 -21.54 8.22 -19.48
CA LEU B 428 -20.39 8.32 -20.36
C LEU B 428 -20.56 9.49 -21.33
N SER B 429 -21.75 9.65 -21.94
CA SER B 429 -21.92 10.77 -22.88
C SER B 429 -21.73 12.11 -22.19
N THR B 430 -22.30 12.26 -20.99
CA THR B 430 -22.17 13.53 -20.29
C THR B 430 -20.72 13.93 -20.09
N ASN B 431 -19.86 12.97 -19.75
CA ASN B 431 -18.49 13.30 -19.43
C ASN B 431 -17.50 13.07 -20.58
N LEU B 432 -17.81 12.19 -21.52
CA LEU B 432 -16.90 11.81 -22.60
C LEU B 432 -17.63 11.91 -23.95
N GLN B 433 -18.07 13.12 -24.28
CA GLN B 433 -19.16 13.40 -25.21
C GLN B 433 -18.98 12.78 -26.61
N ASP B 434 -18.06 13.31 -27.39
CA ASP B 434 -17.91 12.75 -28.73
C ASP B 434 -17.25 11.39 -28.73
N GLU B 435 -16.56 11.01 -27.65
CA GLU B 435 -15.93 9.69 -27.59
C GLU B 435 -16.95 8.57 -27.51
N VAL B 436 -18.08 8.81 -26.85
CA VAL B 436 -19.11 7.79 -26.84
C VAL B 436 -19.86 7.80 -28.16
N ALA B 437 -20.14 9.01 -28.67
CA ALA B 437 -20.95 9.10 -29.88
C ALA B 437 -20.32 8.35 -31.05
N ARG B 438 -19.00 8.14 -31.01
CA ARG B 438 -18.31 7.35 -32.04
C ARG B 438 -18.86 5.95 -32.20
N TYR B 439 -19.39 5.37 -31.12
CA TYR B 439 -19.95 4.03 -31.22
C TYR B 439 -21.41 4.04 -31.65
N HIS B 440 -21.87 5.11 -32.29
CA HIS B 440 -23.30 5.21 -32.56
C HIS B 440 -23.83 4.03 -33.36
N GLU B 441 -23.04 3.51 -34.30
CA GLU B 441 -23.55 2.44 -35.15
C GLU B 441 -24.02 1.23 -34.36
N GLN B 442 -23.29 0.84 -33.30
CA GLN B 442 -23.78 -0.24 -32.44
C GLN B 442 -24.94 0.22 -31.57
N TYR B 443 -24.85 1.44 -31.03
CA TYR B 443 -25.79 1.88 -30.02
C TYR B 443 -27.17 2.19 -30.61
N LEU B 444 -27.24 2.92 -31.72
CA LEU B 444 -28.52 3.47 -32.17
C LEU B 444 -29.59 2.41 -32.41
N PRO B 445 -29.32 1.34 -33.16
CA PRO B 445 -30.35 0.28 -33.29
C PRO B 445 -30.74 -0.34 -31.97
N LEU B 446 -29.78 -0.56 -31.07
CA LEU B 446 -30.16 -1.16 -29.80
C LEU B 446 -31.04 -0.21 -28.99
N VAL B 447 -30.67 1.06 -28.96
CA VAL B 447 -31.41 2.02 -28.17
C VAL B 447 -32.80 2.27 -28.73
N ILE B 448 -32.93 2.39 -30.07
CA ILE B 448 -34.25 2.58 -30.66
C ILE B 448 -35.13 1.38 -30.36
N ASP B 449 -34.56 0.19 -30.52
CA ASP B 449 -35.31 -1.03 -30.28
C ASP B 449 -35.88 -1.05 -28.88
N ILE B 450 -35.09 -0.60 -27.91
CA ILE B 450 -35.58 -0.56 -26.55
C ILE B 450 -36.71 0.44 -26.44
N ILE B 451 -36.60 1.58 -27.13
CA ILE B 451 -37.68 2.57 -27.11
C ILE B 451 -38.97 1.95 -27.64
N ASP B 452 -38.89 1.27 -28.79
CA ASP B 452 -40.08 0.71 -29.41
C ASP B 452 -40.71 -0.39 -28.56
N SER B 453 -39.90 -1.21 -27.88
CA SER B 453 -40.44 -2.32 -27.12
C SER B 453 -40.45 -2.06 -25.62
N ALA B 454 -40.37 -0.80 -25.20
CA ALA B 454 -40.37 -0.48 -23.78
C ALA B 454 -41.77 -0.63 -23.20
N LYS B 455 -41.85 -1.23 -22.01
CA LYS B 455 -43.10 -1.33 -21.26
C LYS B 455 -43.04 -0.56 -19.95
N HIS B 456 -41.96 0.17 -19.66
CA HIS B 456 -41.88 0.98 -18.45
C HIS B 456 -41.46 2.39 -18.81
N VAL B 457 -42.01 3.38 -18.11
CA VAL B 457 -41.74 4.76 -18.47
C VAL B 457 -40.28 5.14 -18.18
N VAL B 458 -39.68 4.57 -17.12
CA VAL B 458 -38.33 4.95 -16.77
C VAL B 458 -37.35 4.45 -17.79
N ILE B 459 -37.61 3.28 -18.38
CA ILE B 459 -36.78 2.79 -19.47
C ILE B 459 -36.97 3.66 -20.70
N TYR B 460 -38.22 4.02 -20.99
CA TYR B 460 -38.49 4.89 -22.12
C TYR B 460 -37.76 6.22 -21.98
N LYS B 461 -37.73 6.79 -20.77
CA LYS B 461 -37.02 8.04 -20.59
C LYS B 461 -35.53 7.87 -20.81
N TYR B 462 -34.92 6.95 -20.09
CA TYR B 462 -33.48 6.81 -20.15
C TYR B 462 -33.02 6.37 -21.52
N ALA B 463 -33.84 5.59 -22.24
CA ALA B 463 -33.52 5.27 -23.63
C ALA B 463 -33.54 6.53 -24.49
N THR B 464 -34.58 7.36 -24.35
CA THR B 464 -34.58 8.62 -25.09
C THR B 464 -33.39 9.48 -24.68
N LEU B 465 -33.08 9.52 -23.39
CA LEU B 465 -31.98 10.35 -22.93
C LEU B 465 -30.64 9.82 -23.43
N ALA B 466 -30.46 8.50 -23.51
CA ALA B 466 -29.25 7.96 -24.12
C ALA B 466 -29.18 8.31 -25.60
N LEU B 467 -30.29 8.18 -26.31
CA LEU B 467 -30.32 8.56 -27.70
C LEU B 467 -29.97 10.03 -27.87
N ASP B 468 -30.55 10.88 -27.02
CA ASP B 468 -30.24 12.31 -27.02
C ASP B 468 -28.72 12.56 -26.91
N GLY B 469 -28.08 11.93 -25.91
CA GLY B 469 -26.68 12.22 -25.65
C GLY B 469 -25.76 11.75 -26.76
N LEU B 470 -26.11 10.61 -27.38
CA LEU B 470 -25.39 10.14 -28.57
C LEU B 470 -25.55 11.11 -29.73
N LEU B 471 -26.80 11.45 -30.06
CA LEU B 471 -27.06 12.25 -31.26
C LEU B 471 -26.35 13.59 -31.21
N GLU B 472 -26.27 14.17 -30.02
CA GLU B 472 -25.72 15.52 -29.87
C GLU B 472 -24.26 15.60 -30.31
N PHE B 473 -23.49 14.53 -30.15
CA PHE B 473 -22.07 14.58 -30.45
C PHE B 473 -21.69 13.68 -31.61
N ILE B 474 -22.66 13.20 -32.39
CA ILE B 474 -22.30 12.46 -33.59
C ILE B 474 -21.57 13.39 -34.55
N ALA B 475 -20.59 12.84 -35.24
CA ALA B 475 -19.88 13.57 -36.28
C ALA B 475 -20.84 14.09 -37.33
N HIS B 476 -20.55 15.28 -37.83
CA HIS B 476 -21.47 15.96 -38.72
C HIS B 476 -21.81 15.13 -39.94
N ASN B 477 -20.80 14.49 -40.54
CA ASN B 477 -21.03 13.64 -41.70
C ASN B 477 -22.05 12.55 -41.41
N ASP B 478 -21.87 11.86 -40.28
CA ASP B 478 -22.71 10.71 -39.96
C ASP B 478 -24.15 11.12 -39.63
N ILE B 479 -24.33 12.25 -38.96
CA ILE B 479 -25.71 12.59 -38.60
C ILE B 479 -26.53 12.80 -39.85
N ILE B 480 -25.92 13.26 -40.94
CA ILE B 480 -26.70 13.57 -42.13
C ILE B 480 -27.28 12.29 -42.72
N LYS B 481 -26.51 11.21 -42.72
CA LYS B 481 -27.03 9.91 -43.16
C LYS B 481 -28.21 9.46 -42.30
N TYR B 482 -28.26 9.86 -41.03
CA TYR B 482 -29.34 9.46 -40.13
C TYR B 482 -30.45 10.49 -40.04
N LEU B 483 -30.20 11.72 -40.50
CA LEU B 483 -30.97 12.87 -40.04
C LEU B 483 -32.46 12.73 -40.34
N ASP B 484 -32.80 12.25 -41.55
CA ASP B 484 -34.21 12.22 -41.95
C ASP B 484 -34.99 11.09 -41.27
N PRO B 485 -34.53 9.84 -41.26
CA PRO B 485 -35.25 8.83 -40.47
C PRO B 485 -35.29 9.16 -38.99
N LEU B 486 -34.24 9.79 -38.48
CA LEU B 486 -34.23 10.14 -37.07
C LEU B 486 -35.32 11.14 -36.75
N MSE B 487 -35.40 12.19 -37.54
CA MSE B 487 -36.44 13.19 -37.39
C MSE B 487 -37.85 12.60 -37.48
O MSE B 487 -38.74 12.98 -36.70
CB MSE B 487 -36.23 14.26 -38.45
CG MSE B 487 -34.97 15.06 -38.17
SE MSE B 487 -35.04 16.04 -36.44
CE MSE B 487 -36.29 17.45 -36.99
N ASN B 488 -38.09 11.67 -38.39
CA ASN B 488 -39.44 11.12 -38.49
C ASN B 488 -39.78 10.35 -37.23
N LYS B 489 -38.80 9.62 -36.69
CA LYS B 489 -39.04 8.80 -35.50
C LYS B 489 -39.27 9.68 -34.26
N LEU B 490 -38.49 10.73 -34.11
CA LEU B 490 -38.64 11.55 -32.92
C LEU B 490 -39.99 12.25 -32.89
N PHE B 491 -40.44 12.77 -34.04
CA PHE B 491 -41.74 13.45 -34.04
C PHE B 491 -42.90 12.46 -33.93
N GLN B 492 -42.80 11.27 -34.52
CA GLN B 492 -43.82 10.26 -34.23
C GLN B 492 -43.89 10.00 -32.74
N MSE B 493 -42.73 9.82 -32.11
CA MSE B 493 -42.63 9.62 -30.66
C MSE B 493 -43.27 10.78 -29.89
O MSE B 493 -44.00 10.58 -28.93
CB MSE B 493 -41.16 9.47 -30.23
CG MSE B 493 -40.53 8.14 -30.59
SE MSE B 493 -38.55 8.17 -30.38
CE MSE B 493 -38.46 8.64 -28.43
N LEU B 494 -42.97 12.00 -30.30
CA LEU B 494 -43.53 13.18 -29.65
C LEU B 494 -45.06 13.18 -29.76
N GLU B 495 -45.59 12.76 -30.92
CA GLU B 495 -47.03 12.66 -31.09
C GLU B 495 -47.61 11.59 -30.20
N THR B 496 -47.06 10.38 -30.30
CA THR B 496 -47.61 9.23 -29.60
C THR B 496 -47.59 9.46 -28.10
N GLN B 497 -46.47 9.94 -27.58
CA GLN B 497 -46.30 10.05 -26.15
C GLN B 497 -47.06 11.23 -25.60
N GLN B 498 -47.66 11.06 -24.42
CA GLN B 498 -48.45 12.12 -23.82
C GLN B 498 -47.84 12.66 -22.54
N SER B 499 -47.01 11.88 -21.88
CA SER B 499 -46.35 12.32 -20.67
C SER B 499 -45.53 13.58 -20.95
N PRO B 500 -45.64 14.62 -20.12
CA PRO B 500 -44.74 15.75 -20.31
C PRO B 500 -43.29 15.41 -19.99
N LYS B 501 -43.06 14.44 -19.10
CA LYS B 501 -41.70 13.99 -18.81
C LYS B 501 -41.05 13.36 -20.03
N LEU B 502 -41.79 12.51 -20.74
CA LEU B 502 -41.26 11.90 -21.95
C LEU B 502 -41.19 12.90 -23.10
N ARG B 503 -42.20 13.74 -23.25
CA ARG B 503 -42.12 14.73 -24.32
C ARG B 503 -40.90 15.64 -24.14
N ALA B 504 -40.59 16.00 -22.91
CA ALA B 504 -39.46 16.87 -22.68
C ALA B 504 -38.17 16.20 -23.15
N ALA B 505 -38.00 14.91 -22.87
CA ALA B 505 -36.78 14.25 -23.29
C ALA B 505 -36.70 14.10 -24.81
N ILE B 506 -37.84 13.96 -25.48
CA ILE B 506 -37.88 13.86 -26.94
C ILE B 506 -37.55 15.20 -27.56
N VAL B 507 -38.03 16.28 -26.95
CA VAL B 507 -37.72 17.60 -27.47
C VAL B 507 -36.21 17.84 -27.44
N SER B 508 -35.55 17.40 -26.36
CA SER B 508 -34.11 17.57 -26.25
C SER B 508 -33.37 16.80 -27.33
N ALA B 509 -33.78 15.55 -27.60
CA ALA B 509 -33.19 14.75 -28.67
C ALA B 509 -33.33 15.44 -30.01
N ILE B 510 -34.48 16.08 -30.26
CA ILE B 510 -34.67 16.82 -31.51
C ILE B 510 -33.69 18.00 -31.57
N GLY B 511 -33.61 18.81 -30.54
CA GLY B 511 -32.63 19.88 -30.56
C GLY B 511 -31.21 19.37 -30.75
N SER B 512 -30.88 18.23 -30.15
CA SER B 512 -29.56 17.64 -30.32
C SER B 512 -29.29 17.26 -31.77
N CYS B 513 -30.32 16.81 -32.50
CA CYS B 513 -30.17 16.61 -33.95
C CYS B 513 -29.78 17.90 -34.64
N ALA B 514 -30.49 18.97 -34.34
CA ALA B 514 -30.12 20.24 -34.94
C ALA B 514 -28.66 20.60 -34.61
N PHE B 515 -28.28 20.47 -33.34
CA PHE B 515 -26.93 20.86 -32.91
C PHE B 515 -25.88 20.12 -33.73
N ALA B 516 -26.07 18.82 -33.91
CA ALA B 516 -25.10 18.02 -34.65
C ALA B 516 -25.14 18.35 -36.13
N ALA B 517 -26.33 18.58 -36.69
CA ALA B 517 -26.44 18.77 -38.14
C ALA B 517 -26.06 20.19 -38.59
N GLY B 518 -26.16 21.19 -37.74
CA GLY B 518 -25.88 22.53 -38.23
C GLY B 518 -26.78 22.94 -39.39
N SER B 519 -26.17 23.34 -40.50
CA SER B 519 -26.93 23.80 -41.66
C SER B 519 -27.70 22.69 -42.34
N GLY B 520 -27.31 21.43 -42.15
CA GLY B 520 -28.14 20.33 -42.62
C GLY B 520 -29.50 20.26 -41.95
N PHE B 521 -29.72 21.05 -40.90
CA PHE B 521 -31.02 21.08 -40.26
C PHE B 521 -32.01 21.99 -40.99
N VAL B 522 -31.55 22.85 -41.89
CA VAL B 522 -32.43 23.85 -42.51
C VAL B 522 -33.71 23.23 -43.08
N PRO B 523 -33.67 22.08 -43.78
CA PRO B 523 -34.93 21.53 -44.33
C PRO B 523 -35.97 21.21 -43.26
N TYR B 524 -35.55 20.98 -42.02
CA TYR B 524 -36.48 20.63 -40.94
C TYR B 524 -36.84 21.80 -40.05
N PHE B 525 -36.27 22.98 -40.26
CA PHE B 525 -36.44 24.06 -39.29
C PHE B 525 -37.90 24.48 -39.21
N LYS B 526 -38.49 24.86 -40.34
CA LYS B 526 -39.83 25.44 -40.33
C LYS B 526 -40.85 24.47 -39.73
N THR B 527 -40.87 23.21 -40.19
CA THR B 527 -41.87 22.28 -39.66
C THR B 527 -41.66 22.05 -38.17
N SER B 528 -40.40 21.86 -37.74
CA SER B 528 -40.10 21.61 -36.34
C SER B 528 -40.58 22.75 -35.45
N VAL B 529 -40.31 24.00 -35.85
CA VAL B 529 -40.72 25.13 -35.02
C VAL B 529 -42.25 25.22 -34.96
N GLN B 530 -42.91 25.06 -36.10
CA GLN B 530 -44.36 25.04 -36.09
C GLN B 530 -44.86 24.05 -35.05
N TYR B 531 -44.36 22.82 -35.11
CA TYR B 531 -44.86 21.80 -34.19
C TYR B 531 -44.51 22.19 -32.76
N LEU B 532 -43.25 22.53 -32.51
CA LEU B 532 -42.79 22.79 -31.15
C LEU B 532 -43.34 24.10 -30.59
N GLN B 533 -43.77 25.03 -31.44
CA GLN B 533 -44.39 26.22 -30.88
C GLN B 533 -45.59 25.88 -30.02
N GLN B 534 -46.20 24.71 -30.23
CA GLN B 534 -47.37 24.39 -29.43
C GLN B 534 -47.03 24.32 -27.94
N PHE B 535 -45.79 23.93 -27.59
CA PHE B 535 -45.39 23.79 -26.19
C PHE B 535 -44.93 25.09 -25.51
N ILE B 536 -44.93 26.22 -26.21
CA ILE B 536 -44.53 27.47 -25.57
C ILE B 536 -45.64 28.47 -25.80
N GLN B 537 -46.85 28.07 -25.43
CA GLN B 537 -48.01 28.93 -25.38
C GLN B 537 -48.25 29.36 -23.93
N ASN B 538 -48.79 30.54 -23.74
CA ASN B 538 -49.14 31.00 -22.39
C ASN B 538 -47.95 30.92 -21.43
N VAL B 539 -46.81 31.47 -21.86
CA VAL B 539 -45.58 31.39 -21.06
C VAL B 539 -45.80 31.91 -19.65
N SER B 540 -46.51 33.03 -19.51
CA SER B 540 -46.65 33.67 -18.21
C SER B 540 -47.45 32.85 -17.19
N GLN B 541 -48.31 31.95 -17.64
CA GLN B 541 -49.20 31.23 -16.72
C GLN B 541 -48.41 30.11 -16.05
N ILE B 542 -48.08 30.30 -14.77
CA ILE B 542 -47.33 29.32 -14.00
C ILE B 542 -48.24 28.50 -13.10
N GLU B 543 -49.26 29.14 -12.54
CA GLU B 543 -50.08 28.48 -11.53
C GLU B 543 -50.76 27.24 -12.10
N GLY B 544 -50.68 26.14 -11.36
CA GLY B 544 -51.36 24.92 -11.74
C GLY B 544 -50.58 24.02 -12.68
N LEU B 545 -49.35 24.36 -13.02
CA LEU B 545 -48.56 23.51 -13.89
C LEU B 545 -47.65 22.63 -13.06
N SER B 546 -47.49 21.38 -13.47
CA SER B 546 -46.54 20.55 -12.75
C SER B 546 -45.12 20.94 -13.12
N GLU B 547 -44.18 20.52 -12.26
CA GLU B 547 -42.77 20.73 -12.59
C GLU B 547 -42.47 20.21 -13.99
N ASP B 548 -43.03 19.06 -14.35
CA ASP B 548 -42.78 18.50 -15.67
C ASP B 548 -43.37 19.36 -16.77
N ASP B 549 -44.54 19.99 -16.52
CA ASP B 549 -45.10 20.89 -17.52
C ASP B 549 -44.19 22.08 -17.75
N ILE B 550 -43.59 22.59 -16.68
CA ILE B 550 -42.67 23.71 -16.79
C ILE B 550 -41.42 23.28 -17.55
N GLU B 551 -40.90 22.09 -17.22
CA GLU B 551 -39.69 21.58 -17.87
C GLU B 551 -39.91 21.41 -19.36
N LEU B 552 -41.09 20.96 -19.78
CA LEU B 552 -41.32 20.79 -21.22
C LEU B 552 -41.27 22.14 -21.94
N LYS B 553 -41.85 23.19 -21.32
CA LYS B 553 -41.77 24.53 -21.93
C LYS B 553 -40.33 25.01 -22.01
N ALA B 554 -39.60 24.87 -20.90
CA ALA B 554 -38.23 25.35 -20.85
C ALA B 554 -37.36 24.62 -21.86
N LEU B 555 -37.49 23.31 -21.93
CA LEU B 555 -36.67 22.59 -22.89
C LEU B 555 -37.02 22.98 -24.31
N THR B 556 -38.27 23.38 -24.56
CA THR B 556 -38.62 23.79 -25.92
C THR B 556 -37.94 25.12 -26.26
N PHE B 557 -37.95 26.07 -25.31
CA PHE B 557 -37.22 27.30 -25.54
C PHE B 557 -35.73 26.99 -25.81
N GLU B 558 -35.14 26.12 -25.00
CA GLU B 558 -33.72 25.90 -25.13
C GLU B 558 -33.41 25.26 -26.47
N ASN B 559 -34.21 24.27 -26.84
CA ASN B 559 -33.93 23.55 -28.08
C ASN B 559 -34.35 24.33 -29.32
N ILE B 560 -35.35 25.20 -29.23
CA ILE B 560 -35.60 26.04 -30.38
C ILE B 560 -34.44 27.00 -30.60
N SER B 561 -33.92 27.61 -29.55
CA SER B 561 -32.78 28.48 -29.76
C SER B 561 -31.58 27.70 -30.30
N THR B 562 -31.47 26.42 -29.96
CA THR B 562 -30.36 25.61 -30.47
C THR B 562 -30.51 25.41 -31.96
N MSE B 563 -31.74 25.28 -32.43
CA MSE B 563 -32.02 25.21 -33.84
C MSE B 563 -31.62 26.51 -34.52
O MSE B 563 -31.08 26.52 -35.62
CB MSE B 563 -33.51 24.91 -34.07
CG MSE B 563 -33.90 23.51 -33.71
SE MSE B 563 -35.91 23.42 -33.77
CE MSE B 563 -36.03 21.55 -33.05
N GLY B 564 -31.87 27.64 -33.85
CA GLY B 564 -31.36 28.92 -34.35
C GLY B 564 -29.83 28.95 -34.45
N ARG B 565 -29.14 28.23 -33.58
CA ARG B 565 -27.69 28.14 -33.69
C ARG B 565 -27.27 27.29 -34.88
N ALA B 566 -28.04 26.25 -35.19
CA ALA B 566 -27.73 25.39 -36.32
C ALA B 566 -27.95 26.09 -37.64
N VAL B 567 -29.16 26.54 -37.89
CA VAL B 567 -29.44 27.36 -39.07
C VAL B 567 -29.13 28.77 -38.62
N LYS B 568 -28.65 29.63 -39.48
CA LYS B 568 -28.19 30.86 -38.87
C LYS B 568 -29.30 31.92 -38.96
N SER B 569 -28.93 33.20 -38.91
CA SER B 569 -29.93 34.26 -38.72
C SER B 569 -30.93 34.34 -39.87
N ALA B 570 -30.45 34.28 -41.12
CA ALA B 570 -31.38 34.38 -42.24
C ALA B 570 -32.40 33.26 -42.20
N ALA B 571 -31.98 32.04 -41.92
CA ALA B 571 -32.92 30.91 -41.85
C ALA B 571 -33.86 30.99 -40.65
N PHE B 572 -33.50 31.76 -39.61
CA PHE B 572 -34.32 31.93 -38.40
C PHE B 572 -35.33 33.05 -38.52
N ALA B 573 -35.29 33.81 -39.62
CA ALA B 573 -36.00 35.09 -39.69
C ALA B 573 -37.51 34.90 -39.55
N GLU B 574 -38.06 33.82 -40.10
CA GLU B 574 -39.51 33.69 -40.09
C GLU B 574 -40.07 33.78 -38.68
N TYR B 575 -39.44 33.11 -37.71
CA TYR B 575 -40.01 33.02 -36.37
C TYR B 575 -39.31 33.85 -35.31
N ALA B 576 -38.30 34.63 -35.67
CA ALA B 576 -37.46 35.26 -34.67
C ALA B 576 -38.27 36.15 -33.75
N GLU B 577 -39.15 36.95 -34.31
CA GLU B 577 -39.82 37.97 -33.50
C GLU B 577 -40.73 37.36 -32.44
N PRO B 578 -41.69 36.51 -32.78
CA PRO B 578 -42.51 35.93 -31.71
C PRO B 578 -41.69 35.14 -30.70
N LEU B 579 -40.68 34.39 -31.15
CA LEU B 579 -39.86 33.59 -30.25
C LEU B 579 -39.07 34.45 -29.27
N VAL B 580 -38.46 35.51 -29.76
CA VAL B 580 -37.76 36.41 -28.84
C VAL B 580 -38.73 37.00 -27.84
N ASN B 581 -39.91 37.41 -28.31
CA ASN B 581 -40.84 38.04 -27.38
C ASN B 581 -41.28 37.05 -26.32
N ALA B 582 -41.57 35.81 -26.72
CA ALA B 582 -41.87 34.75 -25.78
C ALA B 582 -40.74 34.53 -24.77
N ALA B 583 -39.47 34.59 -25.20
CA ALA B 583 -38.38 34.37 -24.25
C ALA B 583 -38.34 35.49 -23.22
N TYR B 584 -38.61 36.72 -23.65
CA TYR B 584 -38.81 37.82 -22.70
C TYR B 584 -39.85 37.47 -21.67
N GLU B 585 -41.01 37.02 -22.16
CA GLU B 585 -42.06 36.60 -21.25
C GLU B 585 -41.51 35.60 -20.24
N ALA B 586 -40.79 34.59 -20.74
CA ALA B 586 -40.25 33.56 -19.84
C ALA B 586 -39.41 34.17 -18.74
N ILE B 587 -38.49 35.08 -19.12
CA ILE B 587 -37.55 35.70 -18.21
C ILE B 587 -38.26 36.54 -17.15
N LYS B 588 -39.46 37.04 -17.44
CA LYS B 588 -40.23 37.82 -16.46
C LYS B 588 -41.09 36.94 -15.57
N THR B 589 -41.19 35.69 -15.91
CA THR B 589 -42.02 34.71 -15.24
C THR B 589 -41.53 34.47 -13.80
N ASP B 590 -42.34 33.71 -13.06
CA ASP B 590 -42.11 33.42 -11.66
C ASP B 590 -41.51 32.03 -11.42
N SER B 591 -41.25 31.28 -12.48
CA SER B 591 -40.53 30.02 -12.43
C SER B 591 -39.05 30.26 -12.72
N ALA B 592 -38.17 29.87 -11.80
CA ALA B 592 -36.73 29.95 -12.08
C ALA B 592 -36.32 29.00 -13.20
N ARG B 593 -36.91 27.82 -13.27
CA ARG B 593 -36.60 26.94 -14.37
C ARG B 593 -36.96 27.59 -15.68
N LEU B 594 -38.12 28.24 -15.71
CA LEU B 594 -38.60 28.89 -16.92
C LEU B 594 -37.78 30.13 -17.24
N ARG B 595 -37.42 30.92 -16.23
CA ARG B 595 -36.51 32.03 -16.45
C ARG B 595 -35.17 31.54 -16.97
N GLU B 596 -34.67 30.44 -16.42
CA GLU B 596 -33.40 29.89 -16.88
C GLU B 596 -33.46 29.63 -18.38
N SER B 597 -34.57 29.04 -18.86
CA SER B 597 -34.64 28.74 -20.29
C SER B 597 -34.74 30.00 -21.12
N GLY B 598 -35.31 31.07 -20.58
CA GLY B 598 -35.28 32.33 -21.31
C GLY B 598 -33.85 32.80 -21.50
N TYR B 599 -33.05 32.72 -20.45
CA TYR B 599 -31.67 33.16 -20.54
C TYR B 599 -30.85 32.27 -21.48
N ALA B 600 -31.06 30.95 -21.44
CA ALA B 600 -30.40 30.10 -22.41
C ALA B 600 -30.81 30.48 -23.81
N PHE B 601 -32.09 30.85 -23.99
CA PHE B 601 -32.56 31.27 -25.30
C PHE B 601 -31.82 32.50 -25.77
N ILE B 602 -31.71 33.49 -24.89
CA ILE B 602 -31.02 34.74 -25.22
C ILE B 602 -29.56 34.49 -25.50
N ALA B 603 -28.92 33.61 -24.73
CA ALA B 603 -27.49 33.38 -24.94
C ALA B 603 -27.24 32.98 -26.37
N ASN B 604 -28.07 32.05 -26.88
CA ASN B 604 -27.96 31.63 -28.26
C ASN B 604 -28.29 32.74 -29.25
N MSE B 605 -29.27 33.59 -28.92
CA MSE B 605 -29.61 34.70 -29.80
C MSE B 605 -28.39 35.59 -30.01
O MSE B 605 -28.18 36.12 -31.11
CB MSE B 605 -30.76 35.54 -29.24
CG MSE B 605 -32.08 34.84 -29.26
SE MSE B 605 -32.65 34.19 -31.03
CE MSE B 605 -31.87 32.34 -30.94
N ALA B 606 -27.60 35.74 -28.95
CA ALA B 606 -26.41 36.59 -29.03
C ALA B 606 -25.41 36.01 -30.01
N LYS B 607 -25.24 34.69 -30.00
CA LYS B 607 -24.42 34.05 -31.03
C LYS B 607 -25.06 34.19 -32.40
N VAL B 608 -26.40 34.12 -32.48
CA VAL B 608 -27.00 34.13 -33.81
C VAL B 608 -26.93 35.54 -34.42
N TYR B 609 -27.19 36.56 -33.62
CA TYR B 609 -27.40 37.89 -34.16
C TYR B 609 -26.26 38.87 -33.90
N GLY B 610 -25.25 38.50 -33.15
CA GLY B 610 -24.13 39.42 -32.90
C GLY B 610 -24.58 40.82 -32.48
N LYS B 611 -23.99 41.84 -33.10
CA LYS B 611 -24.28 43.21 -32.70
C LYS B 611 -25.72 43.59 -32.98
N ASP B 612 -26.42 42.89 -33.86
CA ASP B 612 -27.82 43.17 -34.10
C ASP B 612 -28.69 42.88 -32.90
N PHE B 613 -28.21 42.12 -31.92
CA PHE B 613 -29.03 41.95 -30.73
C PHE B 613 -28.94 43.14 -29.77
N ALA B 614 -28.11 44.13 -30.06
CA ALA B 614 -27.93 45.26 -29.14
C ALA B 614 -29.22 45.99 -28.75
N PRO B 615 -30.25 46.11 -29.59
CA PRO B 615 -31.44 46.86 -29.16
C PRO B 615 -32.14 46.24 -27.97
N PHE B 616 -31.90 44.96 -27.69
CA PHE B 616 -32.56 44.28 -26.58
C PHE B 616 -31.81 44.39 -25.27
N LEU B 617 -30.59 44.95 -25.27
CA LEU B 617 -29.79 45.02 -24.05
C LEU B 617 -30.49 45.81 -22.97
N GLN B 618 -31.00 46.98 -23.34
CA GLN B 618 -31.60 47.88 -22.35
C GLN B 618 -32.70 47.18 -21.55
N THR B 619 -33.47 46.31 -22.20
CA THR B 619 -34.53 45.58 -21.51
C THR B 619 -34.00 44.32 -20.83
N ILE B 620 -33.05 43.59 -21.45
CA ILE B 620 -32.64 42.31 -20.91
C ILE B 620 -31.69 42.45 -19.72
N ILE B 621 -30.72 43.36 -19.79
CA ILE B 621 -29.70 43.42 -18.75
C ILE B 621 -30.32 43.61 -17.37
N PRO B 622 -31.29 44.51 -17.18
CA PRO B 622 -31.86 44.65 -15.84
C PRO B 622 -32.45 43.35 -15.31
N GLU B 623 -33.06 42.54 -16.18
CA GLU B 623 -33.56 41.25 -15.71
C GLU B 623 -32.40 40.36 -15.26
N ILE B 624 -31.29 40.35 -16.01
CA ILE B 624 -30.17 39.52 -15.64
C ILE B 624 -29.61 39.96 -14.29
N PHE B 625 -29.44 41.27 -14.11
CA PHE B 625 -28.89 41.75 -12.86
C PHE B 625 -29.78 41.33 -11.70
N LYS B 626 -31.10 41.40 -11.90
CA LYS B 626 -32.02 40.97 -10.85
C LYS B 626 -31.83 39.49 -10.54
N THR B 627 -31.70 38.67 -11.58
CA THR B 627 -31.50 37.23 -11.39
C THR B 627 -30.22 36.95 -10.60
N LEU B 628 -29.12 37.65 -10.91
CA LEU B 628 -27.84 37.34 -10.29
C LEU B 628 -27.83 37.71 -8.80
N GLU B 629 -28.59 38.71 -8.41
CA GLU B 629 -28.63 39.23 -7.04
C GLU B 629 -29.58 38.46 -6.11
N GLN B 630 -30.45 37.59 -6.65
CA GLN B 630 -31.44 36.91 -5.83
C GLN B 630 -30.80 36.24 -4.62
N GLU B 631 -31.56 36.18 -3.53
CA GLU B 631 -31.15 35.39 -2.38
C GLU B 631 -31.13 33.92 -2.77
N GLU B 632 -30.10 33.20 -2.33
CA GLU B 632 -29.92 31.83 -2.78
C GLU B 632 -30.50 30.81 -1.81
N TYR B 633 -30.87 31.22 -0.60
CA TYR B 633 -31.56 30.31 0.31
C TYR B 633 -33.06 30.57 0.41
N THR B 660 -32.85 23.64 1.45
CA THR B 660 -32.57 24.96 1.98
C THR B 660 -31.81 25.82 0.94
N VAL B 661 -30.77 25.24 0.34
CA VAL B 661 -30.18 25.83 -0.87
C VAL B 661 -31.17 25.64 -2.02
N ASN B 662 -31.55 26.76 -2.64
CA ASN B 662 -32.52 26.78 -3.75
C ASN B 662 -31.82 26.40 -5.06
N THR B 663 -31.96 25.13 -5.46
CA THR B 663 -31.23 24.64 -6.63
C THR B 663 -31.70 25.31 -7.92
N GLY B 664 -33.01 25.55 -8.06
CA GLY B 664 -33.52 26.20 -9.25
C GLY B 664 -32.91 27.58 -9.46
N ILE B 665 -32.77 28.34 -8.37
CA ILE B 665 -32.10 29.65 -8.50
C ILE B 665 -30.62 29.47 -8.87
N ALA B 666 -29.97 28.41 -8.41
CA ALA B 666 -28.54 28.30 -8.66
C ALA B 666 -28.26 28.02 -10.13
N TYR B 667 -29.08 27.15 -10.72
CA TYR B 667 -29.00 26.89 -12.15
C TYR B 667 -29.35 28.12 -12.96
N GLU B 668 -30.42 28.82 -12.56
CA GLU B 668 -30.81 30.05 -13.23
C GLU B 668 -29.66 31.06 -13.24
N LYS B 669 -28.98 31.24 -12.12
CA LYS B 669 -27.88 32.18 -12.09
C LYS B 669 -26.74 31.73 -13.01
N GLU B 670 -26.46 30.42 -13.05
CA GLU B 670 -25.42 29.92 -13.96
C GLU B 670 -25.71 30.32 -15.39
N VAL B 671 -26.96 30.16 -15.83
CA VAL B 671 -27.29 30.40 -17.23
C VAL B 671 -27.39 31.90 -17.52
N ALA B 672 -27.91 32.68 -16.57
CA ALA B 672 -27.93 34.12 -16.75
C ALA B 672 -26.53 34.69 -16.88
N ALA B 673 -25.58 34.17 -16.09
CA ALA B 673 -24.22 34.67 -16.18
C ALA B 673 -23.63 34.37 -17.55
N ALA B 674 -23.91 33.17 -18.06
CA ALA B 674 -23.44 32.81 -19.39
C ALA B 674 -24.11 33.69 -20.45
N ALA B 675 -25.39 34.00 -20.26
CA ALA B 675 -26.08 34.91 -21.17
C ALA B 675 -25.40 36.28 -21.18
N LEU B 676 -25.12 36.83 -19.99
CA LEU B 676 -24.48 38.13 -19.94
C LEU B 676 -23.15 38.10 -20.66
N SER B 677 -22.41 37.01 -20.50
CA SER B 677 -21.12 36.92 -21.14
C SER B 677 -21.32 36.93 -22.65
N GLU B 678 -22.23 36.09 -23.13
CA GLU B 678 -22.44 36.00 -24.57
C GLU B 678 -22.92 37.34 -25.14
N LEU B 679 -23.78 38.03 -24.40
CA LEU B 679 -24.25 39.33 -24.85
C LEU B 679 -23.10 40.34 -24.95
N ALA B 680 -22.16 40.32 -24.00
CA ALA B 680 -21.01 41.22 -24.05
C ALA B 680 -20.12 40.93 -25.27
N ILE B 681 -19.76 39.66 -25.46
CA ILE B 681 -18.93 39.33 -26.62
C ILE B 681 -19.68 39.69 -27.91
N ALA B 682 -20.99 39.44 -27.93
CA ALA B 682 -21.78 39.67 -29.15
C ALA B 682 -21.96 41.15 -29.46
N SER B 683 -22.23 41.97 -28.44
CA SER B 683 -22.60 43.38 -28.60
C SER B 683 -21.43 44.32 -28.87
N LYS B 684 -20.24 43.99 -28.41
CA LYS B 684 -19.03 44.80 -28.61
C LYS B 684 -19.22 46.22 -28.08
N GLU B 685 -19.09 47.26 -28.90
CA GLU B 685 -19.21 48.64 -28.41
C GLU B 685 -20.55 48.90 -27.73
N HIS B 686 -21.62 48.24 -28.20
CA HIS B 686 -22.93 48.48 -27.61
C HIS B 686 -23.01 48.07 -26.14
N PHE B 687 -22.06 47.27 -25.67
CA PHE B 687 -22.06 46.82 -24.29
C PHE B 687 -21.31 47.76 -23.37
N LEU B 688 -20.77 48.84 -23.91
CA LEU B 688 -19.85 49.69 -23.15
C LEU B 688 -20.48 50.22 -21.88
N GLU B 689 -21.68 50.80 -21.98
CA GLU B 689 -22.36 51.36 -20.81
C GLU B 689 -22.68 50.30 -19.76
N TYR B 690 -22.67 49.02 -20.12
CA TYR B 690 -23.00 47.96 -19.18
C TYR B 690 -21.76 47.30 -18.56
N VAL B 691 -20.56 47.67 -19.00
CA VAL B 691 -19.34 46.99 -18.55
C VAL B 691 -19.16 47.16 -17.04
N GLU B 692 -19.03 48.39 -16.57
CA GLU B 692 -18.80 48.62 -15.14
CA GLU B 692 -18.80 48.61 -15.14
C GLU B 692 -19.93 48.05 -14.27
N PRO B 693 -21.21 48.29 -14.58
CA PRO B 693 -22.26 47.70 -13.73
C PRO B 693 -22.21 46.18 -13.74
N SER B 694 -21.93 45.58 -14.90
CA SER B 694 -21.80 44.11 -14.96
C SER B 694 -20.66 43.61 -14.08
N LEU B 695 -19.49 44.25 -14.16
CA LEU B 695 -18.39 43.84 -13.30
C LEU B 695 -18.72 43.97 -11.82
N LYS B 696 -19.43 45.04 -11.43
CA LYS B 696 -19.74 45.20 -10.02
C LYS B 696 -20.75 44.14 -9.56
N VAL B 697 -21.74 43.81 -10.37
CA VAL B 697 -22.68 42.77 -9.95
C VAL B 697 -21.96 41.43 -9.82
N LEU B 698 -21.10 41.10 -10.79
CA LEU B 698 -20.43 39.80 -10.77
C LEU B 698 -19.45 39.72 -9.61
N ALA B 699 -18.66 40.77 -9.38
CA ALA B 699 -17.76 40.78 -8.23
C ALA B 699 -18.51 40.54 -6.91
N GLU B 700 -19.70 41.10 -6.77
CA GLU B 700 -20.44 40.86 -5.53
C GLU B 700 -20.79 39.39 -5.40
N GLN B 701 -21.20 38.76 -6.51
CA GLN B 701 -21.47 37.33 -6.48
C GLN B 701 -20.22 36.50 -6.18
N VAL B 702 -19.04 36.89 -6.70
CA VAL B 702 -17.83 36.15 -6.35
C VAL B 702 -17.60 36.22 -4.85
N ASN B 703 -17.81 37.40 -4.24
CA ASN B 703 -17.54 37.56 -2.82
C ASN B 703 -18.52 36.78 -1.97
N GLU B 704 -19.80 36.81 -2.32
CA GLU B 704 -20.84 36.34 -1.40
C GLU B 704 -21.73 35.22 -1.89
N SER B 705 -21.53 34.69 -3.08
CA SER B 705 -22.44 33.68 -3.60
C SER B 705 -22.00 32.30 -3.17
N TYR B 706 -22.97 31.47 -2.83
CA TYR B 706 -22.67 30.10 -2.46
C TYR B 706 -22.10 29.31 -3.62
N GLY B 707 -22.79 29.30 -4.76
CA GLY B 707 -22.37 28.41 -5.81
C GLY B 707 -22.00 29.03 -7.14
N LEU B 708 -21.98 30.37 -7.24
CA LEU B 708 -21.74 31.03 -8.52
C LEU B 708 -20.35 31.64 -8.61
N LYS B 709 -19.49 31.44 -7.61
CA LYS B 709 -18.20 32.12 -7.59
C LYS B 709 -17.41 31.82 -8.86
N GLU B 710 -17.23 30.54 -9.19
CA GLU B 710 -16.39 30.21 -10.34
C GLU B 710 -16.97 30.80 -11.60
N THR B 711 -18.27 30.58 -11.82
CA THR B 711 -18.90 31.08 -13.04
C THR B 711 -18.90 32.61 -13.06
N ALA B 712 -19.21 33.22 -11.92
CA ALA B 712 -19.18 34.67 -11.84
C ALA B 712 -17.82 35.20 -12.26
N LEU B 713 -16.74 34.57 -11.78
CA LEU B 713 -15.41 35.06 -12.11
C LEU B 713 -15.10 34.81 -13.57
N HIS B 714 -15.50 33.65 -14.07
CA HIS B 714 -15.31 33.36 -15.47
C HIS B 714 -16.03 34.40 -16.35
N SER B 715 -17.23 34.81 -15.94
CA SER B 715 -17.97 35.80 -16.72
C SER B 715 -17.28 37.15 -16.71
N MSE B 716 -16.64 37.51 -15.62
CA MSE B 716 -15.92 38.78 -15.58
C MSE B 716 -14.83 38.79 -16.64
O MSE B 716 -14.55 39.82 -17.23
CB MSE B 716 -15.33 39.04 -14.19
CG MSE B 716 -16.37 39.03 -13.08
SE MSE B 716 -15.63 39.47 -11.29
CE MSE B 716 -14.86 41.31 -11.50
N TRP B 717 -14.18 37.64 -16.88
CA TRP B 717 -13.14 37.59 -17.89
C TRP B 717 -13.74 37.57 -19.28
N ALA B 718 -14.94 37.02 -19.40
CA ALA B 718 -15.65 37.10 -20.68
C ALA B 718 -15.89 38.54 -21.06
N ILE B 719 -16.33 39.35 -20.09
CA ILE B 719 -16.51 40.77 -20.32
C ILE B 719 -15.20 41.44 -20.66
N VAL B 720 -14.11 41.07 -19.99
CA VAL B 720 -12.82 41.64 -20.37
C VAL B 720 -12.50 41.26 -21.80
N LYS B 721 -12.71 40.00 -22.15
CA LYS B 721 -12.48 39.58 -23.52
C LYS B 721 -13.31 40.41 -24.48
N ALA B 722 -14.57 40.68 -24.12
CA ALA B 722 -15.43 41.49 -24.97
C ALA B 722 -14.87 42.91 -25.10
N VAL B 723 -14.47 43.51 -23.97
CA VAL B 723 -13.86 44.85 -24.02
C VAL B 723 -12.59 44.84 -24.84
N LEU B 724 -11.77 43.81 -24.71
CA LEU B 724 -10.53 43.81 -25.49
C LEU B 724 -10.80 43.59 -26.98
N LEU B 725 -11.80 42.78 -27.33
CA LEU B 725 -12.11 42.62 -28.75
C LEU B 725 -12.71 43.91 -29.31
N THR B 726 -13.61 44.55 -28.56
CA THR B 726 -14.18 45.81 -29.01
C THR B 726 -13.10 46.85 -29.28
N ALA B 727 -11.97 46.76 -28.59
CA ALA B 727 -10.83 47.64 -28.83
C ALA B 727 -9.95 47.20 -29.99
N ASN B 728 -10.35 46.17 -30.73
CA ASN B 728 -9.59 45.68 -31.87
C ASN B 728 -8.22 45.16 -31.46
N LEU B 729 -8.15 44.49 -30.32
CA LEU B 729 -7.02 43.64 -30.00
C LEU B 729 -7.33 42.27 -30.58
N LYS B 730 -6.65 41.89 -31.65
CA LYS B 730 -6.93 40.62 -32.27
C LYS B 730 -6.24 39.47 -31.53
N GLU B 731 -6.91 38.33 -31.48
CA GLU B 731 -6.46 37.22 -30.66
C GLU B 731 -5.09 36.73 -31.08
N GLY B 732 -4.23 36.50 -30.09
CA GLY B 732 -2.86 36.07 -30.31
C GLY B 732 -1.96 37.12 -30.91
N GLU B 733 -2.45 38.33 -31.17
CA GLU B 733 -1.62 39.36 -31.79
C GLU B 733 -1.20 40.45 -30.81
N TYR B 734 -0.59 40.08 -29.71
CA TYR B 734 -0.08 41.03 -28.73
C TYR B 734 1.43 41.16 -28.84
N PRO B 735 2.03 42.23 -28.31
CA PRO B 735 3.49 42.33 -28.26
C PRO B 735 4.09 41.47 -27.17
N LYS B 736 5.07 40.63 -27.55
CA LYS B 736 5.76 39.74 -26.61
C LYS B 736 6.61 40.53 -25.61
N GLY B 737 7.00 39.87 -24.53
CA GLY B 737 7.91 40.43 -23.57
C GLY B 737 7.23 41.02 -22.34
N VAL B 738 8.04 41.27 -21.32
CA VAL B 738 7.49 41.87 -20.09
C VAL B 738 6.95 43.24 -20.42
N PRO B 739 5.72 43.58 -20.02
CA PRO B 739 5.18 44.91 -20.38
C PRO B 739 5.70 46.00 -19.45
N SER B 740 6.44 46.94 -20.03
CA SER B 740 6.95 48.09 -19.30
C SER B 740 5.86 49.13 -19.04
N GLY B 741 4.93 49.27 -19.97
CA GLY B 741 3.79 50.15 -19.83
C GLY B 741 2.52 49.40 -20.19
N SER B 742 1.90 49.77 -21.31
CA SER B 742 0.63 49.18 -21.70
C SER B 742 0.45 49.22 -23.21
N TYR B 743 -0.05 48.13 -23.77
CA TYR B 743 -0.45 48.13 -25.17
C TYR B 743 -1.98 48.18 -25.35
N VAL B 744 -2.72 48.48 -24.29
CA VAL B 744 -4.17 48.67 -24.38
C VAL B 744 -4.48 50.01 -23.73
N ASP B 745 -5.56 50.66 -24.18
CA ASP B 745 -5.91 51.97 -23.68
C ASP B 745 -6.36 51.88 -22.23
N ALA B 746 -6.44 53.04 -21.58
CA ALA B 746 -6.62 53.06 -20.13
C ALA B 746 -7.96 52.46 -19.72
N SER B 747 -9.00 52.69 -20.50
CA SER B 747 -10.29 52.11 -20.15
C SER B 747 -10.22 50.59 -20.15
N ALA B 748 -9.49 50.03 -21.12
CA ALA B 748 -9.31 48.58 -21.17
C ALA B 748 -8.46 48.08 -20.02
N LEU B 749 -7.36 48.79 -19.73
CA LEU B 749 -6.46 48.33 -18.67
C LEU B 749 -7.14 48.39 -17.32
N ALA B 750 -7.96 49.41 -17.09
CA ALA B 750 -8.66 49.50 -15.82
C ALA B 750 -9.59 48.31 -15.66
N VAL B 751 -10.28 47.93 -16.74
CA VAL B 751 -11.10 46.73 -16.71
C VAL B 751 -10.26 45.49 -16.45
N ILE B 752 -9.10 45.39 -17.09
CA ILE B 752 -8.23 44.25 -16.88
C ILE B 752 -7.80 44.16 -15.43
N GLN B 753 -7.36 45.28 -14.88
CA GLN B 753 -6.80 45.26 -13.53
C GLN B 753 -7.85 44.85 -12.52
N THR B 754 -9.10 45.28 -12.74
CA THR B 754 -10.17 44.89 -11.85
C THR B 754 -10.21 43.38 -11.70
N VAL B 755 -10.32 42.68 -12.84
CA VAL B 755 -10.51 41.24 -12.81
C VAL B 755 -9.23 40.53 -12.38
N ARG B 756 -8.07 41.05 -12.79
CA ARG B 756 -6.80 40.49 -12.35
C ARG B 756 -6.72 40.45 -10.84
N GLU B 757 -7.17 41.51 -10.18
CA GLU B 757 -7.16 41.57 -8.72
C GLU B 757 -8.06 40.50 -8.10
N VAL B 758 -9.30 40.39 -8.59
CA VAL B 758 -10.22 39.38 -8.08
C VAL B 758 -9.68 37.98 -8.33
N SER B 759 -9.07 37.73 -9.49
CA SER B 759 -8.51 36.40 -9.76
C SER B 759 -7.49 36.02 -8.71
N LEU B 760 -6.55 36.92 -8.44
CA LEU B 760 -5.47 36.60 -7.52
C LEU B 760 -5.97 36.49 -6.09
N ASN B 761 -6.98 37.25 -5.70
CA ASN B 761 -7.53 37.08 -4.36
C ASN B 761 -8.25 35.75 -4.20
N ASN B 762 -8.69 35.15 -5.29
CA ASN B 762 -9.39 33.88 -5.21
C ASN B 762 -8.51 32.67 -5.45
N VAL B 763 -7.19 32.85 -5.46
CA VAL B 763 -6.29 31.72 -5.45
C VAL B 763 -5.37 31.80 -4.24
N ILE B 764 -4.99 33.01 -3.85
CA ILE B 764 -4.22 33.18 -2.62
C ILE B 764 -5.04 32.68 -1.45
N GLU B 765 -4.53 31.68 -0.75
CA GLU B 765 -5.18 31.07 0.41
C GLU B 765 -6.50 30.38 0.06
N GLU B 766 -6.70 30.03 -1.20
CA GLU B 766 -7.97 29.42 -1.56
C GLU B 766 -7.94 27.93 -1.17
N VAL B 767 -8.96 27.50 -0.44
CA VAL B 767 -8.98 26.11 0.01
C VAL B 767 -9.59 25.19 -1.04
N GLU B 768 -10.49 25.70 -1.88
CA GLU B 768 -11.19 24.86 -2.84
C GLU B 768 -10.33 24.64 -4.08
N THR B 769 -10.09 23.37 -4.41
CA THR B 769 -9.30 23.06 -5.59
C THR B 769 -10.05 23.45 -6.86
N SER B 770 -11.36 23.28 -6.86
CA SER B 770 -12.15 23.65 -8.01
C SER B 770 -11.98 25.13 -8.31
N MSE B 771 -11.91 25.97 -7.27
CA MSE B 771 -11.67 27.40 -7.50
C MSE B 771 -10.28 27.69 -8.08
O MSE B 771 -10.15 28.49 -9.00
CB MSE B 771 -11.85 28.23 -6.22
CG MSE B 771 -11.62 29.76 -6.43
SE MSE B 771 -12.80 30.71 -7.73
CE MSE B 771 -14.23 29.54 -7.50
N VAL B 772 -9.23 27.07 -7.51
CA VAL B 772 -7.88 27.25 -8.05
C VAL B 772 -7.82 26.79 -9.50
N ILE B 773 -8.31 25.58 -9.76
CA ILE B 773 -8.33 25.05 -11.12
C ILE B 773 -8.96 26.07 -12.05
N SER B 774 -10.10 26.60 -11.63
CA SER B 774 -10.88 27.47 -12.50
C SER B 774 -10.18 28.79 -12.74
N VAL B 775 -9.61 29.39 -11.68
CA VAL B 775 -8.85 30.63 -11.83
C VAL B 775 -7.64 30.42 -12.73
N PHE B 776 -6.92 29.33 -12.54
CA PHE B 776 -5.75 29.09 -13.38
C PHE B 776 -6.14 28.93 -14.84
N GLN B 777 -7.25 28.23 -15.09
CA GLN B 777 -7.74 28.02 -16.45
C GLN B 777 -8.09 29.34 -17.12
N ASP B 778 -8.82 30.22 -16.43
CA ASP B 778 -9.13 31.51 -17.02
C ASP B 778 -7.85 32.29 -17.32
N LEU B 779 -6.89 32.31 -16.39
CA LEU B 779 -5.70 33.12 -16.63
C LEU B 779 -4.89 32.61 -17.81
N SER B 780 -4.73 31.28 -17.94
CA SER B 780 -4.01 30.73 -19.09
C SER B 780 -4.69 31.10 -20.40
N GLU B 781 -6.01 31.01 -20.44
CA GLU B 781 -6.71 31.30 -21.70
C GLU B 781 -6.56 32.76 -22.09
N MSE B 782 -6.74 33.67 -21.13
CA MSE B 782 -6.59 35.07 -21.43
C MSE B 782 -5.15 35.51 -21.74
O MSE B 782 -4.93 36.29 -22.66
CB MSE B 782 -7.12 35.84 -20.26
CG MSE B 782 -8.61 35.54 -20.14
SE MSE B 782 -9.80 36.26 -21.51
CE MSE B 782 -9.05 35.24 -23.09
N LEU B 783 -4.19 35.02 -20.96
CA LEU B 783 -2.80 35.23 -21.32
C LEU B 783 -2.58 34.80 -22.77
N ARG B 784 -3.16 33.66 -23.16
CA ARG B 784 -2.99 33.16 -24.51
C ARG B 784 -3.63 34.05 -25.56
N LEU B 785 -4.84 34.53 -25.32
CA LEU B 785 -5.49 35.34 -26.35
C LEU B 785 -4.91 36.74 -26.43
N PHE B 786 -4.60 37.38 -25.28
CA PHE B 786 -4.31 38.79 -25.26
C PHE B 786 -2.95 39.17 -24.69
N GLY B 787 -2.16 38.21 -24.21
CA GLY B 787 -0.78 38.46 -23.85
C GLY B 787 -0.58 38.89 -22.40
N PRO B 788 0.65 39.28 -22.09
CA PRO B 788 1.04 39.46 -20.68
C PRO B 788 0.33 40.61 -19.99
N ILE B 789 -0.32 41.50 -20.75
CA ILE B 789 -1.08 42.59 -20.17
C ILE B 789 -2.17 42.08 -19.23
N ILE B 790 -2.61 40.84 -19.41
CA ILE B 790 -3.62 40.30 -18.50
C ILE B 790 -3.10 40.27 -17.06
N ILE B 791 -1.83 39.90 -16.87
CA ILE B 791 -1.26 39.71 -15.53
C ILE B 791 -0.40 40.89 -15.07
N MSE B 792 0.09 41.72 -15.98
CA MSE B 792 1.11 42.66 -15.61
C MSE B 792 1.10 43.85 -16.55
O MSE B 792 0.84 43.73 -17.74
CB MSE B 792 2.46 41.96 -15.62
CG MSE B 792 3.52 42.62 -14.78
SE MSE B 792 5.35 41.89 -15.15
CE MSE B 792 4.90 41.06 -16.88
N ASP B 793 1.37 45.03 -15.99
CA ASP B 793 1.51 46.23 -16.78
C ASP B 793 2.47 47.18 -16.08
N ASN B 794 3.06 48.07 -16.86
CA ASN B 794 3.87 49.17 -16.30
C ASN B 794 4.95 48.67 -15.34
N GLY B 795 5.64 47.60 -15.74
CA GLY B 795 6.79 47.14 -15.02
C GLY B 795 6.54 46.67 -13.61
N ASP B 796 5.29 46.60 -13.19
CA ASP B 796 4.96 46.20 -11.83
C ASP B 796 4.57 44.72 -11.87
N SER B 797 5.40 43.87 -11.25
CA SER B 797 5.19 42.43 -11.31
C SER B 797 4.58 41.86 -10.03
N THR B 798 3.87 42.68 -9.23
CA THR B 798 3.28 42.17 -8.00
C THR B 798 2.40 40.96 -8.28
N HIS B 799 1.47 41.09 -9.24
CA HIS B 799 0.54 40.01 -9.52
C HIS B 799 1.19 38.87 -10.28
N LEU B 800 2.15 39.16 -11.16
CA LEU B 800 2.89 38.10 -11.83
C LEU B 800 3.63 37.24 -10.81
N ASP B 801 4.38 37.87 -9.89
CA ASP B 801 5.11 37.12 -8.89
C ASP B 801 4.16 36.36 -7.96
N GLN B 802 3.02 36.97 -7.62
CA GLN B 802 2.01 36.25 -6.85
C GLN B 802 1.51 35.02 -7.58
N LEU B 803 1.23 35.15 -8.88
CA LEU B 803 0.70 34.01 -9.63
C LEU B 803 1.71 32.88 -9.69
N CYS B 804 2.97 33.20 -9.94
CA CYS B 804 4.00 32.16 -9.99
C CYS B 804 4.22 31.54 -8.62
N ARG B 805 4.15 32.34 -7.56
CA ARG B 805 4.29 31.78 -6.22
C ARG B 805 3.22 30.74 -5.96
N GLU B 806 1.97 31.08 -6.27
CA GLU B 806 0.89 30.12 -6.09
C GLU B 806 1.07 28.90 -7.00
N ALA B 807 1.35 29.14 -8.30
CA ALA B 807 1.50 28.05 -9.24
C ALA B 807 2.66 27.14 -8.83
N LEU B 808 3.79 27.74 -8.47
CA LEU B 808 4.92 26.92 -8.02
C LEU B 808 4.51 26.08 -6.83
N SER B 809 3.79 26.70 -5.90
CA SER B 809 3.37 25.99 -4.70
C SER B 809 2.46 24.82 -5.05
N VAL B 810 1.50 25.06 -5.94
CA VAL B 810 0.65 23.97 -6.40
C VAL B 810 1.51 22.86 -6.99
N LEU B 811 2.53 23.22 -7.79
CA LEU B 811 3.40 22.19 -8.35
C LEU B 811 4.07 21.36 -7.27
N LYS B 812 4.44 22.00 -6.15
CA LYS B 812 5.08 21.30 -5.03
C LYS B 812 4.09 20.59 -4.12
N GLY B 813 2.79 20.81 -4.28
CA GLY B 813 1.84 20.17 -3.39
C GLY B 813 1.63 20.90 -2.09
N GLU B 814 2.00 22.17 -2.01
CA GLU B 814 2.05 22.90 -0.76
C GLU B 814 1.02 24.03 -0.66
N HIS B 815 0.10 24.15 -1.62
CA HIS B 815 -0.87 25.23 -1.61
C HIS B 815 -2.01 24.95 -0.64
N ALA B 816 -2.66 26.02 -0.17
CA ALA B 816 -3.75 25.87 0.78
C ALA B 816 -4.78 24.86 0.30
N CYS B 817 -5.07 24.87 -1.00
CA CYS B 817 -6.11 23.99 -1.52
C CYS B 817 -5.68 22.54 -1.50
N GLN B 818 -4.38 22.27 -1.33
CA GLN B 818 -3.90 20.90 -1.22
C GLN B 818 -3.66 20.45 0.22
N THR B 819 -3.38 21.36 1.15
CA THR B 819 -3.04 20.99 2.53
C THR B 819 -4.32 21.03 3.38
N ILE B 820 -4.97 19.88 3.50
CA ILE B 820 -6.22 19.73 4.24
C ILE B 820 -5.94 19.53 5.72
N ASP B 833 0.48 8.67 -6.48
CA ASP B 833 -0.73 8.44 -7.25
C ASP B 833 -1.83 9.50 -6.96
N ALA B 834 -2.02 10.43 -7.89
CA ALA B 834 -2.97 11.50 -7.70
C ALA B 834 -4.35 11.08 -8.18
N SER B 835 -5.39 11.67 -7.57
CA SER B 835 -6.71 11.65 -8.17
C SER B 835 -6.69 12.42 -9.49
N GLU B 836 -7.71 12.20 -10.32
CA GLU B 836 -7.75 12.96 -11.57
C GLU B 836 -7.96 14.45 -11.32
N THR B 837 -8.75 14.80 -10.30
CA THR B 837 -8.85 16.21 -9.96
C THR B 837 -7.48 16.77 -9.60
N GLU B 838 -6.72 16.05 -8.77
CA GLU B 838 -5.41 16.54 -8.39
C GLU B 838 -4.47 16.62 -9.60
N ALA B 839 -4.66 15.74 -10.57
CA ALA B 839 -3.89 15.81 -11.81
C ALA B 839 -4.30 17.01 -12.66
N THR B 840 -5.58 17.35 -12.65
CA THR B 840 -6.01 18.55 -13.36
C THR B 840 -5.39 19.80 -12.73
N LEU B 841 -5.32 19.85 -11.41
CA LEU B 841 -4.65 20.95 -10.73
C LEU B 841 -3.20 21.07 -11.17
N LEU B 842 -2.49 19.94 -11.27
CA LEU B 842 -1.12 19.98 -11.74
C LEU B 842 -1.06 20.51 -13.16
N ASP B 843 -1.88 19.95 -14.02
CA ASP B 843 -1.87 20.33 -15.43
C ASP B 843 -2.10 21.82 -15.62
N VAL B 844 -3.12 22.37 -14.97
CA VAL B 844 -3.43 23.78 -15.20
C VAL B 844 -2.36 24.66 -14.58
N ALA B 845 -1.70 24.19 -13.52
CA ALA B 845 -0.61 24.98 -12.96
C ALA B 845 0.58 24.95 -13.90
N LEU B 846 0.91 23.79 -14.45
CA LEU B 846 1.95 23.76 -15.45
C LEU B 846 1.61 24.70 -16.59
N ASP B 847 0.32 24.84 -16.90
CA ASP B 847 -0.09 25.56 -18.09
C ASP B 847 -0.04 27.07 -17.91
N ILE B 848 -0.08 27.55 -16.67
CA ILE B 848 0.32 28.93 -16.38
C ILE B 848 1.72 29.20 -16.93
N TYR B 849 2.68 28.33 -16.59
CA TYR B 849 4.05 28.54 -17.08
C TYR B 849 4.12 28.44 -18.59
N VAL B 850 3.41 27.48 -19.18
CA VAL B 850 3.39 27.36 -20.64
C VAL B 850 2.96 28.66 -21.29
N ALA B 851 1.78 29.15 -20.91
CA ALA B 851 1.25 30.39 -21.46
C ALA B 851 2.23 31.55 -21.26
N LEU B 852 2.88 31.61 -20.10
CA LEU B 852 3.80 32.70 -19.84
C LEU B 852 5.05 32.58 -20.71
N SER B 853 5.54 31.36 -20.93
CA SER B 853 6.69 31.20 -21.82
C SER B 853 6.38 31.76 -23.19
N THR B 854 5.13 31.65 -23.64
CA THR B 854 4.77 32.16 -24.95
C THR B 854 4.56 33.67 -24.92
N ASN B 855 3.94 34.18 -23.84
CA ASN B 855 3.86 35.64 -23.65
C ASN B 855 5.24 36.25 -23.61
N LEU B 856 6.08 35.77 -22.68
CA LEU B 856 7.29 36.47 -22.28
C LEU B 856 8.50 36.20 -23.17
N VAL B 857 8.72 34.94 -23.59
CA VAL B 857 9.68 34.58 -24.62
C VAL B 857 11.13 34.87 -24.27
N GLY B 858 11.67 34.25 -23.24
CA GLY B 858 13.08 34.63 -23.05
C GLY B 858 13.18 35.67 -21.97
N GLY B 859 12.30 36.67 -22.00
CA GLY B 859 11.92 37.34 -20.78
C GLY B 859 11.22 36.43 -19.81
N PHE B 860 10.96 35.19 -20.21
CA PHE B 860 10.42 34.18 -19.34
C PHE B 860 11.47 33.55 -18.44
N ALA B 861 12.76 33.69 -18.80
CA ALA B 861 13.80 32.95 -18.11
C ALA B 861 13.81 33.23 -16.61
N GLN B 862 13.56 34.48 -16.22
CA GLN B 862 13.71 34.82 -14.82
C GLN B 862 12.62 34.18 -13.98
N VAL B 863 11.37 34.29 -14.41
CA VAL B 863 10.29 33.69 -13.64
C VAL B 863 10.41 32.18 -13.64
N PHE B 864 11.01 31.60 -14.68
CA PHE B 864 11.06 30.15 -14.80
C PHE B 864 12.04 29.52 -13.81
N THR B 865 13.04 30.28 -13.36
CA THR B 865 14.19 29.67 -12.69
C THR B 865 13.78 28.84 -11.48
N THR B 866 12.78 29.31 -10.74
CA THR B 866 12.33 28.60 -9.54
C THR B 866 11.57 27.33 -9.88
N ALA B 867 10.77 27.38 -10.93
CA ALA B 867 9.95 26.22 -11.25
C ALA B 867 10.72 25.17 -12.05
N LYS B 868 11.81 25.56 -12.69
CA LYS B 868 12.51 24.65 -13.59
C LYS B 868 13.00 23.39 -12.89
N PRO B 869 13.67 23.46 -11.73
CA PRO B 869 14.03 22.21 -11.03
C PRO B 869 12.84 21.37 -10.60
N VAL B 870 11.76 22.01 -10.15
CA VAL B 870 10.57 21.30 -9.75
C VAL B 870 9.93 20.57 -10.93
N ILE B 871 9.88 21.21 -12.10
CA ILE B 871 9.28 20.57 -13.27
C ILE B 871 10.16 19.44 -13.78
N LEU B 872 11.47 19.66 -13.83
CA LEU B 872 12.39 18.59 -14.20
C LEU B 872 12.28 17.41 -13.25
N GLN B 873 12.07 17.66 -11.96
CA GLN B 873 11.93 16.56 -11.03
C GLN B 873 10.64 15.79 -11.30
N LEU B 874 9.55 16.51 -11.61
CA LEU B 874 8.29 15.87 -11.95
C LEU B 874 8.39 14.99 -13.18
N CYS B 875 9.30 15.31 -14.12
CA CYS B 875 9.56 14.43 -15.26
C CYS B 875 10.04 13.06 -14.83
N GLN B 876 10.59 12.94 -13.62
CA GLN B 876 11.09 11.69 -13.10
C GLN B 876 10.12 11.04 -12.12
N SER B 877 8.93 11.58 -11.98
CA SER B 877 8.01 11.10 -10.96
C SER B 877 7.70 9.63 -11.12
N LYS B 878 7.44 8.98 -9.99
CA LYS B 878 6.93 7.62 -10.01
C LYS B 878 5.58 7.53 -10.70
N SER B 879 4.87 8.65 -10.84
CA SER B 879 3.56 8.66 -11.46
C SER B 879 3.72 8.87 -12.96
N LYS B 880 3.17 7.93 -13.74
CA LYS B 880 3.34 8.03 -15.18
C LYS B 880 2.66 9.28 -15.71
N ASN B 881 1.44 9.55 -15.23
CA ASN B 881 0.70 10.70 -15.70
C ASN B 881 1.45 12.00 -15.40
N LYS B 882 2.02 12.10 -14.20
CA LYS B 882 2.80 13.29 -13.89
C LYS B 882 3.97 13.44 -14.84
N ARG B 883 4.67 12.35 -15.15
CA ARG B 883 5.79 12.44 -16.08
C ARG B 883 5.29 12.93 -17.44
N SER B 884 4.12 12.45 -17.84
CA SER B 884 3.55 12.86 -19.10
C SER B 884 3.24 14.36 -19.12
N PHE B 885 2.65 14.88 -18.04
CA PHE B 885 2.32 16.31 -17.99
C PHE B 885 3.56 17.17 -18.00
N ALA B 886 4.55 16.79 -17.21
CA ALA B 886 5.75 17.59 -17.06
C ALA B 886 6.54 17.64 -18.37
N VAL B 887 6.75 16.48 -18.98
CA VAL B 887 7.46 16.43 -20.26
C VAL B 887 6.69 17.20 -21.33
N GLY B 888 5.38 17.06 -21.37
CA GLY B 888 4.60 17.85 -22.31
C GLY B 888 4.75 19.34 -22.08
N ALA B 889 4.78 19.77 -20.81
CA ALA B 889 4.87 21.19 -20.50
C ALA B 889 6.27 21.73 -20.75
N LEU B 890 7.32 20.94 -20.47
CA LEU B 890 8.67 21.40 -20.80
C LEU B 890 8.81 21.65 -22.29
N SER B 891 8.17 20.79 -23.09
CA SER B 891 8.24 20.95 -24.53
C SER B 891 7.52 22.21 -24.99
N GLU B 892 6.35 22.49 -24.43
CA GLU B 892 5.64 23.70 -24.82
C GLU B 892 6.38 24.94 -24.36
N ILE B 893 6.96 24.89 -23.16
CA ILE B 893 7.80 25.99 -22.70
C ILE B 893 8.96 26.20 -23.66
N ALA B 894 9.55 25.10 -24.15
CA ALA B 894 10.63 25.22 -25.13
C ALA B 894 10.17 25.90 -26.41
N LEU B 895 8.95 25.59 -26.87
CA LEU B 895 8.43 26.31 -28.02
C LEU B 895 8.21 27.78 -27.71
N GLY B 896 7.74 28.08 -26.49
CA GLY B 896 7.51 29.47 -26.12
C GLY B 896 8.78 30.31 -26.11
N MSE B 897 9.86 29.79 -25.55
CA MSE B 897 11.06 30.59 -25.47
C MSE B 897 11.87 30.60 -26.77
O MSE B 897 12.63 31.53 -26.99
CB MSE B 897 11.96 30.11 -24.33
CG MSE B 897 11.37 30.41 -22.95
SE MSE B 897 12.77 30.17 -21.59
CE MSE B 897 12.66 28.19 -21.45
N ARG B 898 11.68 29.58 -27.60
CA ARG B 898 12.33 29.49 -28.93
C ARG B 898 13.85 29.57 -28.77
N ASP B 899 14.50 30.34 -29.63
CA ASP B 899 15.94 30.48 -29.66
C ASP B 899 16.46 31.40 -28.57
N GLU B 900 15.56 32.05 -27.83
CA GLU B 900 15.94 32.93 -26.74
C GLU B 900 16.03 32.18 -25.43
N ASN B 901 16.05 30.86 -25.47
CA ASN B 901 15.95 30.03 -24.28
C ASN B 901 17.36 29.81 -23.73
N PRO B 902 17.69 30.35 -22.55
CA PRO B 902 19.05 30.19 -22.01
C PRO B 902 19.35 28.83 -21.43
N PHE B 903 18.43 27.88 -21.45
CA PHE B 903 18.68 26.57 -20.84
C PHE B 903 18.59 25.44 -21.86
N ILE B 904 18.82 25.70 -23.14
CA ILE B 904 18.48 24.70 -24.15
C ILE B 904 19.16 23.37 -23.86
N GLN B 905 20.46 23.38 -23.58
CA GLN B 905 21.14 22.09 -23.44
C GLN B 905 20.77 21.41 -22.13
N GLU B 906 20.56 22.15 -21.03
CA GLU B 906 20.07 21.47 -19.83
C GLU B 906 18.74 20.75 -20.10
N LEU B 907 17.81 21.42 -20.78
CA LEU B 907 16.51 20.81 -21.05
C LEU B 907 16.63 19.74 -22.14
N LEU B 908 17.47 19.99 -23.14
CA LEU B 908 17.69 18.99 -24.18
C LEU B 908 18.16 17.68 -23.57
N GLU B 909 19.11 17.75 -22.66
CA GLU B 909 19.68 16.54 -22.09
C GLU B 909 18.71 15.85 -21.16
N ALA B 910 17.80 16.59 -20.53
CA ALA B 910 16.82 15.97 -19.66
C ALA B 910 15.72 15.27 -20.47
N LEU B 911 15.29 15.89 -21.56
CA LEU B 911 14.27 15.23 -22.38
C LEU B 911 14.86 14.06 -23.15
N ILE B 912 16.15 14.10 -23.47
CA ILE B 912 16.77 12.94 -24.12
C ILE B 912 16.81 11.76 -23.16
N ILE B 913 17.01 12.01 -21.87
CA ILE B 913 16.95 10.93 -20.90
C ILE B 913 15.56 10.30 -20.87
N SER B 914 14.51 11.13 -20.90
CA SER B 914 13.16 10.60 -20.97
C SER B 914 12.94 9.82 -22.26
N LEU B 915 13.34 10.41 -23.39
CA LEU B 915 13.16 9.75 -24.66
C LEU B 915 13.85 8.40 -24.67
N THR B 916 15.03 8.33 -24.06
CA THR B 916 15.83 7.12 -24.11
C THR B 916 15.35 6.06 -23.11
N ASN B 917 15.03 6.47 -21.88
CA ASN B 917 14.92 5.49 -20.81
C ASN B 917 13.53 5.34 -20.21
N ASP B 918 12.60 6.23 -20.52
CA ASP B 918 11.31 6.10 -19.87
C ASP B 918 10.57 4.86 -20.37
N LYS B 919 9.94 4.16 -19.43
CA LYS B 919 9.20 2.95 -19.75
C LYS B 919 7.86 3.24 -20.41
N SER B 920 7.31 4.44 -20.24
CA SER B 920 6.03 4.76 -20.84
C SER B 920 6.21 5.22 -22.28
N LEU B 921 5.48 4.58 -23.19
CA LEU B 921 5.52 4.99 -24.59
C LEU B 921 5.01 6.42 -24.75
N GLU B 922 3.97 6.79 -24.00
CA GLU B 922 3.39 8.11 -24.15
C GLU B 922 4.32 9.20 -23.64
N VAL B 923 5.03 8.92 -22.54
CA VAL B 923 6.05 9.84 -22.07
C VAL B 923 7.16 9.97 -23.11
N ARG B 924 7.58 8.85 -23.69
CA ARG B 924 8.62 8.95 -24.71
C ARG B 924 8.10 9.72 -25.91
N CYS B 925 6.82 9.56 -26.21
CA CYS B 925 6.21 10.24 -27.33
C CYS B 925 6.16 11.75 -27.10
N ASN B 926 5.82 12.16 -25.89
CA ASN B 926 5.78 13.58 -25.56
C ASN B 926 7.18 14.18 -25.57
N ALA B 927 8.17 13.39 -25.16
CA ALA B 927 9.54 13.86 -25.13
C ALA B 927 10.06 14.09 -26.53
N SER B 928 9.66 13.27 -27.49
CA SER B 928 10.23 13.40 -28.83
C SER B 928 9.86 14.73 -29.47
N TYR B 929 8.74 15.32 -29.06
CA TYR B 929 8.37 16.65 -29.54
C TYR B 929 9.35 17.71 -29.02
N GLY B 930 9.62 17.69 -27.72
CA GLY B 930 10.51 18.65 -27.14
C GLY B 930 11.93 18.48 -27.61
N VAL B 931 12.33 17.26 -27.93
CA VAL B 931 13.71 17.03 -28.36
C VAL B 931 13.95 17.72 -29.71
N GLY B 932 13.04 17.53 -30.67
CA GLY B 932 13.19 18.18 -31.97
C GLY B 932 13.16 19.68 -31.88
N LEU B 933 12.29 20.23 -31.04
CA LEU B 933 12.23 21.68 -30.87
C LEU B 933 13.54 22.21 -30.32
N LEU B 934 14.02 21.61 -29.23
CA LEU B 934 15.24 22.11 -28.62
C LEU B 934 16.41 22.02 -29.60
N ILE B 935 16.45 20.96 -30.41
CA ILE B 935 17.48 20.89 -31.45
C ILE B 935 17.30 22.00 -32.47
N GLU B 936 16.05 22.28 -32.86
CA GLU B 936 15.81 23.33 -33.84
C GLU B 936 16.25 24.70 -33.33
N TYR B 937 16.07 24.97 -32.04
CA TYR B 937 16.48 26.22 -31.42
C TYR B 937 17.93 26.22 -30.92
N SER B 938 18.56 25.07 -30.78
CA SER B 938 19.92 25.04 -30.24
C SER B 938 20.87 25.79 -31.17
N SER B 939 21.97 26.29 -30.61
CA SER B 939 23.02 26.90 -31.40
C SER B 939 24.38 26.28 -31.13
N PHE B 940 24.45 25.31 -30.25
CA PHE B 940 25.68 24.62 -29.89
C PHE B 940 25.77 23.30 -30.65
N ASP B 941 26.88 22.60 -30.43
CA ASP B 941 27.19 21.44 -31.24
C ASP B 941 26.41 20.25 -30.72
N VAL B 942 25.61 19.66 -31.57
CA VAL B 942 24.76 18.52 -31.21
C VAL B 942 25.14 17.28 -32.01
N SER B 943 26.31 17.30 -32.64
CA SER B 943 26.72 16.16 -33.46
C SER B 943 26.84 14.89 -32.64
N ALA B 944 27.26 15.01 -31.37
CA ALA B 944 27.42 13.82 -30.54
C ALA B 944 26.10 13.14 -30.21
N ILE B 945 25.01 13.90 -30.10
CA ILE B 945 23.73 13.29 -29.70
C ILE B 945 22.89 12.76 -30.85
N TYR B 946 23.17 13.14 -32.11
CA TYR B 946 22.26 12.77 -33.20
C TYR B 946 22.11 11.26 -33.36
N SER B 947 23.20 10.49 -33.26
CA SER B 947 23.09 9.04 -33.41
C SER B 947 22.33 8.38 -32.26
N PRO B 948 22.62 8.67 -30.99
CA PRO B 948 21.82 8.05 -29.93
C PRO B 948 20.37 8.44 -30.00
N VAL B 949 20.08 9.70 -30.25
CA VAL B 949 18.69 10.12 -30.31
C VAL B 949 17.97 9.42 -31.46
N LEU B 950 18.63 9.31 -32.62
CA LEU B 950 18.00 8.65 -33.76
C LEU B 950 17.72 7.19 -33.46
N LYS B 951 18.66 6.52 -32.79
CA LYS B 951 18.42 5.14 -32.44
C LYS B 951 17.21 5.02 -31.52
N SER B 952 17.09 5.93 -30.55
CA SER B 952 15.96 5.90 -29.63
C SER B 952 14.63 6.22 -30.34
N LEU B 953 14.63 7.20 -31.26
CA LEU B 953 13.43 7.51 -32.02
C LEU B 953 12.97 6.31 -32.84
N TYR B 954 13.91 5.58 -33.41
CA TYR B 954 13.54 4.39 -34.17
C TYR B 954 12.98 3.28 -33.28
N GLU B 955 13.55 3.06 -32.10
CA GLU B 955 12.99 2.06 -31.20
C GLU B 955 11.58 2.45 -30.80
N ILE B 956 11.38 3.73 -30.51
CA ILE B 956 10.04 4.21 -30.16
C ILE B 956 9.09 3.93 -31.30
N LEU B 957 9.56 4.11 -32.54
CA LEU B 957 8.74 3.87 -33.72
C LEU B 957 8.33 2.42 -33.81
N SER B 958 9.26 1.50 -33.56
CA SER B 958 8.95 0.07 -33.65
C SER B 958 8.04 -0.37 -32.50
N VAL B 959 8.15 0.26 -31.34
CA VAL B 959 7.21 -0.05 -30.26
C VAL B 959 5.79 0.35 -30.64
N ALA B 960 5.64 1.54 -31.23
CA ALA B 960 4.33 1.98 -31.70
C ALA B 960 3.84 1.12 -32.87
N ASP B 961 4.77 0.65 -33.71
CA ASP B 961 4.36 -0.20 -34.81
C ASP B 961 3.77 -1.50 -34.30
N GLU B 962 4.36 -2.06 -33.25
CA GLU B 962 3.85 -3.32 -32.74
C GLU B 962 2.48 -3.15 -32.11
N LYS B 963 2.32 -2.12 -31.29
CA LYS B 963 1.00 -1.85 -30.73
C LYS B 963 -0.02 -1.62 -31.83
N ASN B 964 0.40 -1.00 -32.93
CA ASN B 964 -0.53 -0.71 -34.01
C ASN B 964 -1.13 -1.96 -34.65
N LEU B 965 -0.45 -3.11 -34.55
CA LEU B 965 -0.93 -4.34 -35.21
C LEU B 965 -2.24 -4.84 -34.62
N ASP B 969 -6.58 -0.61 -24.25
CA ASP B 969 -6.20 -0.49 -25.68
C ASP B 969 -7.12 0.45 -26.45
N ASP B 970 -7.55 0.01 -27.59
CA ASP B 970 -8.47 0.69 -28.49
C ASP B 970 -8.22 2.09 -28.89
N GLU B 971 -9.20 2.96 -28.85
CA GLU B 971 -8.96 4.33 -29.28
C GLU B 971 -7.90 5.07 -28.51
N ALA B 972 -7.84 4.82 -27.20
CA ALA B 972 -6.90 5.41 -26.32
C ALA B 972 -5.43 5.13 -26.69
N THR B 973 -5.15 3.86 -26.95
CA THR B 973 -3.93 3.32 -27.36
C THR B 973 -3.70 3.79 -28.75
N LYS B 974 -4.71 3.78 -29.59
CA LYS B 974 -4.55 4.27 -30.91
C LYS B 974 -4.15 5.72 -30.97
N GLU B 975 -4.69 6.55 -30.13
CA GLU B 975 -4.25 7.88 -30.08
C GLU B 975 -2.82 7.98 -29.61
N ILE B 976 -2.39 7.18 -28.66
CA ILE B 976 -1.03 7.25 -28.25
C ILE B 976 -0.11 6.87 -29.42
N VAL B 977 -0.45 5.80 -30.10
CA VAL B 977 0.30 5.32 -31.18
C VAL B 977 0.36 6.26 -32.38
N ASP B 978 -0.76 6.86 -32.71
CA ASP B 978 -0.81 7.82 -33.75
C ASP B 978 -0.08 9.07 -33.34
N ARG B 979 -0.21 9.50 -32.11
CA ARG B 979 0.58 10.66 -31.71
C ARG B 979 2.07 10.37 -31.76
N THR B 980 2.47 9.14 -31.48
CA THR B 980 3.89 8.82 -31.57
C THR B 980 4.39 8.94 -32.99
N PHE B 981 3.62 8.44 -33.95
CA PHE B 981 4.03 8.52 -35.35
C PHE B 981 4.21 9.96 -35.77
N SER B 982 3.25 10.83 -35.39
CA SER B 982 3.36 12.23 -35.73
C SER B 982 4.57 12.87 -35.06
N ASN B 983 4.76 12.64 -33.76
CA ASN B 983 5.83 13.32 -33.04
C ASN B 983 7.21 12.84 -33.49
N VAL B 984 7.39 11.53 -33.65
CA VAL B 984 8.73 11.06 -34.05
C VAL B 984 9.06 11.56 -35.44
N CYS B 985 8.09 11.48 -36.37
CA CYS B 985 8.34 12.02 -37.70
C CYS B 985 8.59 13.52 -37.66
N GLY B 986 7.83 14.23 -36.82
CA GLY B 986 8.04 15.66 -36.71
C GLY B 986 9.44 15.98 -36.20
N CYS B 987 9.90 15.24 -35.20
CA CYS B 987 11.21 15.45 -34.61
C CYS B 987 12.31 15.13 -35.61
N VAL B 988 12.17 14.02 -36.35
CA VAL B 988 13.16 13.66 -37.35
C VAL B 988 13.21 14.71 -38.43
N ALA B 989 12.06 15.23 -38.85
CA ALA B 989 12.10 16.27 -39.85
C ALA B 989 12.87 17.49 -39.33
N ARG B 990 12.61 17.87 -38.08
CA ARG B 990 13.28 19.03 -37.52
C ARG B 990 14.79 18.83 -37.52
N MSE B 991 15.24 17.64 -37.20
CA MSE B 991 16.65 17.34 -37.05
C MSE B 991 17.36 17.38 -38.38
O MSE B 991 18.51 17.83 -38.48
CB MSE B 991 16.85 15.97 -36.40
CG MSE B 991 16.40 15.88 -34.97
SE MSE B 991 16.50 14.03 -34.19
CE MSE B 991 18.49 13.81 -34.20
N ILE B 992 16.68 16.86 -39.39
CA ILE B 992 17.19 16.87 -40.75
C ILE B 992 17.34 18.30 -41.24
N LEU B 993 16.35 19.14 -40.95
CA LEU B 993 16.36 20.54 -41.35
C LEU B 993 17.45 21.30 -40.63
N LYS B 994 17.72 20.96 -39.37
CA LYS B 994 18.73 21.66 -38.57
C LYS B 994 20.15 21.28 -38.98
N HIS B 995 20.43 19.98 -39.11
CA HIS B 995 21.79 19.47 -39.45
C HIS B 995 21.65 18.31 -40.42
N GLN B 996 21.44 18.62 -41.70
CA GLN B 996 21.24 17.56 -42.68
C GLN B 996 22.46 16.64 -42.79
N ASN B 997 23.65 17.13 -42.43
CA ASN B 997 24.86 16.33 -42.58
C ASN B 997 24.97 15.22 -41.53
N LEU B 998 24.18 15.28 -40.46
CA LEU B 998 24.18 14.25 -39.44
C LEU B 998 23.12 13.17 -39.65
N VAL B 999 22.19 13.36 -40.57
CA VAL B 999 21.13 12.37 -40.82
C VAL B 999 21.39 11.69 -42.16
N PRO B 1000 21.56 10.36 -42.20
CA PRO B 1000 21.64 9.62 -43.48
C PRO B 1000 20.26 9.43 -44.07
N LEU B 1001 19.96 10.16 -45.14
CA LEU B 1001 18.60 10.21 -45.67
C LEU B 1001 18.14 8.87 -46.24
N GLU B 1002 19.08 8.04 -46.72
CA GLU B 1002 18.69 6.78 -47.36
C GLU B 1002 17.86 5.93 -46.40
N HIS B 1003 18.30 5.84 -45.14
CA HIS B 1003 17.52 5.14 -44.11
C HIS B 1003 16.23 5.90 -43.81
N THR B 1004 16.35 7.21 -43.60
CA THR B 1004 15.39 7.96 -42.79
C THR B 1004 14.14 8.33 -43.57
N ILE B 1005 14.28 8.78 -44.82
CA ILE B 1005 13.11 9.21 -45.60
C ILE B 1005 12.10 8.09 -45.82
N PRO B 1006 12.49 6.88 -46.17
CA PRO B 1006 11.46 5.82 -46.31
C PRO B 1006 10.68 5.57 -45.05
N ALA B 1007 11.34 5.63 -43.89
CA ALA B 1007 10.60 5.43 -42.64
C ALA B 1007 9.62 6.57 -42.38
N LEU B 1008 9.99 7.80 -42.73
CA LEU B 1008 9.06 8.91 -42.63
C LEU B 1008 7.87 8.72 -43.55
N LEU B 1009 8.13 8.37 -44.82
CA LEU B 1009 7.04 8.28 -45.78
C LEU B 1009 6.05 7.19 -45.40
N SER B 1010 6.53 6.10 -44.79
CA SER B 1010 5.63 5.03 -44.43
C SER B 1010 4.67 5.41 -43.32
N HIS B 1011 4.93 6.50 -42.59
CA HIS B 1011 4.04 6.90 -41.52
C HIS B 1011 3.20 8.11 -41.87
N LEU B 1012 3.27 8.55 -43.13
CA LEU B 1012 2.48 9.61 -43.69
C LEU B 1012 1.42 9.03 -44.61
N PRO B 1013 0.20 9.57 -44.62
CA PRO B 1013 -0.31 10.71 -43.85
C PRO B 1013 -0.41 10.43 -42.39
N PHE B 1014 -0.50 11.49 -41.59
CA PHE B 1014 -0.82 11.35 -40.19
C PHE B 1014 -2.33 11.22 -40.01
N ASN B 1015 -2.73 10.73 -38.83
CA ASN B 1015 -4.13 10.64 -38.44
C ASN B 1015 -4.49 11.59 -37.31
N THR B 1016 -3.51 12.21 -36.68
CA THR B 1016 -3.73 13.16 -35.60
C THR B 1016 -2.46 13.99 -35.46
N ALA B 1017 -2.55 15.04 -34.65
CA ALA B 1017 -1.40 15.92 -34.42
C ALA B 1017 -0.89 16.50 -35.75
N PHE B 1018 -1.79 17.09 -36.52
CA PHE B 1018 -1.40 17.58 -37.82
C PHE B 1018 -0.39 18.73 -37.76
N GLU B 1019 -0.18 19.33 -36.59
CA GLU B 1019 0.86 20.36 -36.47
C GLU B 1019 2.24 19.82 -36.81
N GLU B 1020 2.45 18.50 -36.72
CA GLU B 1020 3.76 17.97 -37.05
C GLU B 1020 4.03 17.93 -38.55
N TYR B 1021 3.00 18.13 -39.36
CA TYR B 1021 3.20 18.30 -40.79
C TYR B 1021 4.11 19.48 -41.10
N ASP B 1022 4.17 20.48 -40.21
CA ASP B 1022 4.87 21.71 -40.53
C ASP B 1022 6.37 21.49 -40.81
N PRO B 1023 7.14 20.86 -39.93
CA PRO B 1023 8.52 20.53 -40.31
C PRO B 1023 8.62 19.57 -41.49
N ILE B 1024 7.64 18.68 -41.66
CA ILE B 1024 7.74 17.71 -42.74
C ILE B 1024 7.52 18.38 -44.09
N PHE B 1025 6.54 19.29 -44.18
CA PHE B 1025 6.35 20.03 -45.42
C PHE B 1025 7.58 20.87 -45.74
N LYS B 1026 8.14 21.54 -44.73
CA LYS B 1026 9.35 22.30 -44.97
C LYS B 1026 10.46 21.39 -45.45
N LEU B 1027 10.56 20.17 -44.90
CA LEU B 1027 11.58 19.25 -45.36
C LEU B 1027 11.35 18.86 -46.81
N PHE B 1028 10.10 18.56 -47.17
CA PHE B 1028 9.80 18.23 -48.57
C PHE B 1028 10.11 19.40 -49.48
N LEU B 1029 9.83 20.62 -49.04
CA LEU B 1029 10.18 21.80 -49.84
C LEU B 1029 11.70 21.97 -49.95
N LYS B 1030 12.41 21.79 -48.85
CA LYS B 1030 13.86 21.99 -48.86
C LYS B 1030 14.55 20.97 -49.75
N LEU B 1031 14.13 19.72 -49.66
CA LEU B 1031 14.75 18.69 -50.47
C LEU B 1031 14.45 18.91 -51.95
N PHE B 1032 13.22 19.28 -52.29
CA PHE B 1032 12.92 19.61 -53.68
C PHE B 1032 13.62 20.90 -54.12
N GLN B 1033 13.71 21.91 -53.22
CA GLN B 1033 14.41 23.15 -53.57
C GLN B 1033 15.88 22.89 -53.82
N GLU B 1034 16.50 22.03 -53.03
CA GLU B 1034 17.87 21.61 -53.28
C GLU B 1034 17.94 20.43 -54.25
N GLN B 1035 16.82 20.01 -54.83
CA GLN B 1035 16.81 18.92 -55.80
C GLN B 1035 17.49 17.65 -55.29
N ASN B 1036 17.18 17.28 -54.05
CA ASN B 1036 17.73 16.05 -53.48
C ASN B 1036 17.30 14.81 -54.27
N SER B 1037 18.25 13.89 -54.45
CA SER B 1037 17.96 12.70 -55.22
C SER B 1037 16.90 11.82 -54.56
N THR B 1038 17.01 11.58 -53.26
CA THR B 1038 16.14 10.60 -52.59
C THR B 1038 14.66 11.03 -52.61
N ILE B 1039 14.36 12.30 -52.27
CA ILE B 1039 12.96 12.74 -52.28
C ILE B 1039 12.42 12.82 -53.70
N ILE B 1040 13.25 13.10 -54.69
CA ILE B 1040 12.78 13.13 -56.07
C ILE B 1040 12.31 11.75 -56.49
N ASN B 1041 13.00 10.70 -56.02
CA ASN B 1041 12.64 9.34 -56.38
C ASN B 1041 11.32 8.89 -55.76
N GLU B 1042 10.91 9.51 -54.66
CA GLU B 1042 9.69 9.13 -53.94
C GLU B 1042 8.52 10.05 -54.26
N ALA B 1043 8.64 10.85 -55.32
CA ALA B 1043 7.66 11.90 -55.57
C ALA B 1043 6.23 11.39 -55.77
N PRO B 1044 5.97 10.21 -56.32
CA PRO B 1044 4.58 9.75 -56.39
C PRO B 1044 3.94 9.60 -55.02
N LYS B 1045 4.64 8.99 -54.07
CA LYS B 1045 4.12 8.87 -52.71
C LYS B 1045 3.93 10.25 -52.08
N VAL B 1046 4.78 11.21 -52.42
CA VAL B 1046 4.67 12.55 -51.86
C VAL B 1046 3.42 13.22 -52.39
N ILE B 1047 3.12 13.03 -53.68
CA ILE B 1047 1.91 13.63 -54.21
C ILE B 1047 0.70 12.90 -53.68
N ALA B 1048 0.82 11.60 -53.42
CA ALA B 1048 -0.29 10.89 -52.79
C ALA B 1048 -0.55 11.41 -51.38
N ILE B 1049 0.50 11.77 -50.64
CA ILE B 1049 0.29 12.33 -49.31
C ILE B 1049 -0.38 13.68 -49.42
N PHE B 1050 0.08 14.54 -50.32
CA PHE B 1050 -0.58 15.82 -50.47
C PHE B 1050 -2.02 15.64 -50.96
N ALA B 1051 -2.32 14.53 -51.63
CA ALA B 1051 -3.68 14.28 -52.03
C ALA B 1051 -4.57 14.07 -50.81
N THR B 1052 -4.09 13.33 -49.82
CA THR B 1052 -4.82 13.20 -48.55
C THR B 1052 -4.92 14.54 -47.84
N VAL B 1053 -3.80 15.26 -47.73
CA VAL B 1053 -3.79 16.49 -46.95
C VAL B 1053 -4.81 17.48 -47.49
N PHE B 1054 -4.92 17.57 -48.82
CA PHE B 1054 -5.82 18.57 -49.39
C PHE B 1054 -7.30 18.13 -49.34
N GLU B 1055 -7.60 16.83 -49.47
CA GLU B 1055 -8.96 16.37 -49.18
C GLU B 1055 -9.37 16.76 -47.76
N LYS B 1056 -8.50 16.46 -46.79
CA LYS B 1056 -8.83 16.74 -45.40
C LYS B 1056 -9.05 18.22 -45.20
N GLU B 1057 -8.25 19.04 -45.89
CA GLU B 1057 -8.39 20.47 -45.77
C GLU B 1057 -9.74 20.94 -46.33
N SER B 1058 -10.18 20.35 -47.44
CA SER B 1058 -11.46 20.76 -47.98
C SER B 1058 -12.61 20.29 -47.09
N GLU B 1059 -12.54 19.04 -46.62
CA GLU B 1059 -13.53 18.54 -45.67
C GLU B 1059 -13.58 19.45 -44.45
N ARG B 1060 -12.41 19.90 -43.99
CA ARG B 1060 -12.38 20.77 -42.83
C ARG B 1060 -13.07 22.09 -43.11
N ILE B 1061 -12.90 22.65 -44.31
CA ILE B 1061 -13.49 23.94 -44.62
C ILE B 1061 -14.99 23.80 -44.72
N GLU B 1062 -15.49 22.71 -45.31
CA GLU B 1062 -16.94 22.51 -45.34
C GLU B 1062 -17.48 22.31 -43.92
N LEU B 1063 -16.81 21.49 -43.13
CA LEU B 1063 -17.29 21.25 -41.77
C LEU B 1063 -17.39 22.56 -41.00
N GLU B 1064 -16.41 23.45 -41.16
CA GLU B 1064 -16.43 24.71 -40.42
C GLU B 1064 -17.57 25.61 -40.88
N THR B 1065 -17.84 25.66 -42.18
CA THR B 1065 -18.89 26.54 -42.64
C THR B 1065 -20.27 25.94 -42.37
N ASN B 1066 -20.40 24.63 -42.49
CA ASN B 1066 -21.70 24.02 -42.24
C ASN B 1066 -22.04 23.95 -40.74
N SER B 1067 -21.06 23.99 -39.85
CA SER B 1067 -21.30 23.59 -38.48
C SER B 1067 -22.21 24.59 -37.74
N THR B 1068 -22.71 24.14 -36.58
CA THR B 1068 -23.52 24.97 -35.70
C THR B 1068 -22.64 26.06 -35.11
N LEU B 1069 -23.22 27.23 -34.91
CA LEU B 1069 -22.45 28.36 -34.41
C LEU B 1069 -21.84 28.04 -33.05
N GLY B 1070 -20.63 28.53 -32.83
CA GLY B 1070 -20.04 28.41 -31.51
C GLY B 1070 -19.52 27.04 -31.13
N ARG B 1071 -19.04 26.27 -32.10
CA ARG B 1071 -18.34 25.01 -31.86
C ARG B 1071 -16.86 25.09 -32.26
N GLU B 1072 -16.13 26.04 -31.71
CA GLU B 1072 -14.77 26.28 -32.19
C GLU B 1072 -13.69 25.53 -31.41
N GLU B 1073 -14.07 24.58 -30.55
CA GLU B 1073 -13.07 23.97 -29.67
C GLU B 1073 -11.98 23.23 -30.44
N ASN B 1074 -12.34 22.52 -31.52
CA ASN B 1074 -11.36 21.75 -32.30
C ASN B 1074 -10.86 22.52 -33.53
N LEU B 1075 -10.93 23.84 -33.50
CA LEU B 1075 -10.70 24.60 -34.72
C LEU B 1075 -9.23 24.54 -35.14
N GLU B 1076 -8.32 24.87 -34.22
CA GLU B 1076 -6.90 24.85 -34.55
C GLU B 1076 -6.40 23.44 -34.83
N LYS B 1077 -6.88 22.45 -34.07
CA LYS B 1077 -6.32 21.10 -34.17
C LYS B 1077 -6.65 20.41 -35.49
N ARG B 1078 -7.78 20.73 -36.14
CA ARG B 1078 -8.06 20.02 -37.38
C ARG B 1078 -7.36 20.60 -38.60
N LYS B 1079 -6.72 21.77 -38.47
CA LYS B 1079 -6.04 22.39 -39.59
C LYS B 1079 -4.93 21.49 -40.10
N GLN B 1080 -4.83 21.38 -41.43
CA GLN B 1080 -3.71 20.69 -42.06
C GLN B 1080 -2.49 21.57 -42.24
N PHE B 1081 -2.63 22.90 -42.25
CA PHE B 1081 -1.54 23.84 -42.45
C PHE B 1081 -1.47 24.83 -41.29
N GLN B 1082 -0.28 24.99 -40.73
CA GLN B 1082 -0.08 25.92 -39.62
C GLN B 1082 -0.03 27.38 -40.07
N SER B 1083 0.13 27.63 -41.37
CA SER B 1083 0.17 29.00 -41.84
C SER B 1083 -0.32 29.08 -43.29
N GLU B 1084 -0.94 30.20 -43.62
CA GLU B 1084 -1.32 30.41 -45.00
C GLU B 1084 -0.10 30.37 -45.89
N GLU B 1085 1.04 30.85 -45.39
CA GLU B 1085 2.25 30.89 -46.20
C GLU B 1085 2.71 29.49 -46.59
N ILE B 1086 2.79 28.56 -45.63
CA ILE B 1086 3.33 27.26 -46.02
C ILE B 1086 2.30 26.53 -46.87
N LYS B 1087 1.02 26.84 -46.68
CA LYS B 1087 -0.01 26.27 -47.54
C LYS B 1087 0.20 26.66 -48.99
N GLN B 1088 0.33 27.96 -49.26
CA GLN B 1088 0.54 28.36 -50.65
C GLN B 1088 1.91 27.93 -51.13
N GLN B 1089 2.91 27.95 -50.24
CA GLN B 1089 4.24 27.42 -50.59
C GLN B 1089 4.15 26.00 -51.11
N VAL B 1090 3.35 25.16 -50.45
CA VAL B 1090 3.16 23.79 -50.90
C VAL B 1090 2.41 23.77 -52.22
N ILE B 1091 1.50 24.72 -52.42
CA ILE B 1091 0.76 24.79 -53.67
C ILE B 1091 1.71 25.10 -54.81
N GLU B 1092 2.59 26.10 -54.59
CA GLU B 1092 3.63 26.42 -55.56
C GLU B 1092 4.47 25.18 -55.84
N LEU B 1093 4.82 24.44 -54.77
CA LEU B 1093 5.63 23.24 -54.93
C LEU B 1093 4.93 22.21 -55.81
N LEU B 1094 3.63 22.00 -55.58
CA LEU B 1094 2.88 21.06 -56.42
C LEU B 1094 2.75 21.57 -57.85
N LYS B 1095 2.82 22.89 -58.02
CA LYS B 1095 2.88 23.47 -59.35
C LYS B 1095 4.16 23.04 -60.05
N HIS B 1096 5.31 23.31 -59.43
CA HIS B 1096 6.56 22.89 -60.03
C HIS B 1096 6.58 21.38 -60.23
N LEU B 1097 6.01 20.62 -59.30
CA LEU B 1097 6.09 19.16 -59.42
C LEU B 1097 5.34 18.64 -60.65
N ASN B 1098 4.19 19.24 -60.98
CA ASN B 1098 3.53 18.85 -62.23
C ASN B 1098 4.29 19.35 -63.45
N GLN B 1099 4.98 20.49 -63.33
CA GLN B 1099 5.87 20.97 -64.40
C GLN B 1099 7.21 20.24 -64.46
N GLN B 1100 7.66 19.62 -63.35
CA GLN B 1100 8.91 18.86 -63.34
C GLN B 1100 8.74 17.37 -63.67
N PHE B 1101 7.99 16.63 -62.86
CA PHE B 1101 8.02 15.16 -62.99
C PHE B 1101 7.15 14.63 -64.12
N ASN B 1102 5.84 14.67 -63.96
CA ASN B 1102 4.88 14.29 -64.99
C ASN B 1102 3.68 15.21 -64.83
N GLY B 1103 2.80 15.23 -65.83
CA GLY B 1103 1.54 15.92 -65.61
C GLY B 1103 0.79 15.46 -64.37
N ALA B 1104 1.04 14.21 -63.92
CA ALA B 1104 0.27 13.41 -62.95
C ALA B 1104 0.19 14.01 -61.55
N VAL B 1105 0.69 15.21 -61.26
CA VAL B 1105 0.24 15.92 -60.07
C VAL B 1105 -1.13 16.52 -60.33
N ALA B 1106 -1.31 17.14 -61.49
CA ALA B 1106 -2.62 17.60 -61.94
C ALA B 1106 -3.51 16.45 -62.41
N GLN B 1107 -2.96 15.24 -62.56
CA GLN B 1107 -3.80 14.06 -62.78
C GLN B 1107 -4.75 13.82 -61.62
N ASN B 1108 -4.36 14.21 -60.43
CA ASN B 1108 -5.14 13.92 -59.24
C ASN B 1108 -6.30 14.91 -59.12
N PRO B 1109 -7.55 14.44 -59.03
CA PRO B 1109 -8.68 15.39 -59.03
C PRO B 1109 -8.56 16.43 -57.93
N VAL B 1110 -8.12 16.03 -56.74
CA VAL B 1110 -7.99 16.95 -55.60
C VAL B 1110 -6.96 18.03 -55.90
N LEU B 1111 -5.79 17.64 -56.41
CA LEU B 1111 -4.68 18.58 -56.58
C LEU B 1111 -4.85 19.45 -57.83
N ALA B 1112 -5.55 18.96 -58.87
CA ALA B 1112 -5.83 19.78 -60.03
C ALA B 1112 -6.50 21.09 -59.63
N GLN B 1113 -7.46 21.03 -58.70
CA GLN B 1113 -8.16 22.23 -58.24
C GLN B 1113 -7.29 23.14 -57.39
N VAL B 1114 -6.38 22.57 -56.57
CA VAL B 1114 -5.60 23.44 -55.70
C VAL B 1114 -4.66 24.29 -56.54
N ILE B 1115 -4.18 23.74 -57.66
CA ILE B 1115 -3.32 24.48 -58.60
C ILE B 1115 -4.15 25.39 -59.51
N ALA B 1116 -5.34 24.95 -59.89
CA ALA B 1116 -6.18 25.66 -60.87
C ALA B 1116 -7.67 25.62 -60.50
#